data_6HI6
# 
_entry.id   6HI6 
# 
_audit_conform.dict_name       mmcif_pdbx.dic 
_audit_conform.dict_version    5.383 
_audit_conform.dict_location   http://mmcif.pdb.org/dictionaries/ascii/mmcif_pdbx.dic 
# 
loop_
_database_2.database_id 
_database_2.database_code 
_database_2.pdbx_database_accession 
_database_2.pdbx_DOI 
PDB   6HI6         pdb_00006hi6 10.2210/pdb6hi6/pdb 
WWPDB D_1200011620 ?            ?                   
# 
loop_
_pdbx_audit_revision_history.ordinal 
_pdbx_audit_revision_history.data_content_type 
_pdbx_audit_revision_history.major_revision 
_pdbx_audit_revision_history.minor_revision 
_pdbx_audit_revision_history.revision_date 
1 'Structure model' 1 0 2019-02-20 
2 'Structure model' 1 1 2020-11-04 
3 'Structure model' 1 2 2024-01-17 
# 
_pdbx_audit_revision_details.ordinal             1 
_pdbx_audit_revision_details.revision_ordinal    1 
_pdbx_audit_revision_details.data_content_type   'Structure model' 
_pdbx_audit_revision_details.provider            repository 
_pdbx_audit_revision_details.type                'Initial release' 
_pdbx_audit_revision_details.description         ? 
_pdbx_audit_revision_details.details             ? 
# 
loop_
_pdbx_audit_revision_group.ordinal 
_pdbx_audit_revision_group.revision_ordinal 
_pdbx_audit_revision_group.data_content_type 
_pdbx_audit_revision_group.group 
1 2 'Structure model' 'Database references'    
2 3 'Structure model' 'Data collection'        
3 3 'Structure model' 'Database references'    
4 3 'Structure model' 'Refinement description' 
# 
loop_
_pdbx_audit_revision_category.ordinal 
_pdbx_audit_revision_category.revision_ordinal 
_pdbx_audit_revision_category.data_content_type 
_pdbx_audit_revision_category.category 
1 2 'Structure model' citation                      
2 2 'Structure model' citation_author               
3 3 'Structure model' chem_comp_atom                
4 3 'Structure model' chem_comp_bond                
5 3 'Structure model' database_2                    
6 3 'Structure model' pdbx_initial_refinement_model 
# 
loop_
_pdbx_audit_revision_item.ordinal 
_pdbx_audit_revision_item.revision_ordinal 
_pdbx_audit_revision_item.data_content_type 
_pdbx_audit_revision_item.item 
1  2 'Structure model' '_citation.country'                   
2  2 'Structure model' '_citation.journal_abbrev'            
3  2 'Structure model' '_citation.journal_id_CSD'            
4  2 'Structure model' '_citation.journal_id_ISSN'           
5  2 'Structure model' '_citation.journal_volume'            
6  2 'Structure model' '_citation.page_first'                
7  2 'Structure model' '_citation.page_last'                 
8  2 'Structure model' '_citation.pdbx_database_id_DOI'      
9  2 'Structure model' '_citation.pdbx_database_id_PubMed'   
10 2 'Structure model' '_citation.title'                     
11 2 'Structure model' '_citation.year'                      
12 3 'Structure model' '_database_2.pdbx_DOI'                
13 3 'Structure model' '_database_2.pdbx_database_accession' 
# 
_pdbx_database_status.status_code                     REL 
_pdbx_database_status.status_code_sf                  REL 
_pdbx_database_status.status_code_mr                  ? 
_pdbx_database_status.entry_id                        6HI6 
_pdbx_database_status.recvd_initial_deposition_date   2018-08-29 
_pdbx_database_status.SG_entry                        N 
_pdbx_database_status.deposit_site                    PDBE 
_pdbx_database_status.process_site                    PDBE 
_pdbx_database_status.status_code_cs                  ? 
_pdbx_database_status.methods_development_category    ? 
_pdbx_database_status.pdb_format_compatible           Y 
_pdbx_database_status.status_code_nmr_data            ? 
# 
loop_
_audit_author.name 
_audit_author.pdbx_ordinal 
_audit_author.identifier_ORCID 
'Sledz, P.'    1 ? 
'Caflisch, A.' 2 ? 
# 
_citation.abstract                  ? 
_citation.abstract_id_CAS           ? 
_citation.book_id_ISBN              ? 
_citation.book_publisher            ? 
_citation.book_publisher_city       ? 
_citation.book_title                ? 
_citation.coordinate_linkage        ? 
_citation.country                   US 
_citation.database_id_Medline       ? 
_citation.details                   ? 
_citation.id                        primary 
_citation.journal_abbrev            'Acs Med.Chem.Lett.' 
_citation.journal_id_ASTM           ? 
_citation.journal_id_CSD            ? 
_citation.journal_id_ISSN           1948-5875 
_citation.journal_full              ? 
_citation.journal_issue             ? 
_citation.journal_volume            11 
_citation.language                  ? 
_citation.page_first                1573 
_citation.page_last                 1580 
_citation.title                     'Hitting a Moving Target: Simulation and Crystallography Study of ATAD2 Bromodomain Blockers.' 
_citation.year                      2020 
_citation.database_id_CSD           ? 
_citation.pdbx_database_id_DOI      10.1021/acsmedchemlett.0c00080 
_citation.pdbx_database_id_PubMed   32832026 
_citation.unpublished_flag          ? 
# 
loop_
_citation_author.citation_id 
_citation_author.name 
_citation_author.ordinal 
_citation_author.identifier_ORCID 
primary 'Dolbois, A.'        1  ? 
primary 'Batiste, L.'        2  ? 
primary 'Wiedmer, L.'        3  ? 
primary 'Dong, J.'           4  ? 
primary 'Brutsch, M.'        5  ? 
primary 'Huang, D.'          6  ? 
primary 'Deerain, N.M.'      7  ? 
primary 'Spiliotopoulos, D.' 8  ? 
primary 'Cheng-Sanchez, I.'  9  ? 
primary 'Laul, E.'           10 ? 
primary 'Nevado, C.'         11 ? 
primary 'Sledz, P.'          12 ? 
primary 'Caflisch, A.'       13 ? 
# 
loop_
_entity.id 
_entity.type 
_entity.src_method 
_entity.pdbx_description 
_entity.formula_weight 
_entity.pdbx_number_of_molecules 
_entity.pdbx_ec 
_entity.pdbx_mutation 
_entity.pdbx_fragment 
_entity.details 
1 polymer     man 'ATPase family AAA domain-containing protein 2'                                 15453.514 1   ? ? ? ? 
2 non-polymer syn 'SULFATE ION'                                                                   96.063    2   ? ? ? ? 
3 non-polymer syn '(2~{R})-2-azanyl-~{N}-(4-ethanoyl-5-pyridin-3-yl-1,3-thiazol-2-yl)propanamide' 290.341   2   ? ? ? ? 
4 water       nat water                                                                           18.015    141 ? ? ? ? 
# 
_entity_name_com.entity_id   1 
_entity_name_com.name        'Bromodomain of ATAD2' 
# 
_entity_poly.entity_id                      1 
_entity_poly.type                           'polypeptide(L)' 
_entity_poly.nstd_linkage                   no 
_entity_poly.nstd_monomer                   no 
_entity_poly.pdbx_seq_one_letter_code       
;SMQEEDTFRELRIFLRNVTHRLAIDKRFRVFTKPVDPDEVPDYVTVIKQPMDLSSVISKIDLHKYLTVKDYLRDIDLICS
NALEYNPDRDPGDRLIRHRACALRDTAYAIIKEELDEDFEQLCEEIQESR
;
_entity_poly.pdbx_seq_one_letter_code_can   
;SMQEEDTFRELRIFLRNVTHRLAIDKRFRVFTKPVDPDEVPDYVTVIKQPMDLSSVISKIDLHKYLTVKDYLRDIDLICS
NALEYNPDRDPGDRLIRHRACALRDTAYAIIKEELDEDFEQLCEEIQESR
;
_entity_poly.pdbx_strand_id                 A 
_entity_poly.pdbx_target_identifier         ? 
# 
loop_
_pdbx_entity_nonpoly.entity_id 
_pdbx_entity_nonpoly.name 
_pdbx_entity_nonpoly.comp_id 
2 'SULFATE ION'                                                                   SO4 
3 '(2~{R})-2-azanyl-~{N}-(4-ethanoyl-5-pyridin-3-yl-1,3-thiazol-2-yl)propanamide' G5Z 
4 water                                                                           HOH 
# 
loop_
_entity_poly_seq.entity_id 
_entity_poly_seq.num 
_entity_poly_seq.mon_id 
_entity_poly_seq.hetero 
1 1   SER n 
1 2   MET n 
1 3   GLN n 
1 4   GLU n 
1 5   GLU n 
1 6   ASP n 
1 7   THR n 
1 8   PHE n 
1 9   ARG n 
1 10  GLU n 
1 11  LEU n 
1 12  ARG n 
1 13  ILE n 
1 14  PHE n 
1 15  LEU n 
1 16  ARG n 
1 17  ASN n 
1 18  VAL n 
1 19  THR n 
1 20  HIS n 
1 21  ARG n 
1 22  LEU n 
1 23  ALA n 
1 24  ILE n 
1 25  ASP n 
1 26  LYS n 
1 27  ARG n 
1 28  PHE n 
1 29  ARG n 
1 30  VAL n 
1 31  PHE n 
1 32  THR n 
1 33  LYS n 
1 34  PRO n 
1 35  VAL n 
1 36  ASP n 
1 37  PRO n 
1 38  ASP n 
1 39  GLU n 
1 40  VAL n 
1 41  PRO n 
1 42  ASP n 
1 43  TYR n 
1 44  VAL n 
1 45  THR n 
1 46  VAL n 
1 47  ILE n 
1 48  LYS n 
1 49  GLN n 
1 50  PRO n 
1 51  MET n 
1 52  ASP n 
1 53  LEU n 
1 54  SER n 
1 55  SER n 
1 56  VAL n 
1 57  ILE n 
1 58  SER n 
1 59  LYS n 
1 60  ILE n 
1 61  ASP n 
1 62  LEU n 
1 63  HIS n 
1 64  LYS n 
1 65  TYR n 
1 66  LEU n 
1 67  THR n 
1 68  VAL n 
1 69  LYS n 
1 70  ASP n 
1 71  TYR n 
1 72  LEU n 
1 73  ARG n 
1 74  ASP n 
1 75  ILE n 
1 76  ASP n 
1 77  LEU n 
1 78  ILE n 
1 79  CYS n 
1 80  SER n 
1 81  ASN n 
1 82  ALA n 
1 83  LEU n 
1 84  GLU n 
1 85  TYR n 
1 86  ASN n 
1 87  PRO n 
1 88  ASP n 
1 89  ARG n 
1 90  ASP n 
1 91  PRO n 
1 92  GLY n 
1 93  ASP n 
1 94  ARG n 
1 95  LEU n 
1 96  ILE n 
1 97  ARG n 
1 98  HIS n 
1 99  ARG n 
1 100 ALA n 
1 101 CYS n 
1 102 ALA n 
1 103 LEU n 
1 104 ARG n 
1 105 ASP n 
1 106 THR n 
1 107 ALA n 
1 108 TYR n 
1 109 ALA n 
1 110 ILE n 
1 111 ILE n 
1 112 LYS n 
1 113 GLU n 
1 114 GLU n 
1 115 LEU n 
1 116 ASP n 
1 117 GLU n 
1 118 ASP n 
1 119 PHE n 
1 120 GLU n 
1 121 GLN n 
1 122 LEU n 
1 123 CYS n 
1 124 GLU n 
1 125 GLU n 
1 126 ILE n 
1 127 GLN n 
1 128 GLU n 
1 129 SER n 
1 130 ARG n 
# 
_entity_src_gen.entity_id                          1 
_entity_src_gen.pdbx_src_id                        1 
_entity_src_gen.pdbx_alt_source_flag               sample 
_entity_src_gen.pdbx_seq_type                      ? 
_entity_src_gen.pdbx_beg_seq_num                   ? 
_entity_src_gen.pdbx_end_seq_num                   ? 
_entity_src_gen.gene_src_common_name               Human 
_entity_src_gen.gene_src_genus                     ? 
_entity_src_gen.pdbx_gene_src_gene                 ? 
_entity_src_gen.gene_src_species                   ? 
_entity_src_gen.gene_src_strain                    ? 
_entity_src_gen.gene_src_tissue                    ? 
_entity_src_gen.gene_src_tissue_fraction           ? 
_entity_src_gen.gene_src_details                   ? 
_entity_src_gen.pdbx_gene_src_fragment             ? 
_entity_src_gen.pdbx_gene_src_scientific_name      'Homo sapiens' 
_entity_src_gen.pdbx_gene_src_ncbi_taxonomy_id     9606 
_entity_src_gen.pdbx_gene_src_variant              ? 
_entity_src_gen.pdbx_gene_src_cell_line            ? 
_entity_src_gen.pdbx_gene_src_atcc                 ? 
_entity_src_gen.pdbx_gene_src_organ                ? 
_entity_src_gen.pdbx_gene_src_organelle            ? 
_entity_src_gen.pdbx_gene_src_cell                 ? 
_entity_src_gen.pdbx_gene_src_cellular_location    ? 
_entity_src_gen.host_org_common_name               ? 
_entity_src_gen.pdbx_host_org_scientific_name      'Escherichia coli' 
_entity_src_gen.pdbx_host_org_ncbi_taxonomy_id     562 
_entity_src_gen.host_org_genus                     ? 
_entity_src_gen.pdbx_host_org_gene                 ? 
_entity_src_gen.pdbx_host_org_organ                ? 
_entity_src_gen.host_org_species                   ? 
_entity_src_gen.pdbx_host_org_tissue               ? 
_entity_src_gen.pdbx_host_org_tissue_fraction      ? 
_entity_src_gen.pdbx_host_org_strain               ? 
_entity_src_gen.pdbx_host_org_variant              ? 
_entity_src_gen.pdbx_host_org_cell_line            ? 
_entity_src_gen.pdbx_host_org_atcc                 ? 
_entity_src_gen.pdbx_host_org_culture_collection   ? 
_entity_src_gen.pdbx_host_org_cell                 ? 
_entity_src_gen.pdbx_host_org_organelle            ? 
_entity_src_gen.pdbx_host_org_cellular_location    ? 
_entity_src_gen.pdbx_host_org_vector_type          ? 
_entity_src_gen.pdbx_host_org_vector               ? 
_entity_src_gen.host_org_details                   ? 
_entity_src_gen.expression_system_id               ? 
_entity_src_gen.plasmid_name                       ? 
_entity_src_gen.plasmid_details                    ? 
_entity_src_gen.pdbx_description                   ? 
# 
loop_
_chem_comp.id 
_chem_comp.type 
_chem_comp.mon_nstd_flag 
_chem_comp.name 
_chem_comp.pdbx_synonyms 
_chem_comp.formula 
_chem_comp.formula_weight 
ALA 'L-peptide linking' y ALANINE                                                                         ? 'C3 H7 N O2'      
89.093  
ARG 'L-peptide linking' y ARGININE                                                                        ? 'C6 H15 N4 O2 1'  
175.209 
ASN 'L-peptide linking' y ASPARAGINE                                                                      ? 'C4 H8 N2 O3'     
132.118 
ASP 'L-peptide linking' y 'ASPARTIC ACID'                                                                 ? 'C4 H7 N O4'      
133.103 
CYS 'L-peptide linking' y CYSTEINE                                                                        ? 'C3 H7 N O2 S'    
121.158 
G5Z non-polymer         . '(2~{R})-2-azanyl-~{N}-(4-ethanoyl-5-pyridin-3-yl-1,3-thiazol-2-yl)propanamide' ? 'C13 H14 N4 O2 S' 
290.341 
GLN 'L-peptide linking' y GLUTAMINE                                                                       ? 'C5 H10 N2 O3'    
146.144 
GLU 'L-peptide linking' y 'GLUTAMIC ACID'                                                                 ? 'C5 H9 N O4'      
147.129 
GLY 'peptide linking'   y GLYCINE                                                                         ? 'C2 H5 N O2'      
75.067  
HIS 'L-peptide linking' y HISTIDINE                                                                       ? 'C6 H10 N3 O2 1'  
156.162 
HOH non-polymer         . WATER                                                                           ? 'H2 O'            
18.015  
ILE 'L-peptide linking' y ISOLEUCINE                                                                      ? 'C6 H13 N O2'     
131.173 
LEU 'L-peptide linking' y LEUCINE                                                                         ? 'C6 H13 N O2'     
131.173 
LYS 'L-peptide linking' y LYSINE                                                                          ? 'C6 H15 N2 O2 1'  
147.195 
MET 'L-peptide linking' y METHIONINE                                                                      ? 'C5 H11 N O2 S'   
149.211 
PHE 'L-peptide linking' y PHENYLALANINE                                                                   ? 'C9 H11 N O2'     
165.189 
PRO 'L-peptide linking' y PROLINE                                                                         ? 'C5 H9 N O2'      
115.130 
SER 'L-peptide linking' y SERINE                                                                          ? 'C3 H7 N O3'      
105.093 
SO4 non-polymer         . 'SULFATE ION'                                                                   ? 'O4 S -2'         
96.063  
THR 'L-peptide linking' y THREONINE                                                                       ? 'C4 H9 N O3'      
119.119 
TYR 'L-peptide linking' y TYROSINE                                                                        ? 'C9 H11 N O3'     
181.189 
VAL 'L-peptide linking' y VALINE                                                                          ? 'C5 H11 N O2'     
117.146 
# 
loop_
_pdbx_poly_seq_scheme.asym_id 
_pdbx_poly_seq_scheme.entity_id 
_pdbx_poly_seq_scheme.seq_id 
_pdbx_poly_seq_scheme.mon_id 
_pdbx_poly_seq_scheme.ndb_seq_num 
_pdbx_poly_seq_scheme.pdb_seq_num 
_pdbx_poly_seq_scheme.auth_seq_num 
_pdbx_poly_seq_scheme.pdb_mon_id 
_pdbx_poly_seq_scheme.auth_mon_id 
_pdbx_poly_seq_scheme.pdb_strand_id 
_pdbx_poly_seq_scheme.pdb_ins_code 
_pdbx_poly_seq_scheme.hetero 
A 1 1   SER 1   979  979  SER SER A . n 
A 1 2   MET 2   980  980  MET MET A . n 
A 1 3   GLN 3   981  981  GLN GLN A . n 
A 1 4   GLU 4   982  982  GLU GLU A . n 
A 1 5   GLU 5   983  983  GLU GLU A . n 
A 1 6   ASP 6   984  984  ASP ASP A . n 
A 1 7   THR 7   985  985  THR THR A . n 
A 1 8   PHE 8   986  986  PHE PHE A . n 
A 1 9   ARG 9   987  987  ARG ARG A . n 
A 1 10  GLU 10  988  988  GLU GLU A . n 
A 1 11  LEU 11  989  989  LEU LEU A . n 
A 1 12  ARG 12  990  990  ARG ARG A . n 
A 1 13  ILE 13  991  991  ILE ILE A . n 
A 1 14  PHE 14  992  992  PHE PHE A . n 
A 1 15  LEU 15  993  993  LEU LEU A . n 
A 1 16  ARG 16  994  994  ARG ARG A . n 
A 1 17  ASN 17  995  995  ASN ASN A . n 
A 1 18  VAL 18  996  996  VAL VAL A . n 
A 1 19  THR 19  997  997  THR THR A . n 
A 1 20  HIS 20  998  998  HIS HIS A . n 
A 1 21  ARG 21  999  999  ARG ARG A . n 
A 1 22  LEU 22  1000 1000 LEU LEU A . n 
A 1 23  ALA 23  1001 1001 ALA ALA A . n 
A 1 24  ILE 24  1002 1002 ILE ILE A . n 
A 1 25  ASP 25  1003 1003 ASP ASP A . n 
A 1 26  LYS 26  1004 1004 LYS LYS A . n 
A 1 27  ARG 27  1005 1005 ARG ARG A . n 
A 1 28  PHE 28  1006 1006 PHE PHE A . n 
A 1 29  ARG 29  1007 1007 ARG ARG A . n 
A 1 30  VAL 30  1008 1008 VAL VAL A . n 
A 1 31  PHE 31  1009 1009 PHE PHE A . n 
A 1 32  THR 32  1010 1010 THR THR A . n 
A 1 33  LYS 33  1011 1011 LYS LYS A . n 
A 1 34  PRO 34  1012 1012 PRO PRO A . n 
A 1 35  VAL 35  1013 1013 VAL VAL A . n 
A 1 36  ASP 36  1014 ?    ?   ?   A . n 
A 1 37  PRO 37  1015 ?    ?   ?   A . n 
A 1 38  ASP 38  1016 1016 ASP ASP A . n 
A 1 39  GLU 39  1017 1017 GLU GLU A . n 
A 1 40  VAL 40  1018 1018 VAL VAL A . n 
A 1 41  PRO 41  1019 1019 PRO PRO A . n 
A 1 42  ASP 42  1020 1020 ASP ASP A . n 
A 1 43  TYR 43  1021 1021 TYR TYR A . n 
A 1 44  VAL 44  1022 1022 VAL VAL A . n 
A 1 45  THR 45  1023 1023 THR THR A . n 
A 1 46  VAL 46  1024 1024 VAL VAL A . n 
A 1 47  ILE 47  1025 1025 ILE ILE A . n 
A 1 48  LYS 48  1026 1026 LYS LYS A . n 
A 1 49  GLN 49  1027 1027 GLN GLN A . n 
A 1 50  PRO 50  1028 1028 PRO PRO A . n 
A 1 51  MET 51  1029 1029 MET MET A . n 
A 1 52  ASP 52  1030 1030 ASP ASP A . n 
A 1 53  LEU 53  1031 1031 LEU LEU A . n 
A 1 54  SER 54  1032 1032 SER SER A . n 
A 1 55  SER 55  1033 1033 SER SER A . n 
A 1 56  VAL 56  1034 1034 VAL VAL A . n 
A 1 57  ILE 57  1035 1035 ILE ILE A . n 
A 1 58  SER 58  1036 1036 SER SER A . n 
A 1 59  LYS 59  1037 1037 LYS LYS A . n 
A 1 60  ILE 60  1038 1038 ILE ILE A . n 
A 1 61  ASP 61  1039 1039 ASP ASP A . n 
A 1 62  LEU 62  1040 1040 LEU LEU A . n 
A 1 63  HIS 63  1041 1041 HIS HIS A . n 
A 1 64  LYS 64  1042 1042 LYS LYS A . n 
A 1 65  TYR 65  1043 1043 TYR TYR A . n 
A 1 66  LEU 66  1044 1044 LEU LEU A . n 
A 1 67  THR 67  1045 1045 THR THR A . n 
A 1 68  VAL 68  1046 1046 VAL VAL A . n 
A 1 69  LYS 69  1047 1047 LYS LYS A . n 
A 1 70  ASP 70  1048 1048 ASP ASP A . n 
A 1 71  TYR 71  1049 1049 TYR TYR A . n 
A 1 72  LEU 72  1050 1050 LEU LEU A . n 
A 1 73  ARG 73  1051 1051 ARG ARG A . n 
A 1 74  ASP 74  1052 1052 ASP ASP A . n 
A 1 75  ILE 75  1053 1053 ILE ILE A . n 
A 1 76  ASP 76  1054 1054 ASP ASP A . n 
A 1 77  LEU 77  1055 1055 LEU LEU A . n 
A 1 78  ILE 78  1056 1056 ILE ILE A . n 
A 1 79  CYS 79  1057 1057 CYS CYS A . n 
A 1 80  SER 80  1058 1058 SER SER A . n 
A 1 81  ASN 81  1059 1059 ASN ASN A . n 
A 1 82  ALA 82  1060 1060 ALA ALA A . n 
A 1 83  LEU 83  1061 1061 LEU LEU A . n 
A 1 84  GLU 84  1062 1062 GLU GLU A . n 
A 1 85  TYR 85  1063 1063 TYR TYR A . n 
A 1 86  ASN 86  1064 1064 ASN ASN A . n 
A 1 87  PRO 87  1065 1065 PRO PRO A . n 
A 1 88  ASP 88  1066 1066 ASP ASP A . n 
A 1 89  ARG 89  1067 1067 ARG ARG A . n 
A 1 90  ASP 90  1068 1068 ASP ASP A . n 
A 1 91  PRO 91  1069 1069 PRO PRO A . n 
A 1 92  GLY 92  1070 1070 GLY GLY A . n 
A 1 93  ASP 93  1071 1071 ASP ASP A . n 
A 1 94  ARG 94  1072 1072 ARG ARG A . n 
A 1 95  LEU 95  1073 1073 LEU LEU A . n 
A 1 96  ILE 96  1074 1074 ILE ILE A . n 
A 1 97  ARG 97  1075 1075 ARG ARG A . n 
A 1 98  HIS 98  1076 1076 HIS HIS A . n 
A 1 99  ARG 99  1077 1077 ARG ARG A . n 
A 1 100 ALA 100 1078 1078 ALA ALA A . n 
A 1 101 CYS 101 1079 1079 CYS CYS A . n 
A 1 102 ALA 102 1080 1080 ALA ALA A . n 
A 1 103 LEU 103 1081 1081 LEU LEU A . n 
A 1 104 ARG 104 1082 1082 ARG ARG A . n 
A 1 105 ASP 105 1083 1083 ASP ASP A . n 
A 1 106 THR 106 1084 1084 THR THR A . n 
A 1 107 ALA 107 1085 1085 ALA ALA A . n 
A 1 108 TYR 108 1086 1086 TYR TYR A . n 
A 1 109 ALA 109 1087 1087 ALA ALA A . n 
A 1 110 ILE 110 1088 1088 ILE ILE A . n 
A 1 111 ILE 111 1089 1089 ILE ILE A . n 
A 1 112 LYS 112 1090 1090 LYS LYS A . n 
A 1 113 GLU 113 1091 1091 GLU GLU A . n 
A 1 114 GLU 114 1092 1092 GLU GLU A . n 
A 1 115 LEU 115 1093 1093 LEU LEU A . n 
A 1 116 ASP 116 1094 1094 ASP ASP A . n 
A 1 117 GLU 117 1095 1095 GLU GLU A . n 
A 1 118 ASP 118 1096 1096 ASP ASP A . n 
A 1 119 PHE 119 1097 1097 PHE PHE A . n 
A 1 120 GLU 120 1098 1098 GLU GLU A . n 
A 1 121 GLN 121 1099 1099 GLN GLN A . n 
A 1 122 LEU 122 1100 1100 LEU LEU A . n 
A 1 123 CYS 123 1101 1101 CYS CYS A . n 
A 1 124 GLU 124 1102 1102 GLU GLU A . n 
A 1 125 GLU 125 1103 1103 GLU GLU A . n 
A 1 126 ILE 126 1104 1104 ILE ILE A . n 
A 1 127 GLN 127 1105 1105 GLN GLN A . n 
A 1 128 GLU 128 1106 1106 GLU GLU A . n 
A 1 129 SER 129 1107 1107 SER SER A . n 
A 1 130 ARG 130 1108 1108 ARG ARG A . n 
# 
loop_
_pdbx_nonpoly_scheme.asym_id 
_pdbx_nonpoly_scheme.entity_id 
_pdbx_nonpoly_scheme.mon_id 
_pdbx_nonpoly_scheme.ndb_seq_num 
_pdbx_nonpoly_scheme.pdb_seq_num 
_pdbx_nonpoly_scheme.auth_seq_num 
_pdbx_nonpoly_scheme.pdb_mon_id 
_pdbx_nonpoly_scheme.auth_mon_id 
_pdbx_nonpoly_scheme.pdb_strand_id 
_pdbx_nonpoly_scheme.pdb_ins_code 
B 2 SO4 1   1201 1   SO4 SO4 A . 
C 2 SO4 1   1202 2   SO4 SO4 A . 
D 3 G5Z 1   1203 1   G5Z DRG A . 
E 3 G5Z 1   1204 2   G5Z DRG A . 
F 4 HOH 1   1301 94  HOH HOH A . 
F 4 HOH 2   1302 137 HOH HOH A . 
F 4 HOH 3   1303 123 HOH HOH A . 
F 4 HOH 4   1304 97  HOH HOH A . 
F 4 HOH 5   1305 106 HOH HOH A . 
F 4 HOH 6   1306 130 HOH HOH A . 
F 4 HOH 7   1307 53  HOH HOH A . 
F 4 HOH 8   1308 125 HOH HOH A . 
F 4 HOH 9   1309 29  HOH HOH A . 
F 4 HOH 10  1310 101 HOH HOH A . 
F 4 HOH 11  1311 86  HOH HOH A . 
F 4 HOH 12  1312 38  HOH HOH A . 
F 4 HOH 13  1313 116 HOH HOH A . 
F 4 HOH 14  1314 64  HOH HOH A . 
F 4 HOH 15  1315 47  HOH HOH A . 
F 4 HOH 16  1316 113 HOH HOH A . 
F 4 HOH 17  1317 12  HOH HOH A . 
F 4 HOH 18  1318 60  HOH HOH A . 
F 4 HOH 19  1319 10  HOH HOH A . 
F 4 HOH 20  1320 56  HOH HOH A . 
F 4 HOH 21  1321 32  HOH HOH A . 
F 4 HOH 22  1322 118 HOH HOH A . 
F 4 HOH 23  1323 76  HOH HOH A . 
F 4 HOH 24  1324 120 HOH HOH A . 
F 4 HOH 25  1325 96  HOH HOH A . 
F 4 HOH 26  1326 143 HOH HOH A . 
F 4 HOH 27  1327 61  HOH HOH A . 
F 4 HOH 28  1328 35  HOH HOH A . 
F 4 HOH 29  1329 15  HOH HOH A . 
F 4 HOH 30  1330 109 HOH HOH A . 
F 4 HOH 31  1331 39  HOH HOH A . 
F 4 HOH 32  1332 54  HOH HOH A . 
F 4 HOH 33  1333 5   HOH HOH A . 
F 4 HOH 34  1334 50  HOH HOH A . 
F 4 HOH 35  1335 43  HOH HOH A . 
F 4 HOH 36  1336 26  HOH HOH A . 
F 4 HOH 37  1337 133 HOH HOH A . 
F 4 HOH 38  1338 30  HOH HOH A . 
F 4 HOH 39  1339 57  HOH HOH A . 
F 4 HOH 40  1340 18  HOH HOH A . 
F 4 HOH 41  1341 20  HOH HOH A . 
F 4 HOH 42  1342 7   HOH HOH A . 
F 4 HOH 43  1343 117 HOH HOH A . 
F 4 HOH 44  1344 40  HOH HOH A . 
F 4 HOH 45  1345 2   HOH HOH A . 
F 4 HOH 46  1346 3   HOH HOH A . 
F 4 HOH 47  1347 88  HOH HOH A . 
F 4 HOH 48  1348 36  HOH HOH A . 
F 4 HOH 49  1349 21  HOH HOH A . 
F 4 HOH 50  1350 8   HOH HOH A . 
F 4 HOH 51  1351 122 HOH HOH A . 
F 4 HOH 52  1352 72  HOH HOH A . 
F 4 HOH 53  1353 9   HOH HOH A . 
F 4 HOH 54  1354 69  HOH HOH A . 
F 4 HOH 55  1355 23  HOH HOH A . 
F 4 HOH 56  1356 103 HOH HOH A . 
F 4 HOH 57  1357 112 HOH HOH A . 
F 4 HOH 58  1358 77  HOH HOH A . 
F 4 HOH 59  1359 65  HOH HOH A . 
F 4 HOH 60  1360 142 HOH HOH A . 
F 4 HOH 61  1361 75  HOH HOH A . 
F 4 HOH 62  1362 70  HOH HOH A . 
F 4 HOH 63  1363 141 HOH HOH A . 
F 4 HOH 64  1364 37  HOH HOH A . 
F 4 HOH 65  1365 6   HOH HOH A . 
F 4 HOH 66  1366 17  HOH HOH A . 
F 4 HOH 67  1367 45  HOH HOH A . 
F 4 HOH 68  1368 48  HOH HOH A . 
F 4 HOH 69  1369 51  HOH HOH A . 
F 4 HOH 70  1370 14  HOH HOH A . 
F 4 HOH 71  1371 31  HOH HOH A . 
F 4 HOH 72  1372 25  HOH HOH A . 
F 4 HOH 73  1373 105 HOH HOH A . 
F 4 HOH 74  1374 49  HOH HOH A . 
F 4 HOH 75  1375 121 HOH HOH A . 
F 4 HOH 76  1376 42  HOH HOH A . 
F 4 HOH 77  1377 66  HOH HOH A . 
F 4 HOH 78  1378 16  HOH HOH A . 
F 4 HOH 79  1379 27  HOH HOH A . 
F 4 HOH 80  1380 1   HOH HOH A . 
F 4 HOH 81  1381 95  HOH HOH A . 
F 4 HOH 82  1382 58  HOH HOH A . 
F 4 HOH 83  1383 13  HOH HOH A . 
F 4 HOH 84  1384 11  HOH HOH A . 
F 4 HOH 85  1385 19  HOH HOH A . 
F 4 HOH 86  1386 4   HOH HOH A . 
F 4 HOH 87  1387 90  HOH HOH A . 
F 4 HOH 88  1388 44  HOH HOH A . 
F 4 HOH 89  1389 34  HOH HOH A . 
F 4 HOH 90  1390 131 HOH HOH A . 
F 4 HOH 91  1391 102 HOH HOH A . 
F 4 HOH 92  1392 100 HOH HOH A . 
F 4 HOH 93  1393 28  HOH HOH A . 
F 4 HOH 94  1394 134 HOH HOH A . 
F 4 HOH 95  1395 98  HOH HOH A . 
F 4 HOH 96  1396 33  HOH HOH A . 
F 4 HOH 97  1397 104 HOH HOH A . 
F 4 HOH 98  1398 119 HOH HOH A . 
F 4 HOH 99  1399 71  HOH HOH A . 
F 4 HOH 100 1400 108 HOH HOH A . 
F 4 HOH 101 1401 129 HOH HOH A . 
F 4 HOH 102 1402 62  HOH HOH A . 
F 4 HOH 103 1403 115 HOH HOH A . 
F 4 HOH 104 1404 46  HOH HOH A . 
F 4 HOH 105 1405 24  HOH HOH A . 
F 4 HOH 106 1406 68  HOH HOH A . 
F 4 HOH 107 1407 93  HOH HOH A . 
F 4 HOH 108 1408 80  HOH HOH A . 
F 4 HOH 109 1409 63  HOH HOH A . 
F 4 HOH 110 1410 107 HOH HOH A . 
F 4 HOH 111 1411 127 HOH HOH A . 
F 4 HOH 112 1412 99  HOH HOH A . 
F 4 HOH 113 1413 110 HOH HOH A . 
F 4 HOH 114 1414 91  HOH HOH A . 
F 4 HOH 115 1415 124 HOH HOH A . 
F 4 HOH 116 1416 73  HOH HOH A . 
F 4 HOH 117 1417 140 HOH HOH A . 
F 4 HOH 118 1418 126 HOH HOH A . 
F 4 HOH 119 1419 41  HOH HOH A . 
F 4 HOH 120 1420 55  HOH HOH A . 
F 4 HOH 121 1421 78  HOH HOH A . 
F 4 HOH 122 1422 82  HOH HOH A . 
F 4 HOH 123 1423 136 HOH HOH A . 
F 4 HOH 124 1424 87  HOH HOH A . 
F 4 HOH 125 1425 22  HOH HOH A . 
F 4 HOH 126 1426 79  HOH HOH A . 
F 4 HOH 127 1427 132 HOH HOH A . 
F 4 HOH 128 1428 138 HOH HOH A . 
F 4 HOH 129 1429 52  HOH HOH A . 
F 4 HOH 130 1430 128 HOH HOH A . 
F 4 HOH 131 1431 59  HOH HOH A . 
F 4 HOH 132 1432 139 HOH HOH A . 
F 4 HOH 133 1433 92  HOH HOH A . 
F 4 HOH 134 1434 74  HOH HOH A . 
F 4 HOH 135 1435 135 HOH HOH A . 
F 4 HOH 136 1436 81  HOH HOH A . 
F 4 HOH 137 1437 83  HOH HOH A . 
F 4 HOH 138 1438 84  HOH HOH A . 
F 4 HOH 139 1439 89  HOH HOH A . 
F 4 HOH 140 1440 67  HOH HOH A . 
F 4 HOH 141 1441 85  HOH HOH A . 
# 
loop_
_pdbx_unobs_or_zero_occ_atoms.id 
_pdbx_unobs_or_zero_occ_atoms.PDB_model_num 
_pdbx_unobs_or_zero_occ_atoms.polymer_flag 
_pdbx_unobs_or_zero_occ_atoms.occupancy_flag 
_pdbx_unobs_or_zero_occ_atoms.auth_asym_id 
_pdbx_unobs_or_zero_occ_atoms.auth_comp_id 
_pdbx_unobs_or_zero_occ_atoms.auth_seq_id 
_pdbx_unobs_or_zero_occ_atoms.PDB_ins_code 
_pdbx_unobs_or_zero_occ_atoms.auth_atom_id 
_pdbx_unobs_or_zero_occ_atoms.label_alt_id 
_pdbx_unobs_or_zero_occ_atoms.label_asym_id 
_pdbx_unobs_or_zero_occ_atoms.label_comp_id 
_pdbx_unobs_or_zero_occ_atoms.label_seq_id 
_pdbx_unobs_or_zero_occ_atoms.label_atom_id 
1  1 Y 1 A MET 980  ? CG  ? A MET 2   CG  
2  1 Y 1 A MET 980  ? SD  ? A MET 2   SD  
3  1 Y 1 A MET 980  ? CE  ? A MET 2   CE  
4  1 Y 1 A GLN 981  ? CD  ? A GLN 3   CD  
5  1 Y 1 A GLN 981  ? OE1 ? A GLN 3   OE1 
6  1 Y 1 A GLN 981  ? NE2 ? A GLN 3   NE2 
7  1 Y 1 A GLU 983  ? CD  ? A GLU 5   CD  
8  1 Y 1 A GLU 983  ? OE1 ? A GLU 5   OE1 
9  1 Y 1 A GLU 983  ? OE2 ? A GLU 5   OE2 
10 1 Y 1 A LYS 1004 ? CD  ? A LYS 26  CD  
11 1 Y 1 A LYS 1004 ? CE  ? A LYS 26  CE  
12 1 Y 1 A LYS 1004 ? NZ  ? A LYS 26  NZ  
13 1 Y 1 A LYS 1011 ? CE  ? A LYS 33  CE  
14 1 Y 1 A LYS 1011 ? NZ  ? A LYS 33  NZ  
15 1 Y 1 A ASP 1016 ? CG  ? A ASP 38  CG  
16 1 Y 1 A ASP 1016 ? OD1 ? A ASP 38  OD1 
17 1 Y 1 A ASP 1016 ? OD2 ? A ASP 38  OD2 
18 1 Y 1 A GLU 1017 ? CG  ? A GLU 39  CG  
19 1 Y 1 A GLU 1017 ? CD  ? A GLU 39  CD  
20 1 Y 1 A GLU 1017 ? OE1 ? A GLU 39  OE1 
21 1 Y 1 A GLU 1017 ? OE2 ? A GLU 39  OE2 
22 1 Y 1 A VAL 1022 ? CG1 ? A VAL 44  CG1 
23 1 Y 1 A VAL 1022 ? CG2 ? A VAL 44  CG2 
24 1 Y 1 A LYS 1026 ? CG  ? A LYS 48  CG  
25 1 Y 1 A LYS 1026 ? CD  ? A LYS 48  CD  
26 1 Y 1 A LYS 1026 ? CE  ? A LYS 48  CE  
27 1 Y 1 A LYS 1026 ? NZ  ? A LYS 48  NZ  
28 1 Y 1 A LYS 1047 ? CE  ? A LYS 69  CE  
29 1 Y 1 A LYS 1047 ? NZ  ? A LYS 69  NZ  
30 1 Y 1 A GLU 1106 ? CG  ? A GLU 128 CG  
31 1 Y 1 A GLU 1106 ? CD  ? A GLU 128 CD  
32 1 Y 1 A GLU 1106 ? OE1 ? A GLU 128 OE1 
33 1 Y 1 A GLU 1106 ? OE2 ? A GLU 128 OE2 
34 1 N 1 A G5Z 1203 ? C1  ? D G5Z 1   C1  
35 1 N 1 A G5Z 1203 ? C2  ? D G5Z 1   C2  
36 1 N 1 A G5Z 1203 ? C3  ? D G5Z 1   C3  
37 1 N 1 A G5Z 1203 ? N1  ? D G5Z 1   N1  
38 1 N 1 A G5Z 1203 ? C5  ? D G5Z 1   C5  
39 1 N 1 A G5Z 1204 ? N   ? E G5Z 1   N   
40 1 N 1 A G5Z 1204 ? CA  ? E G5Z 1   CA  
41 1 N 1 A G5Z 1204 ? CB  ? E G5Z 1   CB  
42 1 N 1 A G5Z 1204 ? C1  ? E G5Z 1   C1  
43 1 N 1 A G5Z 1204 ? C2  ? E G5Z 1   C2  
44 1 N 1 A G5Z 1204 ? C3  ? E G5Z 1   C3  
45 1 N 1 A G5Z 1204 ? N1  ? E G5Z 1   N1  
46 1 N 1 A G5Z 1204 ? C5  ? E G5Z 1   C5  
# 
loop_
_software.citation_id 
_software.classification 
_software.compiler_name 
_software.compiler_version 
_software.contact_author 
_software.contact_author_email 
_software.date 
_software.description 
_software.dependencies 
_software.hardware 
_software.language 
_software.location 
_software.mods 
_software.name 
_software.os 
_software.os_version 
_software.type 
_software.version 
_software.pdbx_ordinal 
? refinement       ? ? ? ? ? ? ? ? ? ? ? PHENIX ? ? ? '(1.14_3211: ???)' 1 
? 'data reduction' ? ? ? ? ? ? ? ? ? ? ? XDS    ? ? ? .                  2 
? 'data scaling'   ? ? ? ? ? ? ? ? ? ? ? XDS    ? ? ? .                  3 
? phasing          ? ? ? ? ? ? ? ? ? ? ? PHASER ? ? ? .                  4 
# 
_cell.angle_alpha                  90.00 
_cell.angle_alpha_esd              ? 
_cell.angle_beta                   90.00 
_cell.angle_beta_esd               ? 
_cell.angle_gamma                  120.00 
_cell.angle_gamma_esd              ? 
_cell.entry_id                     6HI6 
_cell.details                      ? 
_cell.formula_units_Z              ? 
_cell.length_a                     79.340 
_cell.length_a_esd                 ? 
_cell.length_b                     79.340 
_cell.length_b_esd                 ? 
_cell.length_c                     136.212 
_cell.length_c_esd                 ? 
_cell.volume                       ? 
_cell.volume_esd                   ? 
_cell.Z_PDB                        12 
_cell.reciprocal_angle_alpha       ? 
_cell.reciprocal_angle_beta        ? 
_cell.reciprocal_angle_gamma       ? 
_cell.reciprocal_angle_alpha_esd   ? 
_cell.reciprocal_angle_beta_esd    ? 
_cell.reciprocal_angle_gamma_esd   ? 
_cell.reciprocal_length_a          ? 
_cell.reciprocal_length_b          ? 
_cell.reciprocal_length_c          ? 
_cell.reciprocal_length_a_esd      ? 
_cell.reciprocal_length_b_esd      ? 
_cell.reciprocal_length_c_esd      ? 
_cell.pdbx_unique_axis             ? 
# 
_symmetry.entry_id                         6HI6 
_symmetry.cell_setting                     ? 
_symmetry.Int_Tables_number                179 
_symmetry.space_group_name_Hall            ? 
_symmetry.space_group_name_H-M             'P 65 2 2' 
_symmetry.pdbx_full_space_group_name_H-M   ? 
# 
_exptl.absorpt_coefficient_mu     ? 
_exptl.absorpt_correction_T_max   ? 
_exptl.absorpt_correction_T_min   ? 
_exptl.absorpt_correction_type    ? 
_exptl.absorpt_process_details    ? 
_exptl.entry_id                   6HI6 
_exptl.crystals_number            1 
_exptl.details                    ? 
_exptl.method                     'X-RAY DIFFRACTION' 
_exptl.method_details             ? 
# 
_exptl_crystal.colour                      ? 
_exptl_crystal.density_diffrn              ? 
_exptl_crystal.density_Matthews            4.00 
_exptl_crystal.density_method              ? 
_exptl_crystal.density_percent_sol         69.28 
_exptl_crystal.description                 ? 
_exptl_crystal.F_000                       ? 
_exptl_crystal.id                          1 
_exptl_crystal.preparation                 ? 
_exptl_crystal.size_max                    ? 
_exptl_crystal.size_mid                    ? 
_exptl_crystal.size_min                    ? 
_exptl_crystal.size_rad                    ? 
_exptl_crystal.colour_lustre               ? 
_exptl_crystal.colour_modifier             ? 
_exptl_crystal.colour_primary              ? 
_exptl_crystal.density_meas                ? 
_exptl_crystal.density_meas_esd            ? 
_exptl_crystal.density_meas_gt             ? 
_exptl_crystal.density_meas_lt             ? 
_exptl_crystal.density_meas_temp           ? 
_exptl_crystal.density_meas_temp_esd       ? 
_exptl_crystal.density_meas_temp_gt        ? 
_exptl_crystal.density_meas_temp_lt        ? 
_exptl_crystal.pdbx_crystal_image_url      ? 
_exptl_crystal.pdbx_crystal_image_format   ? 
_exptl_crystal.pdbx_mosaicity              ? 
_exptl_crystal.pdbx_mosaicity_esd          ? 
# 
_exptl_crystal_grow.apparatus       ? 
_exptl_crystal_grow.atmosphere      ? 
_exptl_crystal_grow.crystal_id      1 
_exptl_crystal_grow.details         ? 
_exptl_crystal_grow.method          'VAPOR DIFFUSION, HANGING DROP' 
_exptl_crystal_grow.method_ref      ? 
_exptl_crystal_grow.pH              5.5 
_exptl_crystal_grow.pressure        ? 
_exptl_crystal_grow.pressure_esd    ? 
_exptl_crystal_grow.seeding         ? 
_exptl_crystal_grow.seeding_ref     ? 
_exptl_crystal_grow.temp            277 
_exptl_crystal_grow.temp_details    ? 
_exptl_crystal_grow.temp_esd        ? 
_exptl_crystal_grow.time            ? 
_exptl_crystal_grow.pdbx_details    '2M (NH4)2SO4, 0.1M Bis-Tris pH 5.5' 
_exptl_crystal_grow.pdbx_pH_range   ? 
# 
_diffrn.ambient_environment              ? 
_diffrn.ambient_temp                     100 
_diffrn.ambient_temp_details             ? 
_diffrn.ambient_temp_esd                 ? 
_diffrn.crystal_id                       1 
_diffrn.crystal_support                  ? 
_diffrn.crystal_treatment                ? 
_diffrn.details                          ? 
_diffrn.id                               1 
_diffrn.ambient_pressure                 ? 
_diffrn.ambient_pressure_esd             ? 
_diffrn.ambient_pressure_gt              ? 
_diffrn.ambient_pressure_lt              ? 
_diffrn.ambient_temp_gt                  ? 
_diffrn.ambient_temp_lt                  ? 
_diffrn.pdbx_serial_crystal_experiment   ? 
# 
_diffrn_detector.details                      ? 
_diffrn_detector.detector                     PIXEL 
_diffrn_detector.diffrn_id                    1 
_diffrn_detector.type                         'DECTRIS EIGER X 16M' 
_diffrn_detector.area_resol_mean              ? 
_diffrn_detector.dtime                        ? 
_diffrn_detector.pdbx_frames_total            ? 
_diffrn_detector.pdbx_collection_time_total   ? 
_diffrn_detector.pdbx_collection_date         2016-11-14 
_diffrn_detector.pdbx_frequency               ? 
# 
_diffrn_radiation.collimation                      ? 
_diffrn_radiation.diffrn_id                        1 
_diffrn_radiation.filter_edge                      ? 
_diffrn_radiation.inhomogeneity                    ? 
_diffrn_radiation.monochromator                    ? 
_diffrn_radiation.polarisn_norm                    ? 
_diffrn_radiation.polarisn_ratio                   ? 
_diffrn_radiation.probe                            ? 
_diffrn_radiation.type                             ? 
_diffrn_radiation.xray_symbol                      ? 
_diffrn_radiation.wavelength_id                    1 
_diffrn_radiation.pdbx_monochromatic_or_laue_m_l   M 
_diffrn_radiation.pdbx_wavelength_list             ? 
_diffrn_radiation.pdbx_wavelength                  ? 
_diffrn_radiation.pdbx_diffrn_protocol             'SINGLE WAVELENGTH' 
_diffrn_radiation.pdbx_analyzer                    ? 
_diffrn_radiation.pdbx_scattering_type             x-ray 
# 
_diffrn_radiation_wavelength.id           1 
_diffrn_radiation_wavelength.wavelength   0.999870 
_diffrn_radiation_wavelength.wt           1.0 
# 
_diffrn_source.current                     ? 
_diffrn_source.details                     ? 
_diffrn_source.diffrn_id                   1 
_diffrn_source.power                       ? 
_diffrn_source.size                        ? 
_diffrn_source.source                      SYNCHROTRON 
_diffrn_source.target                      ? 
_diffrn_source.type                        'SLS BEAMLINE X06SA' 
_diffrn_source.voltage                     ? 
_diffrn_source.take-off_angle              ? 
_diffrn_source.pdbx_wavelength_list        0.999870 
_diffrn_source.pdbx_wavelength             ? 
_diffrn_source.pdbx_synchrotron_beamline   X06SA 
_diffrn_source.pdbx_synchrotron_site       SLS 
# 
_reflns.B_iso_Wilson_estimate            ? 
_reflns.entry_id                         6HI6 
_reflns.data_reduction_details           ? 
_reflns.data_reduction_method            ? 
_reflns.d_resolution_high                1.64 
_reflns.d_resolution_low                 48.371 
_reflns.details                          ? 
_reflns.limit_h_max                      ? 
_reflns.limit_h_min                      ? 
_reflns.limit_k_max                      ? 
_reflns.limit_k_min                      ? 
_reflns.limit_l_max                      ? 
_reflns.limit_l_min                      ? 
_reflns.number_all                       ? 
_reflns.number_obs                       58570 
_reflns.observed_criterion               ? 
_reflns.observed_criterion_F_max         ? 
_reflns.observed_criterion_F_min         ? 
_reflns.observed_criterion_I_max         ? 
_reflns.observed_criterion_I_min         ? 
_reflns.observed_criterion_sigma_F       ? 
_reflns.observed_criterion_sigma_I       ? 
_reflns.percent_possible_obs             99.5 
_reflns.R_free_details                   ? 
_reflns.Rmerge_F_all                     ? 
_reflns.Rmerge_F_obs                     ? 
_reflns.Friedel_coverage                 ? 
_reflns.number_gt                        ? 
_reflns.threshold_expression             ? 
_reflns.pdbx_redundancy                  10.34 
_reflns.pdbx_Rmerge_I_obs                ? 
_reflns.pdbx_Rmerge_I_all                ? 
_reflns.pdbx_Rsym_value                  ? 
_reflns.pdbx_netI_over_av_sigmaI         ? 
_reflns.pdbx_netI_over_sigmaI            19.33 
_reflns.pdbx_res_netI_over_av_sigmaI_2   ? 
_reflns.pdbx_res_netI_over_sigmaI_2      ? 
_reflns.pdbx_chi_squared                 ? 
_reflns.pdbx_scaling_rejects             ? 
_reflns.pdbx_d_res_high_opt              ? 
_reflns.pdbx_d_res_low_opt               ? 
_reflns.pdbx_d_res_opt_method            ? 
_reflns.phase_calculation_details        ? 
_reflns.pdbx_Rrim_I_all                  0.071 
_reflns.pdbx_Rpim_I_all                  ? 
_reflns.pdbx_d_opt                       ? 
_reflns.pdbx_number_measured_all         ? 
_reflns.pdbx_diffrn_id                   1 
_reflns.pdbx_ordinal                     1 
_reflns.pdbx_CC_half                     1 
_reflns.pdbx_R_split                     ? 
# 
_reflns_shell.d_res_high                  1.64 
_reflns_shell.d_res_low                   1.74 
_reflns_shell.meanI_over_sigI_all         ? 
_reflns_shell.meanI_over_sigI_obs         ? 
_reflns_shell.number_measured_all         ? 
_reflns_shell.number_measured_obs         ? 
_reflns_shell.number_possible             ? 
_reflns_shell.number_unique_all           ? 
_reflns_shell.number_unique_obs           9239 
_reflns_shell.percent_possible_all        97.2 
_reflns_shell.percent_possible_obs        ? 
_reflns_shell.Rmerge_F_all                ? 
_reflns_shell.Rmerge_F_obs                ? 
_reflns_shell.Rmerge_I_all                ? 
_reflns_shell.Rmerge_I_obs                ? 
_reflns_shell.meanI_over_sigI_gt          ? 
_reflns_shell.meanI_over_uI_all           ? 
_reflns_shell.meanI_over_uI_gt            ? 
_reflns_shell.number_measured_gt          ? 
_reflns_shell.number_unique_gt            ? 
_reflns_shell.percent_possible_gt         ? 
_reflns_shell.Rmerge_F_gt                 ? 
_reflns_shell.Rmerge_I_gt                 ? 
_reflns_shell.pdbx_redundancy             9.45 
_reflns_shell.pdbx_Rsym_value             ? 
_reflns_shell.pdbx_chi_squared            ? 
_reflns_shell.pdbx_netI_over_sigmaI_all   ? 
_reflns_shell.pdbx_netI_over_sigmaI_obs   ? 
_reflns_shell.pdbx_Rrim_I_all             2.025 
_reflns_shell.pdbx_Rpim_I_all             ? 
_reflns_shell.pdbx_rejects                ? 
_reflns_shell.pdbx_ordinal                1 
_reflns_shell.pdbx_diffrn_id              1 
_reflns_shell.pdbx_CC_half                0.471 
_reflns_shell.pdbx_R_split                ? 
# 
_refine.aniso_B[1][1]                            ? 
_refine.aniso_B[1][2]                            ? 
_refine.aniso_B[1][3]                            ? 
_refine.aniso_B[2][2]                            ? 
_refine.aniso_B[2][3]                            ? 
_refine.aniso_B[3][3]                            ? 
_refine.B_iso_max                                ? 
_refine.B_iso_mean                               ? 
_refine.B_iso_min                                ? 
_refine.correlation_coeff_Fo_to_Fc               ? 
_refine.correlation_coeff_Fo_to_Fc_free          ? 
_refine.details                                  ? 
_refine.diff_density_max                         ? 
_refine.diff_density_max_esd                     ? 
_refine.diff_density_min                         ? 
_refine.diff_density_min_esd                     ? 
_refine.diff_density_rms                         ? 
_refine.diff_density_rms_esd                     ? 
_refine.entry_id                                 6HI6 
_refine.pdbx_refine_id                           'X-RAY DIFFRACTION' 
_refine.ls_abs_structure_details                 ? 
_refine.ls_abs_structure_Flack                   ? 
_refine.ls_abs_structure_Flack_esd               ? 
_refine.ls_abs_structure_Rogers                  ? 
_refine.ls_abs_structure_Rogers_esd              ? 
_refine.ls_d_res_high                            1.640 
_refine.ls_d_res_low                             48.371 
_refine.ls_extinction_coef                       ? 
_refine.ls_extinction_coef_esd                   ? 
_refine.ls_extinction_expression                 ? 
_refine.ls_extinction_method                     ? 
_refine.ls_goodness_of_fit_all                   ? 
_refine.ls_goodness_of_fit_all_esd               ? 
_refine.ls_goodness_of_fit_obs                   ? 
_refine.ls_goodness_of_fit_obs_esd               ? 
_refine.ls_hydrogen_treatment                    ? 
_refine.ls_matrix_type                           ? 
_refine.ls_number_constraints                    ? 
_refine.ls_number_parameters                     ? 
_refine.ls_number_reflns_all                     ? 
_refine.ls_number_reflns_obs                     58497 
_refine.ls_number_reflns_R_free                  2949 
_refine.ls_number_reflns_R_work                  ? 
_refine.ls_number_restraints                     ? 
_refine.ls_percent_reflns_obs                    99.53 
_refine.ls_percent_reflns_R_free                 5.04 
_refine.ls_R_factor_all                          ? 
_refine.ls_R_factor_obs                          0.2120 
_refine.ls_R_factor_R_free                       0.2347 
_refine.ls_R_factor_R_free_error                 ? 
_refine.ls_R_factor_R_free_error_details         ? 
_refine.ls_R_factor_R_work                       0.2107 
_refine.ls_R_Fsqd_factor_obs                     ? 
_refine.ls_R_I_factor_obs                        ? 
_refine.ls_redundancy_reflns_all                 ? 
_refine.ls_redundancy_reflns_obs                 ? 
_refine.ls_restrained_S_all                      ? 
_refine.ls_restrained_S_obs                      ? 
_refine.ls_shift_over_esd_max                    ? 
_refine.ls_shift_over_esd_mean                   ? 
_refine.ls_structure_factor_coef                 ? 
_refine.ls_weighting_details                     ? 
_refine.ls_weighting_scheme                      ? 
_refine.ls_wR_factor_all                         ? 
_refine.ls_wR_factor_obs                         ? 
_refine.ls_wR_factor_R_free                      ? 
_refine.ls_wR_factor_R_work                      ? 
_refine.occupancy_max                            ? 
_refine.occupancy_min                            ? 
_refine.solvent_model_details                    ? 
_refine.solvent_model_param_bsol                 ? 
_refine.solvent_model_param_ksol                 ? 
_refine.ls_R_factor_gt                           ? 
_refine.ls_goodness_of_fit_gt                    ? 
_refine.ls_goodness_of_fit_ref                   ? 
_refine.ls_shift_over_su_max                     ? 
_refine.ls_shift_over_su_max_lt                  ? 
_refine.ls_shift_over_su_mean                    ? 
_refine.ls_shift_over_su_mean_lt                 ? 
_refine.pdbx_ls_sigma_I                          ? 
_refine.pdbx_ls_sigma_F                          1.34 
_refine.pdbx_ls_sigma_Fsqd                       ? 
_refine.pdbx_data_cutoff_high_absF               ? 
_refine.pdbx_data_cutoff_high_rms_absF           ? 
_refine.pdbx_data_cutoff_low_absF                ? 
_refine.pdbx_isotropic_thermal_model             ? 
_refine.pdbx_ls_cross_valid_method               'FREE R-VALUE' 
_refine.pdbx_method_to_determine_struct          'MOLECULAR REPLACEMENT' 
_refine.pdbx_starting_model                      5F36 
_refine.pdbx_stereochemistry_target_values       ? 
_refine.pdbx_R_Free_selection_details            ? 
_refine.pdbx_stereochem_target_val_spec_case     ? 
_refine.pdbx_overall_ESU_R                       ? 
_refine.pdbx_overall_ESU_R_Free                  ? 
_refine.pdbx_solvent_vdw_probe_radii             1.11 
_refine.pdbx_solvent_ion_probe_radii             ? 
_refine.pdbx_solvent_shrinkage_radii             0.90 
_refine.pdbx_real_space_R                        ? 
_refine.pdbx_density_correlation                 ? 
_refine.pdbx_pd_number_of_powder_patterns        ? 
_refine.pdbx_pd_number_of_points                 ? 
_refine.pdbx_pd_meas_number_of_points            ? 
_refine.pdbx_pd_proc_ls_prof_R_factor            ? 
_refine.pdbx_pd_proc_ls_prof_wR_factor           ? 
_refine.pdbx_pd_Marquardt_correlation_coeff      ? 
_refine.pdbx_pd_Fsqrd_R_factor                   ? 
_refine.pdbx_pd_ls_matrix_band_width             ? 
_refine.pdbx_overall_phase_error                 23.99 
_refine.pdbx_overall_SU_R_free_Cruickshank_DPI   ? 
_refine.pdbx_overall_SU_R_free_Blow_DPI          ? 
_refine.pdbx_overall_SU_R_Blow_DPI               ? 
_refine.pdbx_TLS_residual_ADP_flag               ? 
_refine.pdbx_diffrn_id                           1 
_refine.overall_SU_B                             ? 
_refine.overall_SU_ML                            0.22 
_refine.overall_SU_R_Cruickshank_DPI             ? 
_refine.overall_SU_R_free                        ? 
_refine.overall_FOM_free_R_set                   ? 
_refine.overall_FOM_work_R_set                   ? 
_refine.pdbx_average_fsc_overall                 ? 
_refine.pdbx_average_fsc_work                    ? 
_refine.pdbx_average_fsc_free                    ? 
# 
_refine_hist.pdbx_refine_id                   'X-RAY DIFFRACTION' 
_refine_hist.cycle_id                         LAST 
_refine_hist.pdbx_number_atoms_protein        1035 
_refine_hist.pdbx_number_atoms_nucleic_acid   0 
_refine_hist.pdbx_number_atoms_ligand         37 
_refine_hist.number_atoms_solvent             141 
_refine_hist.number_atoms_total               1213 
_refine_hist.d_res_high                       1.640 
_refine_hist.d_res_low                        48.371 
# 
loop_
_refine_ls_restr.pdbx_refine_id 
_refine_ls_restr.criterion 
_refine_ls_restr.dev_ideal 
_refine_ls_restr.dev_ideal_target 
_refine_ls_restr.number 
_refine_ls_restr.rejects 
_refine_ls_restr.type 
_refine_ls_restr.weight 
_refine_ls_restr.pdbx_restraint_function 
'X-RAY DIFFRACTION' ? 0.008 ? 1091 ? f_bond_d           ? ? 
'X-RAY DIFFRACTION' ? 1.111 ? 1478 ? f_angle_d          ? ? 
'X-RAY DIFFRACTION' ? 1.991 ? 929  ? f_dihedral_angle_d ? ? 
'X-RAY DIFFRACTION' ? 0.041 ? 167  ? f_chiral_restr     ? ? 
'X-RAY DIFFRACTION' ? 0.004 ? 192  ? f_plane_restr      ? ? 
# 
loop_
_refine_ls_shell.pdbx_refine_id 
_refine_ls_shell.d_res_high 
_refine_ls_shell.d_res_low 
_refine_ls_shell.number_reflns_all 
_refine_ls_shell.number_reflns_obs 
_refine_ls_shell.number_reflns_R_free 
_refine_ls_shell.number_reflns_R_work 
_refine_ls_shell.percent_reflns_obs 
_refine_ls_shell.percent_reflns_R_free 
_refine_ls_shell.R_factor_all 
_refine_ls_shell.R_factor_obs 
_refine_ls_shell.R_factor_R_free 
_refine_ls_shell.R_factor_R_free_error 
_refine_ls_shell.R_factor_R_work 
_refine_ls_shell.redundancy_reflns_all 
_refine_ls_shell.redundancy_reflns_obs 
_refine_ls_shell.wR_factor_all 
_refine_ls_shell.wR_factor_obs 
_refine_ls_shell.wR_factor_R_free 
_refine_ls_shell.wR_factor_R_work 
_refine_ls_shell.pdbx_total_number_of_bins_used 
_refine_ls_shell.pdbx_phase_error 
_refine_ls_shell.pdbx_fsc_work 
_refine_ls_shell.pdbx_fsc_free 
'X-RAY DIFFRACTION' 1.6402 1.6671  . . 126 2420 90.00  . . . 0.2951 . 0.3240 . . . . . . . . . . 
'X-RAY DIFFRACTION' 1.6671 1.6959  . . 140 2658 100.00 . . . 0.3337 . 0.2987 . . . . . . . . . . 
'X-RAY DIFFRACTION' 1.6959 1.7267  . . 141 2668 100.00 . . . 0.3119 . 0.2957 . . . . . . . . . . 
'X-RAY DIFFRACTION' 1.7267 1.7599  . . 144 2652 100.00 . . . 0.3217 . 0.2965 . . . . . . . . . . 
'X-RAY DIFFRACTION' 1.7599 1.7958  . . 138 2628 100.00 . . . 0.2927 . 0.2902 . . . . . . . . . . 
'X-RAY DIFFRACTION' 1.7958 1.8349  . . 142 2661 100.00 . . . 0.2854 . 0.2871 . . . . . . . . . . 
'X-RAY DIFFRACTION' 1.8349 1.8776  . . 145 2650 100.00 . . . 0.3283 . 0.2778 . . . . . . . . . . 
'X-RAY DIFFRACTION' 1.8776 1.9245  . . 142 2654 100.00 . . . 0.2997 . 0.2478 . . . . . . . . . . 
'X-RAY DIFFRACTION' 1.9245 1.9766  . . 140 2668 100.00 . . . 0.3171 . 0.2281 . . . . . . . . . . 
'X-RAY DIFFRACTION' 1.9766 2.0347  . . 137 2673 100.00 . . . 0.2994 . 0.2173 . . . . . . . . . . 
'X-RAY DIFFRACTION' 2.0347 2.1004  . . 143 2652 100.00 . . . 0.2036 . 0.2142 . . . . . . . . . . 
'X-RAY DIFFRACTION' 2.1004 2.1755  . . 141 2643 100.00 . . . 0.1899 . 0.2071 . . . . . . . . . . 
'X-RAY DIFFRACTION' 2.1755 2.2626  . . 138 2662 100.00 . . . 0.2728 . 0.2054 . . . . . . . . . . 
'X-RAY DIFFRACTION' 2.2626 2.3656  . . 139 2653 100.00 . . . 0.2752 . 0.2060 . . . . . . . . . . 
'X-RAY DIFFRACTION' 2.3656 2.4903  . . 142 2655 100.00 . . . 0.2426 . 0.2097 . . . . . . . . . . 
'X-RAY DIFFRACTION' 2.4903 2.6463  . . 136 2667 100.00 . . . 0.2105 . 0.2121 . . . . . . . . . . 
'X-RAY DIFFRACTION' 2.6463 2.8506  . . 139 2661 100.00 . . . 0.2610 . 0.2153 . . . . . . . . . . 
'X-RAY DIFFRACTION' 2.8506 3.1374  . . 145 2641 100.00 . . . 0.2487 . 0.2209 . . . . . . . . . . 
'X-RAY DIFFRACTION' 3.1374 3.5913  . . 137 2678 100.00 . . . 0.1932 . 0.1848 . . . . . . . . . . 
'X-RAY DIFFRACTION' 3.5913 4.5241  . . 149 2636 100.00 . . . 0.1851 . 0.1799 . . . . . . . . . . 
'X-RAY DIFFRACTION' 4.5241 48.3915 . . 145 2668 100.00 . . . 0.2446 . 0.2079 . . . . . . . . . . 
# 
_struct.entry_id                     6HI6 
_struct.title                        'The ATAD2 bromodomain in complex with compound 9' 
_struct.pdbx_model_details           ? 
_struct.pdbx_formula_weight          ? 
_struct.pdbx_formula_weight_method   ? 
_struct.pdbx_model_type_details      ? 
_struct.pdbx_CASP_flag               N 
# 
_struct_keywords.entry_id        6HI6 
_struct_keywords.text            'Bromodomain, ATAD2, inhibitor, complex, CYTOSOLIC PROTEIN' 
_struct_keywords.pdbx_keywords   'CYTOSOLIC PROTEIN' 
# 
loop_
_struct_asym.id 
_struct_asym.pdbx_blank_PDB_chainid_flag 
_struct_asym.pdbx_modified 
_struct_asym.entity_id 
_struct_asym.details 
A N N 1 ? 
B N N 2 ? 
C N N 2 ? 
D N N 3 ? 
E N N 3 ? 
F N N 4 ? 
# 
_struct_ref.entity_id                  1 
_struct_ref.pdbx_db_accession          Q6PL18 
_struct_ref.pdbx_db_isoform            ? 
_struct_ref.pdbx_seq_one_letter_code   
;QEEDTFRELRIFLRNVTHRLAIDKRFRVFTKPVDPDEVPDYVTVIKQPMDLSSVISKIDLHKYLTVKDYLRDIDLICSNA
LEYNPDRDPGDRLIRHRACALRDTAYAIIKEELDEDFEQLCEEIQESR
;
_struct_ref.id                         1 
_struct_ref.pdbx_align_begin           981 
_struct_ref.db_name                    UNP 
_struct_ref.db_code                    ATAD2_HUMAN 
# 
_struct_ref_seq.align_id                      1 
_struct_ref_seq.ref_id                        1 
_struct_ref_seq.pdbx_PDB_id_code              6HI6 
_struct_ref_seq.pdbx_strand_id                A 
_struct_ref_seq.seq_align_beg                 3 
_struct_ref_seq.pdbx_seq_align_beg_ins_code   ? 
_struct_ref_seq.seq_align_end                 130 
_struct_ref_seq.pdbx_seq_align_end_ins_code   ? 
_struct_ref_seq.pdbx_db_accession             Q6PL18 
_struct_ref_seq.db_align_beg                  981 
_struct_ref_seq.pdbx_db_align_beg_ins_code    ? 
_struct_ref_seq.db_align_end                  1108 
_struct_ref_seq.pdbx_db_align_end_ins_code    ? 
_struct_ref_seq.pdbx_auth_seq_align_beg       981 
_struct_ref_seq.pdbx_auth_seq_align_end       1108 
# 
loop_
_struct_ref_seq_dif.align_id 
_struct_ref_seq_dif.pdbx_pdb_id_code 
_struct_ref_seq_dif.mon_id 
_struct_ref_seq_dif.pdbx_pdb_strand_id 
_struct_ref_seq_dif.seq_num 
_struct_ref_seq_dif.pdbx_pdb_ins_code 
_struct_ref_seq_dif.pdbx_seq_db_name 
_struct_ref_seq_dif.pdbx_seq_db_accession_code 
_struct_ref_seq_dif.db_mon_id 
_struct_ref_seq_dif.pdbx_seq_db_seq_num 
_struct_ref_seq_dif.details 
_struct_ref_seq_dif.pdbx_auth_seq_num 
_struct_ref_seq_dif.pdbx_ordinal 
1 6HDN SER A 1 ? UNP Q6PL18 ? ? 'expression tag' 979 1 
1 6HDN MET A 2 ? UNP Q6PL18 ? ? 'expression tag' 980 2 
# 
_pdbx_struct_assembly.id                   1 
_pdbx_struct_assembly.details              author_and_software_defined_assembly 
_pdbx_struct_assembly.method_details       PISA 
_pdbx_struct_assembly.oligomeric_details   monomeric 
_pdbx_struct_assembly.oligomeric_count     1 
# 
loop_
_pdbx_struct_assembly_prop.biol_id 
_pdbx_struct_assembly_prop.type 
_pdbx_struct_assembly_prop.value 
_pdbx_struct_assembly_prop.details 
1 'ABSA (A^2)' 300  ? 
1 MORE         -19  ? 
1 'SSA (A^2)'  7940 ? 
# 
_pdbx_struct_assembly_gen.assembly_id       1 
_pdbx_struct_assembly_gen.oper_expression   1 
_pdbx_struct_assembly_gen.asym_id_list      A,B,C,D,E,F 
# 
_pdbx_struct_assembly_auth_evidence.id                     1 
_pdbx_struct_assembly_auth_evidence.assembly_id            1 
_pdbx_struct_assembly_auth_evidence.experimental_support   'gel filtration' 
_pdbx_struct_assembly_auth_evidence.details                ? 
# 
_pdbx_struct_oper_list.id                   1 
_pdbx_struct_oper_list.type                 'identity operation' 
_pdbx_struct_oper_list.name                 1_555 
_pdbx_struct_oper_list.symmetry_operation   x,y,z 
_pdbx_struct_oper_list.matrix[1][1]         1.0000000000 
_pdbx_struct_oper_list.matrix[1][2]         0.0000000000 
_pdbx_struct_oper_list.matrix[1][3]         0.0000000000 
_pdbx_struct_oper_list.vector[1]            0.0000000000 
_pdbx_struct_oper_list.matrix[2][1]         0.0000000000 
_pdbx_struct_oper_list.matrix[2][2]         1.0000000000 
_pdbx_struct_oper_list.matrix[2][3]         0.0000000000 
_pdbx_struct_oper_list.vector[2]            0.0000000000 
_pdbx_struct_oper_list.matrix[3][1]         0.0000000000 
_pdbx_struct_oper_list.matrix[3][2]         0.0000000000 
_pdbx_struct_oper_list.matrix[3][3]         1.0000000000 
_pdbx_struct_oper_list.vector[3]            0.0000000000 
# 
loop_
_struct_conf.conf_type_id 
_struct_conf.id 
_struct_conf.pdbx_PDB_helix_id 
_struct_conf.beg_label_comp_id 
_struct_conf.beg_label_asym_id 
_struct_conf.beg_label_seq_id 
_struct_conf.pdbx_beg_PDB_ins_code 
_struct_conf.end_label_comp_id 
_struct_conf.end_label_asym_id 
_struct_conf.end_label_seq_id 
_struct_conf.pdbx_end_PDB_ins_code 
_struct_conf.beg_auth_comp_id 
_struct_conf.beg_auth_asym_id 
_struct_conf.beg_auth_seq_id 
_struct_conf.end_auth_comp_id 
_struct_conf.end_auth_asym_id 
_struct_conf.end_auth_seq_id 
_struct_conf.pdbx_PDB_helix_class 
_struct_conf.details 
_struct_conf.pdbx_PDB_helix_length 
HELX_P HELX_P1 AA1 SER A 1   ? ILE A 24  ? SER A 979  ILE A 1002 1 ? 24 
HELX_P HELX_P2 AA2 ASP A 25  ? THR A 32  ? ASP A 1003 THR A 1010 5 ? 8  
HELX_P HELX_P3 AA3 ASP A 42  ? ILE A 47  ? ASP A 1020 ILE A 1025 1 ? 6  
HELX_P HELX_P4 AA4 ASP A 52  ? LEU A 62  ? ASP A 1030 LEU A 1040 1 ? 11 
HELX_P HELX_P5 AA5 THR A 67  ? ASN A 86  ? THR A 1045 ASN A 1064 1 ? 20 
HELX_P HELX_P6 AA6 ASP A 90  ? LEU A 115 ? ASP A 1068 LEU A 1093 1 ? 26 
HELX_P HELX_P7 AA7 ASP A 116 ? ARG A 130 ? ASP A 1094 ARG A 1108 1 ? 15 
# 
_struct_conf_type.id          HELX_P 
_struct_conf_type.criteria    ? 
_struct_conf_type.reference   ? 
# 
loop_
_struct_site.id 
_struct_site.pdbx_evidence_code 
_struct_site.pdbx_auth_asym_id 
_struct_site.pdbx_auth_comp_id 
_struct_site.pdbx_auth_seq_id 
_struct_site.pdbx_auth_ins_code 
_struct_site.pdbx_num_residues 
_struct_site.details 
AC1 Software A SO4 1201 ? 5 'binding site for residue SO4 A 1201' 
AC2 Software A SO4 1202 ? 3 'binding site for residue SO4 A 1202' 
AC3 Software A G5Z 1203 ? 3 'binding site for residue G5Z A 1203' 
AC4 Software A G5Z 1204 ? 5 'binding site for residue G5Z A 1204' 
# 
loop_
_struct_site_gen.id 
_struct_site_gen.site_id 
_struct_site_gen.pdbx_num_res 
_struct_site_gen.label_comp_id 
_struct_site_gen.label_asym_id 
_struct_site_gen.label_seq_id 
_struct_site_gen.pdbx_auth_ins_code 
_struct_site_gen.auth_comp_id 
_struct_site_gen.auth_asym_id 
_struct_site_gen.auth_seq_id 
_struct_site_gen.label_atom_id 
_struct_site_gen.label_alt_id 
_struct_site_gen.symmetry 
_struct_site_gen.details 
1  AC1 5 ARG A 9  ? ARG A 987  . ? 1_555 ? 
2  AC1 5 ARG A 12 ? ARG A 990  . ? 1_555 ? 
3  AC1 5 ARG A 16 ? ARG A 994  . ? 1_555 ? 
4  AC1 5 ARG A 89 ? ARG A 1067 . ? 6_664 ? 
5  AC1 5 HOH F .  ? HOH A 1354 . ? 1_555 ? 
6  AC2 3 ARG A 99 ? ARG A 1077 . ? 1_555 ? 
7  AC2 3 HOH F .  ? HOH A 1319 . ? 1_555 ? 
8  AC2 3 HOH F .  ? HOH A 1357 . ? 8_565 ? 
9  AC3 3 ASN A 86 ? ASN A 1064 . ? 1_555 ? 
10 AC3 3 ASP A 93 ? ASP A 1071 . ? 1_555 ? 
11 AC3 3 HOH F .  ? HOH A 1304 . ? 1_555 ? 
12 AC4 5 HIS A 20 ? HIS A 998  . ? 1_555 ? 
13 AC4 5 ALA A 23 ? ALA A 1001 . ? 1_555 ? 
14 AC4 5 ILE A 24 ? ILE A 1002 . ? 1_555 ? 
15 AC4 5 THR A 32 ? THR A 1010 . ? 1_555 ? 
16 AC4 5 SER A 54 ? SER A 1032 . ? 1_555 ? 
# 
_pdbx_validate_close_contact.id               1 
_pdbx_validate_close_contact.PDB_model_num    1 
_pdbx_validate_close_contact.auth_atom_id_1   O 
_pdbx_validate_close_contact.auth_asym_id_1   A 
_pdbx_validate_close_contact.auth_comp_id_1   HOH 
_pdbx_validate_close_contact.auth_seq_id_1    1356 
_pdbx_validate_close_contact.PDB_ins_code_1   ? 
_pdbx_validate_close_contact.label_alt_id_1   ? 
_pdbx_validate_close_contact.auth_atom_id_2   O 
_pdbx_validate_close_contact.auth_asym_id_2   A 
_pdbx_validate_close_contact.auth_comp_id_2   HOH 
_pdbx_validate_close_contact.auth_seq_id_2    1376 
_pdbx_validate_close_contact.PDB_ins_code_2   ? 
_pdbx_validate_close_contact.label_alt_id_2   ? 
_pdbx_validate_close_contact.dist             2.16 
# 
loop_
_pdbx_struct_special_symmetry.id 
_pdbx_struct_special_symmetry.PDB_model_num 
_pdbx_struct_special_symmetry.auth_asym_id 
_pdbx_struct_special_symmetry.auth_comp_id 
_pdbx_struct_special_symmetry.auth_seq_id 
_pdbx_struct_special_symmetry.PDB_ins_code 
_pdbx_struct_special_symmetry.label_asym_id 
_pdbx_struct_special_symmetry.label_comp_id 
_pdbx_struct_special_symmetry.label_seq_id 
1 1 A HOH 1339 ? F HOH . 
2 1 A HOH 1438 ? F HOH . 
# 
loop_
_pdbx_unobs_or_zero_occ_residues.id 
_pdbx_unobs_or_zero_occ_residues.PDB_model_num 
_pdbx_unobs_or_zero_occ_residues.polymer_flag 
_pdbx_unobs_or_zero_occ_residues.occupancy_flag 
_pdbx_unobs_or_zero_occ_residues.auth_asym_id 
_pdbx_unobs_or_zero_occ_residues.auth_comp_id 
_pdbx_unobs_or_zero_occ_residues.auth_seq_id 
_pdbx_unobs_or_zero_occ_residues.PDB_ins_code 
_pdbx_unobs_or_zero_occ_residues.label_asym_id 
_pdbx_unobs_or_zero_occ_residues.label_comp_id 
_pdbx_unobs_or_zero_occ_residues.label_seq_id 
1 1 Y 1 A ASP 1014 ? A ASP 36 
2 1 Y 1 A PRO 1015 ? A PRO 37 
# 
loop_
_chem_comp_atom.comp_id 
_chem_comp_atom.atom_id 
_chem_comp_atom.type_symbol 
_chem_comp_atom.pdbx_aromatic_flag 
_chem_comp_atom.pdbx_stereo_config 
_chem_comp_atom.pdbx_ordinal 
ALA N    N N N 1   
ALA CA   C N S 2   
ALA C    C N N 3   
ALA O    O N N 4   
ALA CB   C N N 5   
ALA OXT  O N N 6   
ALA H    H N N 7   
ALA H2   H N N 8   
ALA HA   H N N 9   
ALA HB1  H N N 10  
ALA HB2  H N N 11  
ALA HB3  H N N 12  
ALA HXT  H N N 13  
ARG N    N N N 14  
ARG CA   C N S 15  
ARG C    C N N 16  
ARG O    O N N 17  
ARG CB   C N N 18  
ARG CG   C N N 19  
ARG CD   C N N 20  
ARG NE   N N N 21  
ARG CZ   C N N 22  
ARG NH1  N N N 23  
ARG NH2  N N N 24  
ARG OXT  O N N 25  
ARG H    H N N 26  
ARG H2   H N N 27  
ARG HA   H N N 28  
ARG HB2  H N N 29  
ARG HB3  H N N 30  
ARG HG2  H N N 31  
ARG HG3  H N N 32  
ARG HD2  H N N 33  
ARG HD3  H N N 34  
ARG HE   H N N 35  
ARG HH11 H N N 36  
ARG HH12 H N N 37  
ARG HH21 H N N 38  
ARG HH22 H N N 39  
ARG HXT  H N N 40  
ASN N    N N N 41  
ASN CA   C N S 42  
ASN C    C N N 43  
ASN O    O N N 44  
ASN CB   C N N 45  
ASN CG   C N N 46  
ASN OD1  O N N 47  
ASN ND2  N N N 48  
ASN OXT  O N N 49  
ASN H    H N N 50  
ASN H2   H N N 51  
ASN HA   H N N 52  
ASN HB2  H N N 53  
ASN HB3  H N N 54  
ASN HD21 H N N 55  
ASN HD22 H N N 56  
ASN HXT  H N N 57  
ASP N    N N N 58  
ASP CA   C N S 59  
ASP C    C N N 60  
ASP O    O N N 61  
ASP CB   C N N 62  
ASP CG   C N N 63  
ASP OD1  O N N 64  
ASP OD2  O N N 65  
ASP OXT  O N N 66  
ASP H    H N N 67  
ASP H2   H N N 68  
ASP HA   H N N 69  
ASP HB2  H N N 70  
ASP HB3  H N N 71  
ASP HD2  H N N 72  
ASP HXT  H N N 73  
CYS N    N N N 74  
CYS CA   C N R 75  
CYS C    C N N 76  
CYS O    O N N 77  
CYS CB   C N N 78  
CYS SG   S N N 79  
CYS OXT  O N N 80  
CYS H    H N N 81  
CYS H2   H N N 82  
CYS HA   H N N 83  
CYS HB2  H N N 84  
CYS HB3  H N N 85  
CYS HG   H N N 86  
CYS HXT  H N N 87  
G5Z N    N N N 88  
G5Z CA   C N R 89  
G5Z C    C N N 90  
G5Z O    O N N 91  
G5Z CB   C N N 92  
G5Z CAA  C N N 93  
G5Z CAN  C N N 94  
G5Z CAP  C Y N 95  
G5Z CAQ  C Y N 96  
G5Z CAR  C Y N 97  
G5Z CAS  C Y N 98  
G5Z NAK  N Y N 99  
G5Z NAL  N N N 100 
G5Z OAD  O N N 101 
G5Z SAM  S Y N 102 
G5Z H1   H N N 103 
G5Z H2   H N N 104 
G5Z H4   H N N 105 
G5Z H5   H N N 106 
G5Z H6   H N N 107 
G5Z H7   H N N 108 
G5Z H8   H N N 109 
G5Z H9   H N N 110 
G5Z H10  H N N 111 
G5Z H14  H N N 112 
G5Z C1   C Y N 113 
G5Z C2   C Y N 114 
G5Z C3   C Y N 115 
G5Z N1   N Y N 116 
G5Z C5   C Y N 117 
G5Z H3   H N N 118 
G5Z H11  H N N 119 
G5Z H12  H N N 120 
G5Z H13  H N N 121 
GLN N    N N N 122 
GLN CA   C N S 123 
GLN C    C N N 124 
GLN O    O N N 125 
GLN CB   C N N 126 
GLN CG   C N N 127 
GLN CD   C N N 128 
GLN OE1  O N N 129 
GLN NE2  N N N 130 
GLN OXT  O N N 131 
GLN H    H N N 132 
GLN H2   H N N 133 
GLN HA   H N N 134 
GLN HB2  H N N 135 
GLN HB3  H N N 136 
GLN HG2  H N N 137 
GLN HG3  H N N 138 
GLN HE21 H N N 139 
GLN HE22 H N N 140 
GLN HXT  H N N 141 
GLU N    N N N 142 
GLU CA   C N S 143 
GLU C    C N N 144 
GLU O    O N N 145 
GLU CB   C N N 146 
GLU CG   C N N 147 
GLU CD   C N N 148 
GLU OE1  O N N 149 
GLU OE2  O N N 150 
GLU OXT  O N N 151 
GLU H    H N N 152 
GLU H2   H N N 153 
GLU HA   H N N 154 
GLU HB2  H N N 155 
GLU HB3  H N N 156 
GLU HG2  H N N 157 
GLU HG3  H N N 158 
GLU HE2  H N N 159 
GLU HXT  H N N 160 
GLY N    N N N 161 
GLY CA   C N N 162 
GLY C    C N N 163 
GLY O    O N N 164 
GLY OXT  O N N 165 
GLY H    H N N 166 
GLY H2   H N N 167 
GLY HA2  H N N 168 
GLY HA3  H N N 169 
GLY HXT  H N N 170 
HIS N    N N N 171 
HIS CA   C N S 172 
HIS C    C N N 173 
HIS O    O N N 174 
HIS CB   C N N 175 
HIS CG   C Y N 176 
HIS ND1  N Y N 177 
HIS CD2  C Y N 178 
HIS CE1  C Y N 179 
HIS NE2  N Y N 180 
HIS OXT  O N N 181 
HIS H    H N N 182 
HIS H2   H N N 183 
HIS HA   H N N 184 
HIS HB2  H N N 185 
HIS HB3  H N N 186 
HIS HD1  H N N 187 
HIS HD2  H N N 188 
HIS HE1  H N N 189 
HIS HE2  H N N 190 
HIS HXT  H N N 191 
HOH O    O N N 192 
HOH H1   H N N 193 
HOH H2   H N N 194 
ILE N    N N N 195 
ILE CA   C N S 196 
ILE C    C N N 197 
ILE O    O N N 198 
ILE CB   C N S 199 
ILE CG1  C N N 200 
ILE CG2  C N N 201 
ILE CD1  C N N 202 
ILE OXT  O N N 203 
ILE H    H N N 204 
ILE H2   H N N 205 
ILE HA   H N N 206 
ILE HB   H N N 207 
ILE HG12 H N N 208 
ILE HG13 H N N 209 
ILE HG21 H N N 210 
ILE HG22 H N N 211 
ILE HG23 H N N 212 
ILE HD11 H N N 213 
ILE HD12 H N N 214 
ILE HD13 H N N 215 
ILE HXT  H N N 216 
LEU N    N N N 217 
LEU CA   C N S 218 
LEU C    C N N 219 
LEU O    O N N 220 
LEU CB   C N N 221 
LEU CG   C N N 222 
LEU CD1  C N N 223 
LEU CD2  C N N 224 
LEU OXT  O N N 225 
LEU H    H N N 226 
LEU H2   H N N 227 
LEU HA   H N N 228 
LEU HB2  H N N 229 
LEU HB3  H N N 230 
LEU HG   H N N 231 
LEU HD11 H N N 232 
LEU HD12 H N N 233 
LEU HD13 H N N 234 
LEU HD21 H N N 235 
LEU HD22 H N N 236 
LEU HD23 H N N 237 
LEU HXT  H N N 238 
LYS N    N N N 239 
LYS CA   C N S 240 
LYS C    C N N 241 
LYS O    O N N 242 
LYS CB   C N N 243 
LYS CG   C N N 244 
LYS CD   C N N 245 
LYS CE   C N N 246 
LYS NZ   N N N 247 
LYS OXT  O N N 248 
LYS H    H N N 249 
LYS H2   H N N 250 
LYS HA   H N N 251 
LYS HB2  H N N 252 
LYS HB3  H N N 253 
LYS HG2  H N N 254 
LYS HG3  H N N 255 
LYS HD2  H N N 256 
LYS HD3  H N N 257 
LYS HE2  H N N 258 
LYS HE3  H N N 259 
LYS HZ1  H N N 260 
LYS HZ2  H N N 261 
LYS HZ3  H N N 262 
LYS HXT  H N N 263 
MET N    N N N 264 
MET CA   C N S 265 
MET C    C N N 266 
MET O    O N N 267 
MET CB   C N N 268 
MET CG   C N N 269 
MET SD   S N N 270 
MET CE   C N N 271 
MET OXT  O N N 272 
MET H    H N N 273 
MET H2   H N N 274 
MET HA   H N N 275 
MET HB2  H N N 276 
MET HB3  H N N 277 
MET HG2  H N N 278 
MET HG3  H N N 279 
MET HE1  H N N 280 
MET HE2  H N N 281 
MET HE3  H N N 282 
MET HXT  H N N 283 
PHE N    N N N 284 
PHE CA   C N S 285 
PHE C    C N N 286 
PHE O    O N N 287 
PHE CB   C N N 288 
PHE CG   C Y N 289 
PHE CD1  C Y N 290 
PHE CD2  C Y N 291 
PHE CE1  C Y N 292 
PHE CE2  C Y N 293 
PHE CZ   C Y N 294 
PHE OXT  O N N 295 
PHE H    H N N 296 
PHE H2   H N N 297 
PHE HA   H N N 298 
PHE HB2  H N N 299 
PHE HB3  H N N 300 
PHE HD1  H N N 301 
PHE HD2  H N N 302 
PHE HE1  H N N 303 
PHE HE2  H N N 304 
PHE HZ   H N N 305 
PHE HXT  H N N 306 
PRO N    N N N 307 
PRO CA   C N S 308 
PRO C    C N N 309 
PRO O    O N N 310 
PRO CB   C N N 311 
PRO CG   C N N 312 
PRO CD   C N N 313 
PRO OXT  O N N 314 
PRO H    H N N 315 
PRO HA   H N N 316 
PRO HB2  H N N 317 
PRO HB3  H N N 318 
PRO HG2  H N N 319 
PRO HG3  H N N 320 
PRO HD2  H N N 321 
PRO HD3  H N N 322 
PRO HXT  H N N 323 
SER N    N N N 324 
SER CA   C N S 325 
SER C    C N N 326 
SER O    O N N 327 
SER CB   C N N 328 
SER OG   O N N 329 
SER OXT  O N N 330 
SER H    H N N 331 
SER H2   H N N 332 
SER HA   H N N 333 
SER HB2  H N N 334 
SER HB3  H N N 335 
SER HG   H N N 336 
SER HXT  H N N 337 
SO4 S    S N N 338 
SO4 O1   O N N 339 
SO4 O2   O N N 340 
SO4 O3   O N N 341 
SO4 O4   O N N 342 
THR N    N N N 343 
THR CA   C N S 344 
THR C    C N N 345 
THR O    O N N 346 
THR CB   C N R 347 
THR OG1  O N N 348 
THR CG2  C N N 349 
THR OXT  O N N 350 
THR H    H N N 351 
THR H2   H N N 352 
THR HA   H N N 353 
THR HB   H N N 354 
THR HG1  H N N 355 
THR HG21 H N N 356 
THR HG22 H N N 357 
THR HG23 H N N 358 
THR HXT  H N N 359 
TYR N    N N N 360 
TYR CA   C N S 361 
TYR C    C N N 362 
TYR O    O N N 363 
TYR CB   C N N 364 
TYR CG   C Y N 365 
TYR CD1  C Y N 366 
TYR CD2  C Y N 367 
TYR CE1  C Y N 368 
TYR CE2  C Y N 369 
TYR CZ   C Y N 370 
TYR OH   O N N 371 
TYR OXT  O N N 372 
TYR H    H N N 373 
TYR H2   H N N 374 
TYR HA   H N N 375 
TYR HB2  H N N 376 
TYR HB3  H N N 377 
TYR HD1  H N N 378 
TYR HD2  H N N 379 
TYR HE1  H N N 380 
TYR HE2  H N N 381 
TYR HH   H N N 382 
TYR HXT  H N N 383 
VAL N    N N N 384 
VAL CA   C N S 385 
VAL C    C N N 386 
VAL O    O N N 387 
VAL CB   C N N 388 
VAL CG1  C N N 389 
VAL CG2  C N N 390 
VAL OXT  O N N 391 
VAL H    H N N 392 
VAL H2   H N N 393 
VAL HA   H N N 394 
VAL HB   H N N 395 
VAL HG11 H N N 396 
VAL HG12 H N N 397 
VAL HG13 H N N 398 
VAL HG21 H N N 399 
VAL HG22 H N N 400 
VAL HG23 H N N 401 
VAL HXT  H N N 402 
# 
loop_
_chem_comp_bond.comp_id 
_chem_comp_bond.atom_id_1 
_chem_comp_bond.atom_id_2 
_chem_comp_bond.value_order 
_chem_comp_bond.pdbx_aromatic_flag 
_chem_comp_bond.pdbx_stereo_config 
_chem_comp_bond.pdbx_ordinal 
ALA N   CA   sing N N 1   
ALA N   H    sing N N 2   
ALA N   H2   sing N N 3   
ALA CA  C    sing N N 4   
ALA CA  CB   sing N N 5   
ALA CA  HA   sing N N 6   
ALA C   O    doub N N 7   
ALA C   OXT  sing N N 8   
ALA CB  HB1  sing N N 9   
ALA CB  HB2  sing N N 10  
ALA CB  HB3  sing N N 11  
ALA OXT HXT  sing N N 12  
ARG N   CA   sing N N 13  
ARG N   H    sing N N 14  
ARG N   H2   sing N N 15  
ARG CA  C    sing N N 16  
ARG CA  CB   sing N N 17  
ARG CA  HA   sing N N 18  
ARG C   O    doub N N 19  
ARG C   OXT  sing N N 20  
ARG CB  CG   sing N N 21  
ARG CB  HB2  sing N N 22  
ARG CB  HB3  sing N N 23  
ARG CG  CD   sing N N 24  
ARG CG  HG2  sing N N 25  
ARG CG  HG3  sing N N 26  
ARG CD  NE   sing N N 27  
ARG CD  HD2  sing N N 28  
ARG CD  HD3  sing N N 29  
ARG NE  CZ   sing N N 30  
ARG NE  HE   sing N N 31  
ARG CZ  NH1  sing N N 32  
ARG CZ  NH2  doub N N 33  
ARG NH1 HH11 sing N N 34  
ARG NH1 HH12 sing N N 35  
ARG NH2 HH21 sing N N 36  
ARG NH2 HH22 sing N N 37  
ARG OXT HXT  sing N N 38  
ASN N   CA   sing N N 39  
ASN N   H    sing N N 40  
ASN N   H2   sing N N 41  
ASN CA  C    sing N N 42  
ASN CA  CB   sing N N 43  
ASN CA  HA   sing N N 44  
ASN C   O    doub N N 45  
ASN C   OXT  sing N N 46  
ASN CB  CG   sing N N 47  
ASN CB  HB2  sing N N 48  
ASN CB  HB3  sing N N 49  
ASN CG  OD1  doub N N 50  
ASN CG  ND2  sing N N 51  
ASN ND2 HD21 sing N N 52  
ASN ND2 HD22 sing N N 53  
ASN OXT HXT  sing N N 54  
ASP N   CA   sing N N 55  
ASP N   H    sing N N 56  
ASP N   H2   sing N N 57  
ASP CA  C    sing N N 58  
ASP CA  CB   sing N N 59  
ASP CA  HA   sing N N 60  
ASP C   O    doub N N 61  
ASP C   OXT  sing N N 62  
ASP CB  CG   sing N N 63  
ASP CB  HB2  sing N N 64  
ASP CB  HB3  sing N N 65  
ASP CG  OD1  doub N N 66  
ASP CG  OD2  sing N N 67  
ASP OD2 HD2  sing N N 68  
ASP OXT HXT  sing N N 69  
CYS N   CA   sing N N 70  
CYS N   H    sing N N 71  
CYS N   H2   sing N N 72  
CYS CA  C    sing N N 73  
CYS CA  CB   sing N N 74  
CYS CA  HA   sing N N 75  
CYS C   O    doub N N 76  
CYS C   OXT  sing N N 77  
CYS CB  SG   sing N N 78  
CYS CB  HB2  sing N N 79  
CYS CB  HB3  sing N N 80  
CYS SG  HG   sing N N 81  
CYS OXT HXT  sing N N 82  
G5Z CAP CAS  sing N N 83  
G5Z CAA CAN  sing N N 84  
G5Z CAS SAM  sing Y N 85  
G5Z CAS CAR  doub Y N 86  
G5Z CAN CAR  sing N N 87  
G5Z CAN OAD  doub N N 88  
G5Z SAM CAQ  sing Y N 89  
G5Z CAR NAK  sing Y N 90  
G5Z O   C    doub N N 91  
G5Z NAK CAQ  doub Y N 92  
G5Z CAQ NAL  sing N N 93  
G5Z C   NAL  sing N N 94  
G5Z C   CA   sing N N 95  
G5Z CB  CA   sing N N 96  
G5Z CA  N    sing N N 97  
G5Z N   H1   sing N N 98  
G5Z N   H2   sing N N 99  
G5Z CA  H4   sing N N 100 
G5Z CB  H5   sing N N 101 
G5Z CB  H6   sing N N 102 
G5Z CB  H7   sing N N 103 
G5Z CAA H8   sing N N 104 
G5Z CAA H9   sing N N 105 
G5Z CAA H10  sing N N 106 
G5Z NAL H14  sing N N 107 
G5Z CAP C1   sing Y N 108 
G5Z C1  C2   doub Y N 109 
G5Z C2  C3   sing Y N 110 
G5Z C3  N1   doub Y N 111 
G5Z N1  C5   sing Y N 112 
G5Z C5  CAP  doub Y N 113 
G5Z C1  H3   sing N N 114 
G5Z C2  H11  sing N N 115 
G5Z C3  H12  sing N N 116 
G5Z C5  H13  sing N N 117 
GLN N   CA   sing N N 118 
GLN N   H    sing N N 119 
GLN N   H2   sing N N 120 
GLN CA  C    sing N N 121 
GLN CA  CB   sing N N 122 
GLN CA  HA   sing N N 123 
GLN C   O    doub N N 124 
GLN C   OXT  sing N N 125 
GLN CB  CG   sing N N 126 
GLN CB  HB2  sing N N 127 
GLN CB  HB3  sing N N 128 
GLN CG  CD   sing N N 129 
GLN CG  HG2  sing N N 130 
GLN CG  HG3  sing N N 131 
GLN CD  OE1  doub N N 132 
GLN CD  NE2  sing N N 133 
GLN NE2 HE21 sing N N 134 
GLN NE2 HE22 sing N N 135 
GLN OXT HXT  sing N N 136 
GLU N   CA   sing N N 137 
GLU N   H    sing N N 138 
GLU N   H2   sing N N 139 
GLU CA  C    sing N N 140 
GLU CA  CB   sing N N 141 
GLU CA  HA   sing N N 142 
GLU C   O    doub N N 143 
GLU C   OXT  sing N N 144 
GLU CB  CG   sing N N 145 
GLU CB  HB2  sing N N 146 
GLU CB  HB3  sing N N 147 
GLU CG  CD   sing N N 148 
GLU CG  HG2  sing N N 149 
GLU CG  HG3  sing N N 150 
GLU CD  OE1  doub N N 151 
GLU CD  OE2  sing N N 152 
GLU OE2 HE2  sing N N 153 
GLU OXT HXT  sing N N 154 
GLY N   CA   sing N N 155 
GLY N   H    sing N N 156 
GLY N   H2   sing N N 157 
GLY CA  C    sing N N 158 
GLY CA  HA2  sing N N 159 
GLY CA  HA3  sing N N 160 
GLY C   O    doub N N 161 
GLY C   OXT  sing N N 162 
GLY OXT HXT  sing N N 163 
HIS N   CA   sing N N 164 
HIS N   H    sing N N 165 
HIS N   H2   sing N N 166 
HIS CA  C    sing N N 167 
HIS CA  CB   sing N N 168 
HIS CA  HA   sing N N 169 
HIS C   O    doub N N 170 
HIS C   OXT  sing N N 171 
HIS CB  CG   sing N N 172 
HIS CB  HB2  sing N N 173 
HIS CB  HB3  sing N N 174 
HIS CG  ND1  sing Y N 175 
HIS CG  CD2  doub Y N 176 
HIS ND1 CE1  doub Y N 177 
HIS ND1 HD1  sing N N 178 
HIS CD2 NE2  sing Y N 179 
HIS CD2 HD2  sing N N 180 
HIS CE1 NE2  sing Y N 181 
HIS CE1 HE1  sing N N 182 
HIS NE2 HE2  sing N N 183 
HIS OXT HXT  sing N N 184 
HOH O   H1   sing N N 185 
HOH O   H2   sing N N 186 
ILE N   CA   sing N N 187 
ILE N   H    sing N N 188 
ILE N   H2   sing N N 189 
ILE CA  C    sing N N 190 
ILE CA  CB   sing N N 191 
ILE CA  HA   sing N N 192 
ILE C   O    doub N N 193 
ILE C   OXT  sing N N 194 
ILE CB  CG1  sing N N 195 
ILE CB  CG2  sing N N 196 
ILE CB  HB   sing N N 197 
ILE CG1 CD1  sing N N 198 
ILE CG1 HG12 sing N N 199 
ILE CG1 HG13 sing N N 200 
ILE CG2 HG21 sing N N 201 
ILE CG2 HG22 sing N N 202 
ILE CG2 HG23 sing N N 203 
ILE CD1 HD11 sing N N 204 
ILE CD1 HD12 sing N N 205 
ILE CD1 HD13 sing N N 206 
ILE OXT HXT  sing N N 207 
LEU N   CA   sing N N 208 
LEU N   H    sing N N 209 
LEU N   H2   sing N N 210 
LEU CA  C    sing N N 211 
LEU CA  CB   sing N N 212 
LEU CA  HA   sing N N 213 
LEU C   O    doub N N 214 
LEU C   OXT  sing N N 215 
LEU CB  CG   sing N N 216 
LEU CB  HB2  sing N N 217 
LEU CB  HB3  sing N N 218 
LEU CG  CD1  sing N N 219 
LEU CG  CD2  sing N N 220 
LEU CG  HG   sing N N 221 
LEU CD1 HD11 sing N N 222 
LEU CD1 HD12 sing N N 223 
LEU CD1 HD13 sing N N 224 
LEU CD2 HD21 sing N N 225 
LEU CD2 HD22 sing N N 226 
LEU CD2 HD23 sing N N 227 
LEU OXT HXT  sing N N 228 
LYS N   CA   sing N N 229 
LYS N   H    sing N N 230 
LYS N   H2   sing N N 231 
LYS CA  C    sing N N 232 
LYS CA  CB   sing N N 233 
LYS CA  HA   sing N N 234 
LYS C   O    doub N N 235 
LYS C   OXT  sing N N 236 
LYS CB  CG   sing N N 237 
LYS CB  HB2  sing N N 238 
LYS CB  HB3  sing N N 239 
LYS CG  CD   sing N N 240 
LYS CG  HG2  sing N N 241 
LYS CG  HG3  sing N N 242 
LYS CD  CE   sing N N 243 
LYS CD  HD2  sing N N 244 
LYS CD  HD3  sing N N 245 
LYS CE  NZ   sing N N 246 
LYS CE  HE2  sing N N 247 
LYS CE  HE3  sing N N 248 
LYS NZ  HZ1  sing N N 249 
LYS NZ  HZ2  sing N N 250 
LYS NZ  HZ3  sing N N 251 
LYS OXT HXT  sing N N 252 
MET N   CA   sing N N 253 
MET N   H    sing N N 254 
MET N   H2   sing N N 255 
MET CA  C    sing N N 256 
MET CA  CB   sing N N 257 
MET CA  HA   sing N N 258 
MET C   O    doub N N 259 
MET C   OXT  sing N N 260 
MET CB  CG   sing N N 261 
MET CB  HB2  sing N N 262 
MET CB  HB3  sing N N 263 
MET CG  SD   sing N N 264 
MET CG  HG2  sing N N 265 
MET CG  HG3  sing N N 266 
MET SD  CE   sing N N 267 
MET CE  HE1  sing N N 268 
MET CE  HE2  sing N N 269 
MET CE  HE3  sing N N 270 
MET OXT HXT  sing N N 271 
PHE N   CA   sing N N 272 
PHE N   H    sing N N 273 
PHE N   H2   sing N N 274 
PHE CA  C    sing N N 275 
PHE CA  CB   sing N N 276 
PHE CA  HA   sing N N 277 
PHE C   O    doub N N 278 
PHE C   OXT  sing N N 279 
PHE CB  CG   sing N N 280 
PHE CB  HB2  sing N N 281 
PHE CB  HB3  sing N N 282 
PHE CG  CD1  doub Y N 283 
PHE CG  CD2  sing Y N 284 
PHE CD1 CE1  sing Y N 285 
PHE CD1 HD1  sing N N 286 
PHE CD2 CE2  doub Y N 287 
PHE CD2 HD2  sing N N 288 
PHE CE1 CZ   doub Y N 289 
PHE CE1 HE1  sing N N 290 
PHE CE2 CZ   sing Y N 291 
PHE CE2 HE2  sing N N 292 
PHE CZ  HZ   sing N N 293 
PHE OXT HXT  sing N N 294 
PRO N   CA   sing N N 295 
PRO N   CD   sing N N 296 
PRO N   H    sing N N 297 
PRO CA  C    sing N N 298 
PRO CA  CB   sing N N 299 
PRO CA  HA   sing N N 300 
PRO C   O    doub N N 301 
PRO C   OXT  sing N N 302 
PRO CB  CG   sing N N 303 
PRO CB  HB2  sing N N 304 
PRO CB  HB3  sing N N 305 
PRO CG  CD   sing N N 306 
PRO CG  HG2  sing N N 307 
PRO CG  HG3  sing N N 308 
PRO CD  HD2  sing N N 309 
PRO CD  HD3  sing N N 310 
PRO OXT HXT  sing N N 311 
SER N   CA   sing N N 312 
SER N   H    sing N N 313 
SER N   H2   sing N N 314 
SER CA  C    sing N N 315 
SER CA  CB   sing N N 316 
SER CA  HA   sing N N 317 
SER C   O    doub N N 318 
SER C   OXT  sing N N 319 
SER CB  OG   sing N N 320 
SER CB  HB2  sing N N 321 
SER CB  HB3  sing N N 322 
SER OG  HG   sing N N 323 
SER OXT HXT  sing N N 324 
SO4 S   O1   doub N N 325 
SO4 S   O2   doub N N 326 
SO4 S   O3   sing N N 327 
SO4 S   O4   sing N N 328 
THR N   CA   sing N N 329 
THR N   H    sing N N 330 
THR N   H2   sing N N 331 
THR CA  C    sing N N 332 
THR CA  CB   sing N N 333 
THR CA  HA   sing N N 334 
THR C   O    doub N N 335 
THR C   OXT  sing N N 336 
THR CB  OG1  sing N N 337 
THR CB  CG2  sing N N 338 
THR CB  HB   sing N N 339 
THR OG1 HG1  sing N N 340 
THR CG2 HG21 sing N N 341 
THR CG2 HG22 sing N N 342 
THR CG2 HG23 sing N N 343 
THR OXT HXT  sing N N 344 
TYR N   CA   sing N N 345 
TYR N   H    sing N N 346 
TYR N   H2   sing N N 347 
TYR CA  C    sing N N 348 
TYR CA  CB   sing N N 349 
TYR CA  HA   sing N N 350 
TYR C   O    doub N N 351 
TYR C   OXT  sing N N 352 
TYR CB  CG   sing N N 353 
TYR CB  HB2  sing N N 354 
TYR CB  HB3  sing N N 355 
TYR CG  CD1  doub Y N 356 
TYR CG  CD2  sing Y N 357 
TYR CD1 CE1  sing Y N 358 
TYR CD1 HD1  sing N N 359 
TYR CD2 CE2  doub Y N 360 
TYR CD2 HD2  sing N N 361 
TYR CE1 CZ   doub Y N 362 
TYR CE1 HE1  sing N N 363 
TYR CE2 CZ   sing Y N 364 
TYR CE2 HE2  sing N N 365 
TYR CZ  OH   sing N N 366 
TYR OH  HH   sing N N 367 
TYR OXT HXT  sing N N 368 
VAL N   CA   sing N N 369 
VAL N   H    sing N N 370 
VAL N   H2   sing N N 371 
VAL CA  C    sing N N 372 
VAL CA  CB   sing N N 373 
VAL CA  HA   sing N N 374 
VAL C   O    doub N N 375 
VAL C   OXT  sing N N 376 
VAL CB  CG1  sing N N 377 
VAL CB  CG2  sing N N 378 
VAL CB  HB   sing N N 379 
VAL CG1 HG11 sing N N 380 
VAL CG1 HG12 sing N N 381 
VAL CG1 HG13 sing N N 382 
VAL CG2 HG21 sing N N 383 
VAL CG2 HG22 sing N N 384 
VAL CG2 HG23 sing N N 385 
VAL OXT HXT  sing N N 386 
# 
_pdbx_initial_refinement_model.id               1 
_pdbx_initial_refinement_model.entity_id_list   ? 
_pdbx_initial_refinement_model.type             'experimental model' 
_pdbx_initial_refinement_model.source_name      PDB 
_pdbx_initial_refinement_model.accession_code   5F36 
_pdbx_initial_refinement_model.details          ? 
# 
_atom_sites.entry_id                    6HI6 
_atom_sites.fract_transf_matrix[1][1]   -0.01045002 
_atom_sites.fract_transf_matrix[1][2]   0.00888705 
_atom_sites.fract_transf_matrix[1][3]   0.00486136 
_atom_sites.fract_transf_matrix[2][1]   0.00331049 
_atom_sites.fract_transf_matrix[2][2]   0.01077193 
_atom_sites.fract_transf_matrix[2][3]   0.00921005 
_atom_sites.fract_transf_matrix[3][1]   0.00117991 
_atom_sites.fract_transf_matrix[3][2]   0.00449567 
_atom_sites.fract_transf_matrix[3][3]   -0.00568217 
_atom_sites.fract_transf_vector[1]      0.137338 
_atom_sites.fract_transf_vector[2]      0.595792 
_atom_sites.fract_transf_vector[3]      0.026713 
# 
loop_
_atom_type.symbol 
C 
N 
O 
S 
# 
loop_
_atom_site.group_PDB 
_atom_site.id 
_atom_site.type_symbol 
_atom_site.label_atom_id 
_atom_site.label_alt_id 
_atom_site.label_comp_id 
_atom_site.label_asym_id 
_atom_site.label_entity_id 
_atom_site.label_seq_id 
_atom_site.pdbx_PDB_ins_code 
_atom_site.Cartn_x 
_atom_site.Cartn_y 
_atom_site.Cartn_z 
_atom_site.occupancy 
_atom_site.B_iso_or_equiv 
_atom_site.pdbx_formal_charge 
_atom_site.auth_seq_id 
_atom_site.auth_comp_id 
_atom_site.auth_asym_id 
_atom_site.auth_atom_id 
_atom_site.pdbx_PDB_model_num 
ATOM   1    N N   . SER A 1 1   ? -24.418 6.458   8.936   1.00 50.00 ? 979  SER A N   1 
ATOM   2    C CA  . SER A 1 1   ? -25.002 5.922   10.163  1.00 51.55 ? 979  SER A CA  1 
ATOM   3    C C   . SER A 1 1   ? -23.940 5.325   11.078  1.00 50.99 ? 979  SER A C   1 
ATOM   4    O O   . SER A 1 1   ? -22.752 5.313   10.749  1.00 47.39 ? 979  SER A O   1 
ATOM   5    C CB  . SER A 1 1   ? -26.048 4.856   9.837   1.00 51.68 ? 979  SER A CB  1 
ATOM   6    O OG  . SER A 1 1   ? -25.450 3.756   9.171   1.00 49.58 ? 979  SER A OG  1 
ATOM   7    N N   . MET A 1 2   ? -24.386 4.821   12.231  1.00 49.27 ? 980  MET A N   1 
ATOM   8    C CA  . MET A 1 2   ? -23.478 4.120   13.134  1.00 51.65 ? 980  MET A CA  1 
ATOM   9    C C   . MET A 1 2   ? -22.985 2.819   12.514  1.00 44.37 ? 980  MET A C   1 
ATOM   10   O O   . MET A 1 2   ? -21.803 2.474   12.641  1.00 46.45 ? 980  MET A O   1 
ATOM   11   C CB  . MET A 1 2   ? -24.172 3.848   14.469  1.00 49.83 ? 980  MET A CB  1 
ATOM   12   N N   . GLN A 1 3   ? -23.877 2.086   11.841  1.00 43.71 ? 981  GLN A N   1 
ATOM   13   C CA  . GLN A 1 3   ? -23.480 0.849   11.176  1.00 45.62 ? 981  GLN A CA  1 
ATOM   14   C C   . GLN A 1 3   ? -22.396 1.104   10.134  1.00 41.87 ? 981  GLN A C   1 
ATOM   15   O O   . GLN A 1 3   ? -21.481 0.288   9.965   1.00 40.76 ? 981  GLN A O   1 
ATOM   16   C CB  . GLN A 1 3   ? -24.697 0.185   10.528  1.00 45.03 ? 981  GLN A CB  1 
ATOM   17   C CG  . GLN A 1 3   ? -25.569 -0.605  11.494  1.00 50.49 ? 981  GLN A CG  1 
ATOM   18   N N   . GLU A 1 4   ? -22.487 2.227   9.420   1.00 39.89 ? 982  GLU A N   1 
ATOM   19   C CA  . GLU A 1 4   ? -21.503 2.530   8.387   1.00 35.19 ? 982  GLU A CA  1 
ATOM   20   C C   . GLU A 1 4   ? -20.176 2.971   8.989   1.00 34.23 ? 982  GLU A C   1 
ATOM   21   O O   . GLU A 1 4   ? -19.109 2.582   8.497   1.00 29.98 ? 982  GLU A O   1 
ATOM   22   C CB  . GLU A 1 4   ? -22.057 3.595   7.447   1.00 37.81 ? 982  GLU A CB  1 
ATOM   23   C CG  . GLU A 1 4   ? -23.346 3.150   6.786   1.00 41.92 ? 982  GLU A CG  1 
ATOM   24   C CD  . GLU A 1 4   ? -23.869 4.156   5.789   1.00 45.35 ? 982  GLU A CD  1 
ATOM   25   O OE1 . GLU A 1 4   ? -23.565 5.359   5.940   1.00 48.12 ? 982  GLU A OE1 1 
ATOM   26   O OE2 . GLU A 1 4   ? -24.580 3.735   4.851   1.00 41.12 ? 982  GLU A OE2 1 
ATOM   27   N N   . GLU A 1 5   ? -20.219 3.781   10.052  1.00 34.25 ? 983  GLU A N   1 
ATOM   28   C CA  . GLU A 1 5   ? -18.988 4.162   10.736  1.00 34.09 ? 983  GLU A CA  1 
ATOM   29   C C   . GLU A 1 5   ? -18.272 2.937   11.286  1.00 33.30 ? 983  GLU A C   1 
ATOM   30   O O   . GLU A 1 5   ? -17.041 2.857   11.232  1.00 29.59 ? 983  GLU A O   1 
ATOM   31   C CB  . GLU A 1 5   ? -19.292 5.150   11.862  1.00 38.83 ? 983  GLU A CB  1 
ATOM   32   C CG  . GLU A 1 5   ? -19.613 6.555   11.383  1.00 42.84 ? 983  GLU A CG  1 
ATOM   33   N N   . ASP A 1 6   ? -19.032 1.977   11.822  1.00 30.36 ? 984  ASP A N   1 
ATOM   34   C CA  . ASP A 1 6   ? -18.441 0.730   12.304  1.00 29.89 ? 984  ASP A CA  1 
ATOM   35   C C   . ASP A 1 6   ? -17.768 -0.033  11.170  1.00 29.15 ? 984  ASP A C   1 
ATOM   36   O O   . ASP A 1 6   ? -16.740 -0.694  11.377  1.00 28.30 ? 984  ASP A O   1 
ATOM   37   C CB  . ASP A 1 6   ? -19.514 -0.146  12.947  1.00 36.87 ? 984  ASP A CB  1 
ATOM   38   C CG  . ASP A 1 6   ? -19.904 0.322   14.331  1.00 40.97 ? 984  ASP A CG  1 
ATOM   39   O OD1 . ASP A 1 6   ? -19.328 1.315   14.813  1.00 40.54 ? 984  ASP A OD1 1 
ATOM   40   O OD2 . ASP A 1 6   ? -20.793 -0.312  14.938  1.00 46.84 ? 984  ASP A OD2 1 
ATOM   41   N N   . THR A 1 7   ? -18.372 -0.006  9.980   1.00 25.94 ? 985  THR A N   1 
ATOM   42   C CA  . THR A 1 7   ? -17.817 -0.746  8.856   1.00 25.06 ? 985  THR A CA  1 
ATOM   43   C C   . THR A 1 7   ? -16.479 -0.154  8.440   1.00 23.90 ? 985  THR A C   1 
ATOM   44   O O   . THR A 1 7   ? -15.497 -0.882  8.263   1.00 23.03 ? 985  THR A O   1 
ATOM   45   C CB  . THR A 1 7   ? -18.803 -0.755  7.685   1.00 27.76 ? 985  THR A CB  1 
ATOM   46   O OG1 . THR A 1 7   ? -20.010 -1.424  8.091   1.00 30.59 ? 985  THR A OG1 1 
ATOM   47   C CG2 . THR A 1 7   ? -18.206 -1.495  6.490   1.00 26.77 ? 985  THR A CG2 1 
ATOM   48   N N   . PHE A 1 8   ? -16.414 1.172   8.300   1.00 24.72 ? 986  PHE A N   1 
ATOM   49   C CA  . PHE A 1 8   ? -15.144 1.784   7.934   1.00 24.61 ? 986  PHE A CA  1 
ATOM   50   C C   . PHE A 1 8   ? -14.095 1.610   9.024   1.00 24.69 ? 986  PHE A C   1 
ATOM   51   O O   . PHE A 1 8   ? -12.905 1.476   8.721   1.00 24.25 ? 986  PHE A O   1 
ATOM   52   C CB  . PHE A 1 8   ? -15.358 3.260   7.605   1.00 24.05 ? 986  PHE A CB  1 
ATOM   53   C CG  . PHE A 1 8   ? -16.108 3.476   6.320   1.00 26.88 ? 986  PHE A CG  1 
ATOM   54   C CD1 . PHE A 1 8   ? -15.788 2.737   5.185   1.00 28.23 ? 986  PHE A CD1 1 
ATOM   55   C CD2 . PHE A 1 8   ? -17.142 4.388   6.251   1.00 35.45 ? 986  PHE A CD2 1 
ATOM   56   C CE1 . PHE A 1 8   ? -16.477 2.921   3.994   1.00 34.45 ? 986  PHE A CE1 1 
ATOM   57   C CE2 . PHE A 1 8   ? -17.837 4.580   5.064   1.00 35.43 ? 986  PHE A CE2 1 
ATOM   58   C CZ  . PHE A 1 8   ? -17.504 3.846   3.939   1.00 35.86 ? 986  PHE A CZ  1 
ATOM   59   N N   . ARG A 1 9   ? -14.498 1.602   10.292  1.00 22.09 ? 987  ARG A N   1 
ATOM   60   C CA  . ARG A 1 9   ? -13.505 1.383   11.334  1.00 22.77 ? 987  ARG A CA  1 
ATOM   61   C C   . ARG A 1 9   ? -12.925 -0.026  11.242  1.00 23.44 ? 987  ARG A C   1 
ATOM   62   O O   . ARG A 1 9   ? -11.716 -0.216  11.430  1.00 23.72 ? 987  ARG A O   1 
ATOM   63   C CB  . ARG A 1 9   ? -14.112 1.633   12.711  1.00 26.19 ? 987  ARG A CB  1 
ATOM   64   C CG  . ARG A 1 9   ? -13.100 1.464   13.809  1.00 29.56 ? 987  ARG A CG  1 
ATOM   65   C CD  . ARG A 1 9   ? -13.571 2.015   15.143  1.00 34.82 ? 987  ARG A CD  1 
ATOM   66   N NE  . ARG A 1 9   ? -12.500 1.895   16.129  1.00 39.21 ? 987  ARG A NE  1 
ATOM   67   C CZ  . ARG A 1 9   ? -12.414 0.930   17.044  1.00 37.56 ? 987  ARG A CZ  1 
ATOM   68   N NH1 . ARG A 1 9   ? -13.350 -0.022  17.125  1.00 33.27 ? 987  ARG A NH1 1 
ATOM   69   N NH2 . ARG A 1 9   ? -11.386 0.917   17.882  1.00 37.70 ? 987  ARG A NH2 1 
ATOM   70   N N   . GLU A 1 10  ? -13.769 -1.027  10.962  1.00 22.59 ? 988  GLU A N   1 
ATOM   71   C CA  . GLU A 1 10  ? -13.243 -2.381  10.799  1.00 22.11 ? 988  GLU A CA  1 
ATOM   72   C C   . GLU A 1 10  ? -12.284 -2.446  9.615   1.00 23.92 ? 988  GLU A C   1 
ATOM   73   O O   . GLU A 1 10  ? -11.224 -3.074  9.705   1.00 21.93 ? 988  GLU A O   1 
ATOM   74   C CB  . GLU A 1 10  ? -14.377 -3.395  10.637  1.00 23.75 ? 988  GLU A CB  1 
ATOM   75   C CG  . GLU A 1 10  ? -13.851 -4.786  10.330  1.00 24.24 ? 988  GLU A CG  1 
ATOM   76   C CD  . GLU A 1 10  ? -14.897 -5.877  10.469  1.00 34.28 ? 988  GLU A CD  1 
ATOM   77   O OE1 . GLU A 1 10  ? -14.585 -7.033  10.105  1.00 33.24 ? 988  GLU A OE1 1 
ATOM   78   O OE2 . GLU A 1 10  ? -16.017 -5.580  10.931  1.00 32.02 ? 988  GLU A OE2 1 
ATOM   79   N N   . LEU A 1 11  ? -12.610 -1.744  8.519   1.00 21.16 ? 989  LEU A N   1 
ATOM   80   C CA  . LEU A 1 11  ? -11.693 -1.701  7.380   1.00 21.11 ? 989  LEU A CA  1 
ATOM   81   C C   . LEU A 1 11  ? -10.344 -1.124  7.791   1.00 21.16 ? 989  LEU A C   1 
ATOM   82   O O   . LEU A 1 11  ? -9.299  -1.693  7.465   1.00 21.55 ? 989  LEU A O   1 
ATOM   83   C CB  . LEU A 1 11  ? -12.297 -0.887  6.231   1.00 22.23 ? 989  LEU A CB  1 
ATOM   84   C CG  . LEU A 1 11  ? -11.330 -0.680  5.050   1.00 25.11 ? 989  LEU A CG  1 
ATOM   85   C CD1 . LEU A 1 11  ? -11.030 -1.997  4.324   1.00 24.97 ? 989  LEU A CD1 1 
ATOM   86   C CD2 . LEU A 1 11  ? -11.878 0.380   4.091   1.00 26.71 ? 989  LEU A CD2 1 
ATOM   87   N N   . ARG A 1 12  ? -10.345 -0.024  8.553   1.00 21.46 ? 990  ARG A N   1 
ATOM   88   C CA  . ARG A 1 12  ? -9.080  0.575   8.977   1.00 21.68 ? 990  ARG A CA  1 
ATOM   89   C C   . ARG A 1 12  ? -8.279  -0.377  9.852   1.00 21.17 ? 990  ARG A C   1 
ATOM   90   O O   . ARG A 1 12  ? -7.059  -0.498  9.695   1.00 20.22 ? 990  ARG A O   1 
ATOM   91   C CB  . ARG A 1 12  ? -9.335  1.893   9.716   1.00 21.53 ? 990  ARG A CB  1 
ATOM   92   C CG  . ARG A 1 12  ? -9.955  2.951   8.827   1.00 22.07 ? 990  ARG A CG  1 
ATOM   93   C CD  . ARG A 1 12  ? -9.850  4.327   9.483   1.00 24.13 ? 990  ARG A CD  1 
ATOM   94   N NE  . ARG A 1 12  ? -10.637 4.423   10.714  1.00 23.30 ? 990  ARG A NE  1 
ATOM   95   C CZ  . ARG A 1 12  ? -11.935 4.725   10.757  1.00 26.08 ? 990  ARG A CZ  1 
ATOM   96   N NH1 . ARG A 1 12  ? -12.618 4.932   9.642   1.00 25.21 ? 990  ARG A NH1 1 
ATOM   97   N NH2 . ARG A 1 12  ? -12.555 4.803   11.930  1.00 27.88 ? 990  ARG A NH2 1 
ATOM   98   N N   . ILE A 1 13  ? -8.944  -1.066  10.780  1.00 19.64 ? 991  ILE A N   1 
ATOM   99   C CA  . ILE A 1 13  ? -8.252  -2.042  11.619  1.00 18.15 ? 991  ILE A CA  1 
ATOM   100  C C   . ILE A 1 13  ? -7.614  -3.130  10.758  1.00 21.43 ? 991  ILE A C   1 
ATOM   101  O O   . ILE A 1 13  ? -6.442  -3.496  10.956  1.00 21.50 ? 991  ILE A O   1 
ATOM   102  C CB  . ILE A 1 13  ? -9.230  -2.630  12.652  1.00 19.54 ? 991  ILE A CB  1 
ATOM   103  C CG1 . ILE A 1 13  ? -9.645  -1.536  13.635  1.00 25.18 ? 991  ILE A CG1 1 
ATOM   104  C CG2 . ILE A 1 13  ? -8.589  -3.791  13.408  1.00 23.55 ? 991  ILE A CG2 1 
ATOM   105  C CD1 . ILE A 1 13  ? -10.862 -1.919  14.486  1.00 27.02 ? 991  ILE A CD1 1 
ATOM   106  N N   . PHE A 1 14  ? -8.363  -3.649  9.780   1.00 20.14 ? 992  PHE A N   1 
ATOM   107  C CA  . PHE A 1 14  ? -7.820  -4.655  8.867   1.00 24.43 ? 992  PHE A CA  1 
ATOM   108  C C   . PHE A 1 14  ? -6.619  -4.111  8.098   1.00 23.30 ? 992  PHE A C   1 
ATOM   109  O O   . PHE A 1 14  ? -5.575  -4.767  8.009   1.00 20.70 ? 992  PHE A O   1 
ATOM   110  C CB  . PHE A 1 14  ? -8.899  -5.123  7.892   1.00 21.90 ? 992  PHE A CB  1 
ATOM   111  C CG  . PHE A 1 14  ? -8.384  -6.070  6.849   1.00 23.84 ? 992  PHE A CG  1 
ATOM   112  C CD1 . PHE A 1 14  ? -8.073  -7.385  7.180   1.00 29.51 ? 992  PHE A CD1 1 
ATOM   113  C CD2 . PHE A 1 14  ? -8.200  -5.642  5.550   1.00 27.90 ? 992  PHE A CD2 1 
ATOM   114  C CE1 . PHE A 1 14  ? -7.580  -8.255  6.218   1.00 29.73 ? 992  PHE A CE1 1 
ATOM   115  C CE2 . PHE A 1 14  ? -7.718  -6.507  4.579   1.00 29.47 ? 992  PHE A CE2 1 
ATOM   116  C CZ  . PHE A 1 14  ? -7.406  -7.806  4.917   1.00 27.39 ? 992  PHE A CZ  1 
ATOM   117  N N   . LEU A 1 15  ? -6.741  -2.898  7.556   1.00 21.17 ? 993  LEU A N   1 
ATOM   118  C CA  . LEU A 1 15  ? -5.648  -2.351  6.744   1.00 19.38 ? 993  LEU A CA  1 
ATOM   119  C C   . LEU A 1 15  ? -4.411  -2.060  7.587   1.00 20.68 ? 993  LEU A C   1 
ATOM   120  O O   . LEU A 1 15  ? -3.277  -2.221  7.111   1.00 21.43 ? 993  LEU A O   1 
ATOM   121  C CB  . LEU A 1 15  ? -6.111  -1.087  6.025   1.00 20.91 ? 993  LEU A CB  1 
ATOM   122  C CG  . LEU A 1 15  ? -7.229  -1.281  5.009   1.00 22.68 ? 993  LEU A CG  1 
ATOM   123  C CD1 . LEU A 1 15  ? -7.631  0.065   4.381   1.00 24.14 ? 993  LEU A CD1 1 
ATOM   124  C CD2 . LEU A 1 15  ? -6.824  -2.307  3.939   1.00 22.55 ? 993  LEU A CD2 1 
ATOM   125  N N   . ARG A 1 16  ? -4.597  -1.609  8.830   1.00 19.59 ? 994  ARG A N   1 
ATOM   126  C CA  . ARG A 1 16  ? -3.446  -1.389  9.694   1.00 22.04 ? 994  ARG A CA  1 
ATOM   127  C C   . ARG A 1 16  ? -2.717  -2.690  9.954   1.00 20.92 ? 994  ARG A C   1 
ATOM   128  O O   . ARG A 1 16  ? -1.478  -2.724  10.004  1.00 23.12 ? 994  ARG A O   1 
ATOM   129  C CB  . ARG A 1 16  ? -3.864  -0.784  11.030  1.00 22.36 ? 994  ARG A CB  1 
ATOM   130  C CG  . ARG A 1 16  ? -4.028  0.677   10.999  1.00 25.34 ? 994  ARG A CG  1 
ATOM   131  C CD  . ARG A 1 16  ? -4.208  1.233   12.403  1.00 27.43 ? 994  ARG A CD  1 
ATOM   132  N NE  . ARG A 1 16  ? -4.982  2.448   12.271  1.00 28.02 ? 994  ARG A NE  1 
ATOM   133  C CZ  . ARG A 1 16  ? -6.288  2.532   12.466  1.00 29.27 ? 994  ARG A CZ  1 
ATOM   134  N NH1 . ARG A 1 16  ? -6.980  1.467   12.871  1.00 25.51 ? 994  ARG A NH1 1 
ATOM   135  N NH2 . ARG A 1 16  ? -6.896  3.692   12.270  1.00 31.19 ? 994  ARG A NH2 1 
ATOM   136  N N   . ASN A 1 17  ? -3.470  -3.769  10.153  1.00 19.57 ? 995  ASN A N   1 
ATOM   137  C CA  . ASN A 1 17  ? -2.827  -5.049  10.429  1.00 20.04 ? 995  ASN A CA  1 
ATOM   138  C C   . ASN A 1 17  ? -2.047  -5.553  9.220   1.00 21.67 ? 995  ASN A C   1 
ATOM   139  O O   . ASN A 1 17  ? -0.905  -6.007  9.363   1.00 21.84 ? 995  ASN A O   1 
ATOM   140  C CB  . ASN A 1 17  ? -3.871  -6.075  10.868  1.00 21.88 ? 995  ASN A CB  1 
ATOM   141  C CG  . ASN A 1 17  ? -3.281  -7.466  11.002  1.00 26.65 ? 995  ASN A CG  1 
ATOM   142  O OD1 . ASN A 1 17  ? -3.389  -8.279  10.099  1.00 27.36 ? 995  ASN A OD1 1 
ATOM   143  N ND2 . ASN A 1 17  ? -2.634  -7.734  12.138  1.00 31.86 ? 995  ASN A ND2 1 
ATOM   144  N N   . VAL A 1 18  ? -2.634  -5.468  8.022   1.00 19.57 ? 996  VAL A N   1 
ATOM   145  C CA  . VAL A 1 18  ? -1.916  -5.871  6.809   1.00 19.71 ? 996  VAL A CA  1 
ATOM   146  C C   . VAL A 1 18  ? -0.652  -5.036  6.638   1.00 21.53 ? 996  VAL A C   1 
ATOM   147  O O   . VAL A 1 18  ? 0.434   -5.565  6.377   1.00 21.34 ? 996  VAL A O   1 
ATOM   148  C CB  . VAL A 1 18  ? -2.827  -5.754  5.572   1.00 20.40 ? 996  VAL A CB  1 
ATOM   149  C CG1 . VAL A 1 18  ? -2.028  -6.049  4.285   1.00 23.92 ? 996  VAL A CG1 1 
ATOM   150  C CG2 . VAL A 1 18  ? -4.044  -6.689  5.692   1.00 24.19 ? 996  VAL A CG2 1 
ATOM   151  N N   . THR A 1 19  ? -0.775  -3.715  6.784   1.00 19.91 ? 997  THR A N   1 
ATOM   152  C CA  . THR A 1 19  ? 0.372   -2.834  6.560   1.00 19.50 ? 997  THR A CA  1 
ATOM   153  C C   . THR A 1 19  ? 1.473   -3.093  7.576   1.00 22.21 ? 997  THR A C   1 
ATOM   154  O O   . THR A 1 19  ? 2.668   -3.077  7.242   1.00 22.00 ? 997  THR A O   1 
ATOM   155  C CB  . THR A 1 19  ? -0.075  -1.376  6.626   1.00 21.57 ? 997  THR A CB  1 
ATOM   156  O OG1 . THR A 1 19  ? -1.220  -1.198  5.787   1.00 21.59 ? 997  THR A OG1 1 
ATOM   157  C CG2 . THR A 1 19  ? 1.067   -0.428  6.156   1.00 24.82 ? 997  THR A CG2 1 
ATOM   158  N N   . HIS A 1 20  ? 1.090   -3.328  8.829   1.00 21.26 ? 998  HIS A N   1 
ATOM   159  C CA  . HIS A 1 20  ? 2.076   -3.678  9.839   1.00 22.35 ? 998  HIS A CA  1 
ATOM   160  C C   . HIS A 1 20  ? 2.809   -4.957  9.463   1.00 21.32 ? 998  HIS A C   1 
ATOM   161  O O   . HIS A 1 20  ? 4.031   -5.043  9.604   1.00 23.92 ? 998  HIS A O   1 
ATOM   162  C CB  . HIS A 1 20  ? 1.390   -3.822  11.204  1.00 23.94 ? 998  HIS A CB  1 
ATOM   163  C CG  . HIS A 1 20  ? 2.322   -4.204  12.316  1.00 29.90 ? 998  HIS A CG  1 
ATOM   164  N ND1 . HIS A 1 20  ? 2.295   -5.443  12.920  1.00 37.03 ? 998  HIS A ND1 1 
ATOM   165  C CD2 . HIS A 1 20  ? 3.305   -3.507  12.936  1.00 36.34 ? 998  HIS A CD2 1 
ATOM   166  C CE1 . HIS A 1 20  ? 3.221   -5.495  13.861  1.00 35.04 ? 998  HIS A CE1 1 
ATOM   167  N NE2 . HIS A 1 20  ? 3.847   -4.332  13.893  1.00 41.50 ? 998  HIS A NE2 1 
ATOM   168  N N   . ARG A 1 21  ? 2.085   -5.963  8.962   1.00 21.43 ? 999  ARG A N   1 
ATOM   169  C CA  . ARG A 1 21  ? 2.752   -7.210  8.600   1.00 21.21 ? 999  ARG A CA  1 
ATOM   170  C C   . ARG A 1 21  ? 3.705   -7.017  7.425   1.00 23.50 ? 999  ARG A C   1 
ATOM   171  O O   . ARG A 1 21  ? 4.753   -7.671  7.369   1.00 25.40 ? 999  ARG A O   1 
ATOM   172  C CB  . ARG A 1 21  ? 1.725   -8.293  8.299   1.00 22.25 ? 999  ARG A CB  1 
ATOM   173  C CG  . ARG A 1 21  ? 1.073   -8.794  9.589   1.00 24.53 ? 999  ARG A CG  1 
ATOM   174  C CD  . ARG A 1 21  ? -0.341  -9.275  9.333   1.00 25.77 ? 999  ARG A CD  1 
ATOM   175  N NE  . ARG A 1 21  ? -0.365  -10.477 8.516   1.00 25.70 ? 999  ARG A NE  1 
ATOM   176  C CZ  . ARG A 1 21  ? -1.479  -11.024 8.033   1.00 24.56 ? 999  ARG A CZ  1 
ATOM   177  N NH1 . ARG A 1 21  ? -2.665  -10.477 8.295   1.00 24.66 ? 999  ARG A NH1 1 
ATOM   178  N NH2 . ARG A 1 21  ? -1.408  -12.124 7.307   1.00 25.11 ? 999  ARG A NH2 1 
ATOM   179  N N   . LEU A 1 22  ? 3.370   -6.125  6.493   1.00 20.62 ? 1000 LEU A N   1 
ATOM   180  C CA  . LEU A 1 22  ? 4.302   -5.809  5.413   1.00 22.68 ? 1000 LEU A CA  1 
ATOM   181  C C   . LEU A 1 22  ? 5.510   -5.049  5.942   1.00 24.92 ? 1000 LEU A C   1 
ATOM   182  O O   . LEU A 1 22  ? 6.650   -5.325  5.545   1.00 24.51 ? 1000 LEU A O   1 
ATOM   183  C CB  . LEU A 1 22  ? 3.592   -4.983  4.329   1.00 22.97 ? 1000 LEU A CB  1 
ATOM   184  C CG  . LEU A 1 22  ? 2.413   -5.654  3.624   1.00 22.80 ? 1000 LEU A CG  1 
ATOM   185  C CD1 . LEU A 1 22  ? 1.708   -4.647  2.681   1.00 24.14 ? 1000 LEU A CD1 1 
ATOM   186  C CD2 . LEU A 1 22  ? 2.852   -6.878  2.834   1.00 24.71 ? 1000 LEU A CD2 1 
ATOM   187  N N   . ALA A 1 23  ? 5.280   -4.100  6.852   1.00 23.88 ? 1001 ALA A N   1 
ATOM   188  C CA  . ALA A 1 23  ? 6.345   -3.211  7.307   1.00 25.88 ? 1001 ALA A CA  1 
ATOM   189  C C   . ALA A 1 23  ? 7.380   -3.930  8.163   1.00 30.45 ? 1001 ALA A C   1 
ATOM   190  O O   . ALA A 1 23  ? 8.533   -3.490  8.228   1.00 31.74 ? 1001 ALA A O   1 
ATOM   191  C CB  . ALA A 1 23  ? 5.760   -2.032  8.084   1.00 28.25 ? 1001 ALA A CB  1 
ATOM   192  N N   . ILE A 1 24  ? 7.006   -5.021  8.840   1.00 27.63 ? 1002 ILE A N   1 
ATOM   193  C CA  . ILE A 1 24  ? 7.987   -5.719  9.661   1.00 30.20 ? 1002 ILE A CA  1 
ATOM   194  C C   . ILE A 1 24  ? 8.731   -6.787  8.876   1.00 31.91 ? 1002 ILE A C   1 
ATOM   195  O O   . ILE A 1 24  ? 9.659   -7.408  9.412   1.00 33.84 ? 1002 ILE A O   1 
ATOM   196  C CB  . ILE A 1 24  ? 7.333   -6.334  10.915  1.00 31.38 ? 1002 ILE A CB  1 
ATOM   197  C CG1 . ILE A 1 24  ? 6.366   -7.443  10.518  1.00 27.69 ? 1002 ILE A CG1 1 
ATOM   198  C CG2 . ILE A 1 24  ? 6.641   -5.248  11.727  1.00 33.28 ? 1002 ILE A CG2 1 
ATOM   199  C CD1 . ILE A 1 24  ? 5.656   -8.065  11.706  1.00 36.83 ? 1002 ILE A CD1 1 
ATOM   200  N N   . ASP A 1 25  ? 8.351   -7.029  7.626   1.00 26.74 ? 1003 ASP A N   1 
ATOM   201  C CA  . ASP A 1 25  ? 9.063   -7.968  6.775   1.00 27.40 ? 1003 ASP A CA  1 
ATOM   202  C C   . ASP A 1 25  ? 10.373  -7.335  6.314   1.00 31.05 ? 1003 ASP A C   1 
ATOM   203  O O   . ASP A 1 25  ? 10.370  -6.238  5.750   1.00 28.89 ? 1003 ASP A O   1 
ATOM   204  C CB  . ASP A 1 25  ? 8.187   -8.339  5.580   1.00 28.76 ? 1003 ASP A CB  1 
ATOM   205  C CG  . ASP A 1 25  ? 8.706   -9.536  4.821   1.00 33.72 ? 1003 ASP A CG  1 
ATOM   206  O OD1 . ASP A 1 25  ? 9.906   -9.542  4.476   1.00 32.08 ? 1003 ASP A OD1 1 
ATOM   207  O OD2 . ASP A 1 25  ? 7.905   -10.463 4.554   1.00 33.47 ? 1003 ASP A OD2 1 
ATOM   208  N N   . LYS A 1 26  ? 11.493  -8.027  6.562   1.00 31.16 ? 1004 LYS A N   1 
ATOM   209  C CA  . LYS A 1 26  ? 12.808  -7.456  6.266   1.00 30.94 ? 1004 LYS A CA  1 
ATOM   210  C C   . LYS A 1 26  ? 12.985  -7.146  4.785   1.00 28.71 ? 1004 LYS A C   1 
ATOM   211  O O   . LYS A 1 26  ? 13.739  -6.230  4.431   1.00 30.52 ? 1004 LYS A O   1 
ATOM   212  C CB  . LYS A 1 26  ? 13.912  -8.409  6.733   1.00 34.69 ? 1004 LYS A CB  1 
ATOM   213  C CG  . LYS A 1 26  ? 14.164  -8.368  8.235   1.00 40.77 ? 1004 LYS A CG  1 
ATOM   214  N N   . ARG A 1 27  ? 12.319  -7.896  3.907   1.00 29.78 ? 1005 ARG A N   1 
ATOM   215  C CA  . ARG A 1 27  ? 12.443  -7.656  2.471   1.00 29.91 ? 1005 ARG A CA  1 
ATOM   216  C C   . ARG A 1 27  ? 11.924  -6.290  2.074   1.00 30.10 ? 1005 ARG A C   1 
ATOM   217  O O   . ARG A 1 27  ? 12.308  -5.766  1.020   1.00 30.10 ? 1005 ARG A O   1 
ATOM   218  C CB  . ARG A 1 27  ? 11.655  -8.692  1.679   1.00 30.19 ? 1005 ARG A CB  1 
ATOM   219  C CG  . ARG A 1 27  ? 12.146  -10.107 1.806   1.00 35.85 ? 1005 ARG A CG  1 
ATOM   220  C CD  . ARG A 1 27  ? 11.193  -11.012 1.077   1.00 31.74 ? 1005 ARG A CD  1 
ATOM   221  N NE  . ARG A 1 27  ? 9.906   -11.086 1.756   1.00 34.56 ? 1005 ARG A NE  1 
ATOM   222  C CZ  . ARG A 1 27  ? 8.823   -11.652 1.239   1.00 34.49 ? 1005 ARG A CZ  1 
ATOM   223  N NH1 . ARG A 1 27  ? 8.870   -12.185 0.025   1.00 33.63 ? 1005 ARG A NH1 1 
ATOM   224  N NH2 . ARG A 1 27  ? 7.688   -11.680 1.933   1.00 34.53 ? 1005 ARG A NH2 1 
ATOM   225  N N   . PHE A 1 28  ? 11.037  -5.717  2.881   1.00 24.31 ? 1006 PHE A N   1 
ATOM   226  C CA  . PHE A 1 28  ? 10.313  -4.512  2.499   1.00 24.28 ? 1006 PHE A CA  1 
ATOM   227  C C   . PHE A 1 28  ? 10.807  -3.289  3.251   1.00 28.76 ? 1006 PHE A C   1 
ATOM   228  O O   . PHE A 1 28  ? 10.173  -2.230  3.187   1.00 28.14 ? 1006 PHE A O   1 
ATOM   229  C CB  . PHE A 1 28  ? 8.813   -4.729  2.713   1.00 24.22 ? 1006 PHE A CB  1 
ATOM   230  C CG  . PHE A 1 28  ? 8.282   -5.955  2.017   1.00 25.32 ? 1006 PHE A CG  1 
ATOM   231  C CD1 . PHE A 1 28  ? 8.798   -6.342  0.783   1.00 25.52 ? 1006 PHE A CD1 1 
ATOM   232  C CD2 . PHE A 1 28  ? 7.274   -6.718  2.586   1.00 24.14 ? 1006 PHE A CD2 1 
ATOM   233  C CE1 . PHE A 1 28  ? 8.328   -7.465  0.136   1.00 24.50 ? 1006 PHE A CE1 1 
ATOM   234  C CE2 . PHE A 1 28  ? 6.800   -7.848  1.946   1.00 25.69 ? 1006 PHE A CE2 1 
ATOM   235  C CZ  . PHE A 1 28  ? 7.320   -8.220  0.711   1.00 25.97 ? 1006 PHE A CZ  1 
ATOM   236  N N   . ARG A 1 29  ? 11.949  -3.403  3.935   1.00 29.19 ? 1007 ARG A N   1 
ATOM   237  C CA  . ARG A 1 29  ? 12.467  -2.278  4.704   1.00 33.70 ? 1007 ARG A CA  1 
ATOM   238  C C   . ARG A 1 29  ? 12.642  -1.033  3.840   1.00 30.72 ? 1007 ARG A C   1 
ATOM   239  O O   . ARG A 1 29  ? 12.407  0.087   4.313   1.00 31.91 ? 1007 ARG A O   1 
ATOM   240  C CB  . ARG A 1 29  ? 13.785  -2.653  5.374   1.00 36.51 ? 1007 ARG A CB  1 
ATOM   241  C CG  . ARG A 1 29  ? 14.278  -1.570  6.305   1.00 43.67 ? 1007 ARG A CG  1 
ATOM   242  C CD  . ARG A 1 29  ? 15.582  -1.929  6.987   1.00 50.85 ? 1007 ARG A CD  1 
ATOM   243  N NE  . ARG A 1 29  ? 15.762  -1.142  8.208   1.00 63.02 ? 1007 ARG A NE  1 
ATOM   244  C CZ  . ARG A 1 29  ? 16.089  0.149   8.231   1.00 67.49 ? 1007 ARG A CZ  1 
ATOM   245  N NH1 . ARG A 1 29  ? 16.286  0.812   7.098   1.00 63.96 ? 1007 ARG A NH1 1 
ATOM   246  N NH2 . ARG A 1 29  ? 16.222  0.777   9.392   1.00 68.74 ? 1007 ARG A NH2 1 
ATOM   247  N N   . VAL A 1 30  ? 13.027  -1.200  2.569   1.00 29.28 ? 1008 VAL A N   1 
ATOM   248  C CA  . VAL A 1 30  ? 13.265  -0.041  1.709   1.00 32.43 ? 1008 VAL A CA  1 
ATOM   249  C C   . VAL A 1 30  ? 11.982  0.717   1.402   1.00 32.50 ? 1008 VAL A C   1 
ATOM   250  O O   . VAL A 1 30  ? 12.036  1.870   0.946   1.00 33.24 ? 1008 VAL A O   1 
ATOM   251  C CB  . VAL A 1 30  ? 13.935  -0.440  0.380   1.00 34.86 ? 1008 VAL A CB  1 
ATOM   252  C CG1 . VAL A 1 30  ? 15.362  -0.905  0.616   1.00 40.37 ? 1008 VAL A CG1 1 
ATOM   253  C CG2 . VAL A 1 30  ? 13.109  -1.502  -0.342  1.00 33.28 ? 1008 VAL A CG2 1 
ATOM   254  N N   . PHE A 1 31  ? 10.827  0.103   1.637   1.00 27.98 ? 1009 PHE A N   1 
ATOM   255  C CA  . PHE A 1 31  ? 9.546   0.728   1.350   1.00 29.35 ? 1009 PHE A CA  1 
ATOM   256  C C   . PHE A 1 31  ? 8.862   1.282   2.596   1.00 27.48 ? 1009 PHE A C   1 
ATOM   257  O O   . PHE A 1 31  ? 7.719   1.735   2.501   1.00 28.20 ? 1009 PHE A O   1 
ATOM   258  C CB  . PHE A 1 31  ? 8.614   -0.272  0.657   1.00 25.44 ? 1009 PHE A CB  1 
ATOM   259  C CG  . PHE A 1 31  ? 9.208   -0.922  -0.563  1.00 29.56 ? 1009 PHE A CG  1 
ATOM   260  C CD1 . PHE A 1 31  ? 9.650   -0.157  -1.632  1.00 27.47 ? 1009 PHE A CD1 1 
ATOM   261  C CD2 . PHE A 1 31  ? 9.312   -2.302  -0.643  1.00 27.68 ? 1009 PHE A CD2 1 
ATOM   262  C CE1 . PHE A 1 31  ? 10.198  -0.763  -2.758  1.00 28.48 ? 1009 PHE A CE1 1 
ATOM   263  C CE2 . PHE A 1 31  ? 9.852   -2.916  -1.768  1.00 30.12 ? 1009 PHE A CE2 1 
ATOM   264  C CZ  . PHE A 1 31  ? 10.297  -2.146  -2.825  1.00 30.45 ? 1009 PHE A CZ  1 
ATOM   265  N N   . THR A 1 32  ? 9.527   1.280   3.749   1.00 27.54 ? 1010 THR A N   1 
ATOM   266  C CA  . THR A 1 32  ? 8.858   1.670   4.988   1.00 30.21 ? 1010 THR A CA  1 
ATOM   267  C C   . THR A 1 32  ? 8.931   3.160   5.288   1.00 35.89 ? 1010 THR A C   1 
ATOM   268  O O   . THR A 1 32  ? 8.142   3.646   6.105   1.00 38.19 ? 1010 THR A O   1 
ATOM   269  C CB  . THR A 1 32  ? 9.433   0.919   6.193   1.00 35.14 ? 1010 THR A CB  1 
ATOM   270  O OG1 . THR A 1 32  ? 10.835  1.199   6.322   1.00 34.23 ? 1010 THR A OG1 1 
ATOM   271  C CG2 . THR A 1 32  ? 9.198   -0.592  6.065   1.00 32.39 ? 1010 THR A CG2 1 
ATOM   272  N N   . LYS A 1 33  ? 9.854   3.886   4.675   1.00 34.80 ? 1011 LYS A N   1 
ATOM   273  C CA  . LYS A 1 33  ? 10.015  5.304   4.953   1.00 39.49 ? 1011 LYS A CA  1 
ATOM   274  C C   . LYS A 1 33  ? 10.086  6.064   3.642   1.00 37.91 ? 1011 LYS A C   1 
ATOM   275  O O   . LYS A 1 33  ? 10.471  5.498   2.617   1.00 39.05 ? 1011 LYS A O   1 
ATOM   276  C CB  . LYS A 1 33  ? 11.287  5.579   5.776   1.00 39.85 ? 1011 LYS A CB  1 
ATOM   277  C CG  . LYS A 1 33  ? 11.242  5.058   7.203   1.00 44.80 ? 1011 LYS A CG  1 
ATOM   278  C CD  . LYS A 1 33  ? 12.605  5.179   7.880   1.00 44.30 ? 1011 LYS A CD  1 
ATOM   279  N N   . PRO A 1 34  ? 9.695   7.339   3.632   1.00 40.84 ? 1012 PRO A N   1 
ATOM   280  C CA  . PRO A 1 34  ? 9.896   8.146   2.426   1.00 46.53 ? 1012 PRO A CA  1 
ATOM   281  C C   . PRO A 1 34  ? 11.374  8.231   2.080   1.00 49.03 ? 1012 PRO A C   1 
ATOM   282  O O   . PRO A 1 34  ? 12.243  8.220   2.957   1.00 49.36 ? 1012 PRO A O   1 
ATOM   283  C CB  . PRO A 1 34  ? 9.329   9.520   2.809   1.00 45.67 ? 1012 PRO A CB  1 
ATOM   284  C CG  . PRO A 1 34  ? 8.451   9.275   3.989   1.00 41.88 ? 1012 PRO A CG  1 
ATOM   285  C CD  . PRO A 1 34  ? 9.051   8.103   4.713   1.00 38.80 ? 1012 PRO A CD  1 
ATOM   286  N N   . VAL A 1 35  ? 11.650  8.302   0.782   1.00 50.34 ? 1013 VAL A N   1 
ATOM   287  C CA  . VAL A 1 35  ? 13.015  8.459   0.287   1.00 55.46 ? 1013 VAL A CA  1 
ATOM   288  C C   . VAL A 1 35  ? 13.662  9.718   0.863   1.00 56.67 ? 1013 VAL A C   1 
ATOM   289  O O   . VAL A 1 35  ? 12.982  10.708  1.136   1.00 61.89 ? 1013 VAL A O   1 
ATOM   290  C CB  . VAL A 1 35  ? 13.041  8.494   -1.255  1.00 55.67 ? 1013 VAL A CB  1 
ATOM   291  C CG1 . VAL A 1 35  ? 14.287  9.216   -1.749  1.00 61.81 ? 1013 VAL A CG1 1 
ATOM   292  C CG2 . VAL A 1 35  ? 12.976  7.079   -1.814  1.00 54.91 ? 1013 VAL A CG2 1 
ATOM   293  N N   . ASP A 1 38  ? 17.835  13.488  1.298   1.00 81.82 ? 1016 ASP A N   1 
ATOM   294  C CA  . ASP A 1 38  ? 19.039  14.104  0.754   1.00 82.81 ? 1016 ASP A CA  1 
ATOM   295  C C   . ASP A 1 38  ? 19.915  13.074  0.049   1.00 83.70 ? 1016 ASP A C   1 
ATOM   296  O O   . ASP A 1 38  ? 20.686  13.414  -0.848  1.00 84.05 ? 1016 ASP A O   1 
ATOM   297  C CB  . ASP A 1 38  ? 19.835  14.800  1.860   1.00 82.21 ? 1016 ASP A CB  1 
ATOM   298  N N   . GLU A 1 39  ? 19.789  11.810  0.465   1.00 82.60 ? 1017 GLU A N   1 
ATOM   299  C CA  . GLU A 1 39  ? 20.602  10.752  -0.128  1.00 82.32 ? 1017 GLU A CA  1 
ATOM   300  C C   . GLU A 1 39  ? 20.311  10.582  -1.613  1.00 82.69 ? 1017 GLU A C   1 
ATOM   301  O O   . GLU A 1 39  ? 21.215  10.251  -2.390  1.00 81.12 ? 1017 GLU A O   1 
ATOM   302  C CB  . GLU A 1 39  ? 20.371  9.433   0.613   1.00 81.14 ? 1017 GLU A CB  1 
ATOM   303  N N   . VAL A 1 40  ? 19.068  10.806  -2.028  1.00 81.85 ? 1018 VAL A N   1 
ATOM   304  C CA  . VAL A 1 40  ? 18.681  10.643  -3.427  1.00 79.90 ? 1018 VAL A CA  1 
ATOM   305  C C   . VAL A 1 40  ? 18.244  11.994  -3.982  1.00 80.65 ? 1018 VAL A C   1 
ATOM   306  O O   . VAL A 1 40  ? 17.072  12.375  -3.835  1.00 76.82 ? 1018 VAL A O   1 
ATOM   307  C CB  . VAL A 1 40  ? 17.571  9.593   -3.577  1.00 77.40 ? 1018 VAL A CB  1 
ATOM   308  C CG1 . VAL A 1 40  ? 17.315  9.321   -5.036  1.00 74.24 ? 1018 VAL A CG1 1 
ATOM   309  C CG2 . VAL A 1 40  ? 17.952  8.305   -2.851  1.00 77.18 ? 1018 VAL A CG2 1 
ATOM   310  N N   . PRO A 1 41  ? 19.144  12.746  -4.626  1.00 81.66 ? 1019 PRO A N   1 
ATOM   311  C CA  . PRO A 1 41  ? 18.767  14.085  -5.106  1.00 80.08 ? 1019 PRO A CA  1 
ATOM   312  C C   . PRO A 1 41  ? 17.734  14.070  -6.222  1.00 76.79 ? 1019 PRO A C   1 
ATOM   313  O O   . PRO A 1 41  ? 16.918  14.997  -6.298  1.00 76.83 ? 1019 PRO A O   1 
ATOM   314  C CB  . PRO A 1 41  ? 20.100  14.678  -5.588  1.00 80.93 ? 1019 PRO A CB  1 
ATOM   315  C CG  . PRO A 1 41  ? 21.000  13.499  -5.807  1.00 79.97 ? 1019 PRO A CG  1 
ATOM   316  C CD  . PRO A 1 41  ? 20.577  12.463  -4.817  1.00 81.33 ? 1019 PRO A CD  1 
ATOM   317  N N   . ASP A 1 42  ? 17.734  13.059  -7.087  1.00 75.84 ? 1020 ASP A N   1 
ATOM   318  C CA  . ASP A 1 42  ? 16.879  13.054  -8.267  1.00 75.90 ? 1020 ASP A CA  1 
ATOM   319  C C   . ASP A 1 42  ? 15.563  12.311  -8.061  1.00 74.12 ? 1020 ASP A C   1 
ATOM   320  O O   . ASP A 1 42  ? 14.841  12.078  -9.036  1.00 71.94 ? 1020 ASP A O   1 
ATOM   321  C CB  . ASP A 1 42  ? 17.629  12.457  -9.460  1.00 74.35 ? 1020 ASP A CB  1 
ATOM   322  C CG  . ASP A 1 42  ? 17.644  10.943  -9.445  1.00 72.28 ? 1020 ASP A CG  1 
ATOM   323  O OD1 . ASP A 1 42  ? 18.155  10.361  -8.466  1.00 73.34 ? 1020 ASP A OD1 1 
ATOM   324  O OD2 . ASP A 1 42  ? 17.142  10.334  -10.414 1.00 73.45 ? 1020 ASP A OD2 1 
ATOM   325  N N   . TYR A 1 43  ? 15.223  11.942  -6.824  1.00 72.32 ? 1021 TYR A N   1 
ATOM   326  C CA  . TYR A 1 43  ? 13.965  11.231  -6.613  1.00 69.29 ? 1021 TYR A CA  1 
ATOM   327  C C   . TYR A 1 43  ? 12.771  12.171  -6.719  1.00 66.78 ? 1021 TYR A C   1 
ATOM   328  O O   . TYR A 1 43  ? 11.755  11.825  -7.335  1.00 64.76 ? 1021 TYR A O   1 
ATOM   329  C CB  . TYR A 1 43  ? 13.964  10.524  -5.256  1.00 65.32 ? 1021 TYR A CB  1 
ATOM   330  C CG  . TYR A 1 43  ? 12.944  9.409   -5.178  1.00 57.60 ? 1021 TYR A CG  1 
ATOM   331  C CD1 . TYR A 1 43  ? 13.178  8.183   -5.791  1.00 55.52 ? 1021 TYR A CD1 1 
ATOM   332  C CD2 . TYR A 1 43  ? 11.733  9.591   -4.518  1.00 57.97 ? 1021 TYR A CD2 1 
ATOM   333  C CE1 . TYR A 1 43  ? 12.244  7.162   -5.731  1.00 52.96 ? 1021 TYR A CE1 1 
ATOM   334  C CE2 . TYR A 1 43  ? 10.789  8.577   -4.456  1.00 50.22 ? 1021 TYR A CE2 1 
ATOM   335  C CZ  . TYR A 1 43  ? 11.052  7.366   -5.062  1.00 51.08 ? 1021 TYR A CZ  1 
ATOM   336  O OH  . TYR A 1 43  ? 10.117  6.356   -5.006  1.00 43.63 ? 1021 TYR A OH  1 
ATOM   337  N N   . VAL A 1 44  ? 12.885  13.372  -6.141  1.00 72.35 ? 1022 VAL A N   1 
ATOM   338  C CA  . VAL A 1 44  ? 11.742  14.276  -6.028  1.00 70.54 ? 1022 VAL A CA  1 
ATOM   339  C C   . VAL A 1 44  ? 11.244  14.728  -7.394  1.00 69.43 ? 1022 VAL A C   1 
ATOM   340  O O   . VAL A 1 44  ? 10.050  15.008  -7.563  1.00 70.61 ? 1022 VAL A O   1 
ATOM   341  C CB  . VAL A 1 44  ? 12.105  15.484  -5.141  1.00 73.99 ? 1022 VAL A CB  1 
ATOM   342  N N   . THR A 1 45  ? 12.131  14.815  -8.386  1.00 70.79 ? 1023 THR A N   1 
ATOM   343  C CA  . THR A 1 45  ? 11.719  15.251  -9.715  1.00 69.55 ? 1023 THR A CA  1 
ATOM   344  C C   . THR A 1 45  ? 11.303  14.099  -10.619 1.00 68.86 ? 1023 THR A C   1 
ATOM   345  O O   . THR A 1 45  ? 10.488  14.299  -11.529 1.00 68.99 ? 1023 THR A O   1 
ATOM   346  C CB  . THR A 1 45  ? 12.841  16.047  -10.391 1.00 72.65 ? 1023 THR A CB  1 
ATOM   347  O OG1 . THR A 1 45  ? 14.025  15.242  -10.477 1.00 72.87 ? 1023 THR A OG1 1 
ATOM   348  C CG2 . THR A 1 45  ? 13.140  17.320  -9.607  1.00 68.23 ? 1023 THR A CG2 1 
ATOM   349  N N   . VAL A 1 46  ? 11.839  12.899  -10.394 1.00 65.27 ? 1024 VAL A N   1 
ATOM   350  C CA  . VAL A 1 46  ? 11.469  11.752  -11.219 1.00 62.70 ? 1024 VAL A CA  1 
ATOM   351  C C   . VAL A 1 46  ? 10.122  11.189  -10.785 1.00 59.80 ? 1024 VAL A C   1 
ATOM   352  O O   . VAL A 1 46  ? 9.223   10.976  -11.608 1.00 57.28 ? 1024 VAL A O   1 
ATOM   353  C CB  . VAL A 1 46  ? 12.573  10.679  -11.165 1.00 60.43 ? 1024 VAL A CB  1 
ATOM   354  C CG1 . VAL A 1 46  ? 12.075  9.365   -11.754 1.00 60.87 ? 1024 VAL A CG1 1 
ATOM   355  C CG2 . VAL A 1 46  ? 13.810  11.160  -11.897 1.00 62.68 ? 1024 VAL A CG2 1 
ATOM   356  N N   . ILE A 1 47  ? 9.960   10.945  -9.490  1.00 54.50 ? 1025 ILE A N   1 
ATOM   357  C CA  . ILE A 1 47  ? 8.750   10.335  -8.954  1.00 49.41 ? 1025 ILE A CA  1 
ATOM   358  C C   . ILE A 1 47  ? 7.799   11.453  -8.550  1.00 46.98 ? 1025 ILE A C   1 
ATOM   359  O O   . ILE A 1 47  ? 8.018   12.139  -7.548  1.00 45.63 ? 1025 ILE A O   1 
ATOM   360  C CB  . ILE A 1 47  ? 9.068   9.410   -7.773  1.00 46.95 ? 1025 ILE A CB  1 
ATOM   361  C CG1 . ILE A 1 47  ? 10.086  8.349   -8.194  1.00 48.74 ? 1025 ILE A CG1 1 
ATOM   362  C CG2 . ILE A 1 47  ? 7.798   8.750   -7.249  1.00 42.45 ? 1025 ILE A CG2 1 
ATOM   363  C CD1 . ILE A 1 47  ? 9.522   7.305   -9.151  1.00 43.23 ? 1025 ILE A CD1 1 
ATOM   364  N N   . LYS A 1 48  ? 6.731   11.628  -9.332  1.00 44.33 ? 1026 LYS A N   1 
ATOM   365  C CA  . LYS A 1 48  ? 5.793   12.715  -9.079  1.00 43.54 ? 1026 LYS A CA  1 
ATOM   366  C C   . LYS A 1 48  ? 4.926   12.444  -7.859  1.00 44.68 ? 1026 LYS A C   1 
ATOM   367  O O   . LYS A 1 48  ? 4.452   13.390  -7.216  1.00 40.49 ? 1026 LYS A O   1 
ATOM   368  C CB  . LYS A 1 48  ? 4.914   12.940  -10.308 1.00 47.44 ? 1026 LYS A CB  1 
ATOM   369  N N   . GLN A 1 49  ? 4.708   11.174  -7.521  1.00 40.24 ? 1027 GLN A N   1 
ATOM   370  C CA  . GLN A 1 49  ? 3.829   10.803  -6.416  1.00 37.88 ? 1027 GLN A CA  1 
ATOM   371  C C   . GLN A 1 49  ? 4.502   9.746   -5.557  1.00 34.37 ? 1027 GLN A C   1 
ATOM   372  O O   . GLN A 1 49  ? 4.207   8.548   -5.681  1.00 36.84 ? 1027 GLN A O   1 
ATOM   373  C CB  . GLN A 1 49  ? 2.477   10.312  -6.926  1.00 38.12 ? 1027 GLN A CB  1 
ATOM   374  C CG  . GLN A 1 49  ? 1.460   10.228  -5.813  1.00 35.91 ? 1027 GLN A CG  1 
ATOM   375  C CD  . GLN A 1 49  ? 0.092   9.846   -6.298  1.00 41.13 ? 1027 GLN A CD  1 
ATOM   376  O OE1 . GLN A 1 49  ? -0.081  9.434   -7.447  1.00 44.97 ? 1027 GLN A OE1 1 
ATOM   377  N NE2 . GLN A 1 49  ? -0.898  9.967   -5.416  1.00 39.62 ? 1027 GLN A NE2 1 
ATOM   378  N N   . PRO A 1 50  ? 5.397   10.153  -4.661  1.00 36.83 ? 1028 PRO A N   1 
ATOM   379  C CA  . PRO A 1 50  ? 6.040   9.190   -3.760  1.00 35.89 ? 1028 PRO A CA  1 
ATOM   380  C C   . PRO A 1 50  ? 5.019   8.498   -2.866  1.00 37.47 ? 1028 PRO A C   1 
ATOM   381  O O   . PRO A 1 50  ? 4.013   9.080   -2.462  1.00 31.26 ? 1028 PRO A O   1 
ATOM   382  C CB  . PRO A 1 50  ? 6.998   10.056  -2.934  1.00 38.76 ? 1028 PRO A CB  1 
ATOM   383  C CG  . PRO A 1 50  ? 7.137   11.340  -3.698  1.00 44.03 ? 1028 PRO A CG  1 
ATOM   384  C CD  . PRO A 1 50  ? 5.839   11.536  -4.412  1.00 39.81 ? 1028 PRO A CD  1 
ATOM   385  N N   . MET A 1 51  ? 5.290   7.235   -2.550  1.00 31.34 ? 1029 MET A N   1 
ATOM   386  C CA  . MET A 1 51  ? 4.416   6.494   -1.652  1.00 28.13 ? 1029 MET A CA  1 
ATOM   387  C C   . MET A 1 51  ? 5.275   5.477   -0.920  1.00 29.58 ? 1029 MET A C   1 
ATOM   388  O O   . MET A 1 51  ? 6.226   4.941   -1.492  1.00 29.63 ? 1029 MET A O   1 
ATOM   389  C CB  . MET A 1 51  ? 3.270   5.809   -2.411  1.00 26.53 ? 1029 MET A CB  1 
ATOM   390  C CG  . MET A 1 51  ? 2.170   5.179   -1.508  1.00 27.39 ? 1029 MET A CG  1 
ATOM   391  S SD  . MET A 1 51  ? 1.467   6.309   -0.292  1.00 31.65 ? 1029 MET A SD  1 
ATOM   392  C CE  . MET A 1 51  ? 0.740   7.530   -1.402  1.00 29.74 ? 1029 MET A CE  1 
ATOM   393  N N   . ASP A 1 52  ? 4.960   5.248   0.349   1.00 26.89 ? 1030 ASP A N   1 
ATOM   394  C CA  . ASP A 1 52  ? 5.708   4.319   1.186   1.00 26.87 ? 1030 ASP A CA  1 
ATOM   395  C C   . ASP A 1 52  ? 4.768   3.832   2.276   1.00 28.16 ? 1030 ASP A C   1 
ATOM   396  O O   . ASP A 1 52  ? 3.667   4.356   2.437   1.00 26.55 ? 1030 ASP A O   1 
ATOM   397  C CB  . ASP A 1 52  ? 6.942   4.981   1.792   1.00 31.68 ? 1030 ASP A CB  1 
ATOM   398  C CG  . ASP A 1 52  ? 6.584   6.065   2.783   1.00 36.29 ? 1030 ASP A CG  1 
ATOM   399  O OD1 . ASP A 1 52  ? 6.315   7.213   2.355   1.00 42.88 ? 1030 ASP A OD1 1 
ATOM   400  O OD2 . ASP A 1 52  ? 6.556   5.773   3.987   1.00 38.31 ? 1030 ASP A OD2 1 
ATOM   401  N N   . LEU A 1 53  ? 5.215   2.834   3.050   1.00 24.63 ? 1031 LEU A N   1 
ATOM   402  C CA  . LEU A 1 53  ? 4.287   2.199   3.990   1.00 25.80 ? 1031 LEU A CA  1 
ATOM   403  C C   . LEU A 1 53  ? 3.966   3.097   5.178   1.00 25.90 ? 1031 LEU A C   1 
ATOM   404  O O   . LEU A 1 53  ? 2.866   3.002   5.736   1.00 26.13 ? 1031 LEU A O   1 
ATOM   405  C CB  . LEU A 1 53  ? 4.852   0.861   4.473   1.00 24.08 ? 1031 LEU A CB  1 
ATOM   406  C CG  . LEU A 1 53  ? 4.962   -0.193  3.367   1.00 24.55 ? 1031 LEU A CG  1 
ATOM   407  C CD1 . LEU A 1 53  ? 5.701   -1.464  3.855   1.00 25.73 ? 1031 LEU A CD1 1 
ATOM   408  C CD2 . LEU A 1 53  ? 3.595   -0.552  2.802   1.00 26.67 ? 1031 LEU A CD2 1 
ATOM   409  N N   . SER A 1 54  ? 4.901   3.959   5.594   1.00 28.83 ? 1032 SER A N   1 
ATOM   410  C CA  . SER A 1 54  ? 4.576   4.916   6.652   1.00 30.26 ? 1032 SER A CA  1 
ATOM   411  C C   . SER A 1 54  ? 3.514   5.906   6.185   1.00 29.55 ? 1032 SER A C   1 
ATOM   412  O O   . SER A 1 54  ? 2.623   6.274   6.961   1.00 29.40 ? 1032 SER A O   1 
ATOM   413  C CB  A SER A 1 54  ? 5.833   5.651   7.110   0.45 32.53 ? 1032 SER A CB  1 
ATOM   414  C CB  B SER A 1 54  ? 5.835   5.657   7.105   0.55 33.39 ? 1032 SER A CB  1 
ATOM   415  O OG  A SER A 1 54  ? 6.344   6.455   6.065   0.45 34.02 ? 1032 SER A OG  1 
ATOM   416  O OG  B SER A 1 54  ? 6.642   4.827   7.920   0.55 35.49 ? 1032 SER A OG  1 
ATOM   417  N N   . SER A 1 55  ? 3.593   6.343   4.921   1.00 28.52 ? 1033 SER A N   1 
ATOM   418  C CA  . SER A 1 55  ? 2.572   7.232   4.371   1.00 27.74 ? 1033 SER A CA  1 
ATOM   419  C C   . SER A 1 55  ? 1.226   6.530   4.286   1.00 29.72 ? 1033 SER A C   1 
ATOM   420  O O   . SER A 1 55  ? 0.181   7.151   4.517   1.00 26.78 ? 1033 SER A O   1 
ATOM   421  C CB  . SER A 1 55  ? 2.987   7.749   2.993   1.00 35.49 ? 1033 SER A CB  1 
ATOM   422  O OG  . SER A 1 55  ? 4.165   8.521   3.088   1.00 38.43 ? 1033 SER A OG  1 
ATOM   423  N N   . VAL A 1 56  ? 1.238   5.239   3.937   1.00 24.92 ? 1034 VAL A N   1 
ATOM   424  C CA  . VAL A 1 56  ? 0.005   4.457   3.890   1.00 25.44 ? 1034 VAL A CA  1 
ATOM   425  C C   . VAL A 1 56  ? -0.648  4.418   5.267   1.00 23.95 ? 1034 VAL A C   1 
ATOM   426  O O   . VAL A 1 56  ? -1.867  4.589   5.393   1.00 25.09 ? 1034 VAL A O   1 
ATOM   427  C CB  . VAL A 1 56  ? 0.288   3.037   3.358   1.00 21.15 ? 1034 VAL A CB  1 
ATOM   428  C CG1 . VAL A 1 56  ? -0.920  2.119   3.592   1.00 24.12 ? 1034 VAL A CG1 1 
ATOM   429  C CG2 . VAL A 1 56  ? 0.622   3.083   1.871   1.00 24.37 ? 1034 VAL A CG2 1 
ATOM   430  N N   . ILE A 1 57  ? 0.146   4.167   6.318   1.00 23.53 ? 1035 ILE A N   1 
ATOM   431  C CA  . ILE A 1 57  ? -0.407  4.162   7.674   1.00 24.42 ? 1035 ILE A CA  1 
ATOM   432  C C   . ILE A 1 57  ? -1.033  5.513   7.997   1.00 25.91 ? 1035 ILE A C   1 
ATOM   433  O O   . ILE A 1 57  ? -2.132  5.589   8.563   1.00 25.66 ? 1035 ILE A O   1 
ATOM   434  C CB  . ILE A 1 57  ? 0.681   3.793   8.705   1.00 30.31 ? 1035 ILE A CB  1 
ATOM   435  C CG1 . ILE A 1 57  ? 1.097   2.326   8.565   1.00 29.80 ? 1035 ILE A CG1 1 
ATOM   436  C CG2 . ILE A 1 57  ? 0.185   4.071   10.132  1.00 31.06 ? 1035 ILE A CG2 1 
ATOM   437  C CD1 . ILE A 1 57  ? 0.081   1.360   9.153   1.00 34.39 ? 1035 ILE A CD1 1 
ATOM   438  N N   . SER A 1 58  ? -0.342  6.605   7.651   1.00 27.15 ? 1036 SER A N   1 
ATOM   439  C CA  . SER A 1 58  ? -0.906  7.934   7.891   1.00 26.08 ? 1036 SER A CA  1 
ATOM   440  C C   . SER A 1 58  ? -2.250  8.101   7.192   1.00 25.08 ? 1036 SER A C   1 
ATOM   441  O O   . SER A 1 58  ? -3.200  8.643   7.773   1.00 29.22 ? 1036 SER A O   1 
ATOM   442  C CB  . SER A 1 58  ? 0.081   9.008   7.425   1.00 29.63 ? 1036 SER A CB  1 
ATOM   443  O OG  . SER A 1 58  ? 1.243   8.981   8.228   1.00 35.61 ? 1036 SER A OG  1 
ATOM   444  N N   . LYS A 1 59  ? -2.357  7.627   5.949   1.00 23.12 ? 1037 LYS A N   1 
ATOM   445  C CA  . LYS A 1 59  ? -3.602  7.777   5.205   1.00 24.21 ? 1037 LYS A CA  1 
ATOM   446  C C   . LYS A 1 59  ? -4.723  6.935   5.809   1.00 24.88 ? 1037 LYS A C   1 
ATOM   447  O O   . LYS A 1 59  ? -5.887  7.356   5.814   1.00 24.11 ? 1037 LYS A O   1 
ATOM   448  C CB  . LYS A 1 59  ? -3.383  7.428   3.735   1.00 23.25 ? 1037 LYS A CB  1 
ATOM   449  C CG  . LYS A 1 59  ? -2.619  8.527   2.970   1.00 26.60 ? 1037 LYS A CG  1 
ATOM   450  C CD  . LYS A 1 59  ? -2.408  8.135   1.519   1.00 26.19 ? 1037 LYS A CD  1 
ATOM   451  C CE  . LYS A 1 59  ? -3.717  8.208   0.741   1.00 29.38 ? 1037 LYS A CE  1 
ATOM   452  N NZ  . LYS A 1 59  ? -3.523  8.128   -0.738  1.00 33.77 ? 1037 LYS A NZ  1 
ATOM   453  N N   . ILE A 1 60  ? -4.405  5.745   6.329   1.00 22.50 ? 1038 ILE A N   1 
ATOM   454  C CA  . ILE A 1 60  ? -5.434  4.988   7.046   1.00 22.41 ? 1038 ILE A CA  1 
ATOM   455  C C   . ILE A 1 60  ? -6.004  5.821   8.183   1.00 21.72 ? 1038 ILE A C   1 
ATOM   456  O O   . ILE A 1 60  ? -7.226  5.903   8.367   1.00 25.64 ? 1038 ILE A O   1 
ATOM   457  C CB  . ILE A 1 60  ? -4.870  3.662   7.591   1.00 21.63 ? 1038 ILE A CB  1 
ATOM   458  C CG1 . ILE A 1 60  ? -4.401  2.747   6.473   1.00 21.72 ? 1038 ILE A CG1 1 
ATOM   459  C CG2 . ILE A 1 60  ? -5.952  2.922   8.418   1.00 21.80 ? 1038 ILE A CG2 1 
ATOM   460  C CD1 . ILE A 1 60  ? -3.560  1.548   7.003   1.00 22.45 ? 1038 ILE A CD1 1 
ATOM   461  N N   . ASP A 1 61  ? -5.119  6.400   9.000   1.00 23.11 ? 1039 ASP A N   1 
ATOM   462  C CA  . ASP A 1 61  ? -5.543  7.140   10.186  1.00 27.31 ? 1039 ASP A CA  1 
ATOM   463  C C   . ASP A 1 61  ? -6.251  8.441   9.835   1.00 29.80 ? 1039 ASP A C   1 
ATOM   464  O O   . ASP A 1 61  ? -7.044  8.934   10.645  1.00 29.59 ? 1039 ASP A O   1 
ATOM   465  C CB  . ASP A 1 61  ? -4.341  7.428   11.093  1.00 28.01 ? 1039 ASP A CB  1 
ATOM   466  C CG  . ASP A 1 61  ? -3.765  6.158   11.723  1.00 31.38 ? 1039 ASP A CG  1 
ATOM   467  O OD1 . ASP A 1 61  ? -4.442  5.108   11.665  1.00 33.53 ? 1039 ASP A OD1 1 
ATOM   468  O OD2 . ASP A 1 61  ? -2.631  6.207   12.256  1.00 34.06 ? 1039 ASP A OD2 1 
ATOM   469  N N   . LEU A 1 62  ? -5.990  8.997   8.655   1.00 27.03 ? 1040 LEU A N   1 
ATOM   470  C CA  . LEU A 1 62  ? -6.718  10.155  8.143   1.00 27.13 ? 1040 LEU A CA  1 
ATOM   471  C C   . LEU A 1 62  ? -8.020  9.779   7.443   1.00 30.24 ? 1040 LEU A C   1 
ATOM   472  O O   . LEU A 1 62  ? -8.669  10.654  6.861   1.00 32.19 ? 1040 LEU A O   1 
ATOM   473  C CB  . LEU A 1 62  ? -5.830  10.952  7.182   1.00 29.81 ? 1040 LEU A CB  1 
ATOM   474  C CG  . LEU A 1 62  ? -4.603  11.637  7.780   1.00 33.79 ? 1040 LEU A CG  1 
ATOM   475  C CD1 . LEU A 1 62  ? -3.727  12.193  6.661   1.00 31.09 ? 1040 LEU A CD1 1 
ATOM   476  C CD2 . LEU A 1 62  ? -5.013  12.745  8.739   1.00 34.83 ? 1040 LEU A CD2 1 
ATOM   477  N N   . HIS A 1 63  ? -8.408  8.502   7.484   1.00 29.57 ? 1041 HIS A N   1 
ATOM   478  C CA  . HIS A 1 63  ? -9.655  8.013   6.891   1.00 27.76 ? 1041 HIS A CA  1 
ATOM   479  C C   . HIS A 1 63  ? -9.695  8.247   5.383   1.00 28.29 ? 1041 HIS A C   1 
ATOM   480  O O   . HIS A 1 63  ? -10.746 8.533   4.808   1.00 32.40 ? 1041 HIS A O   1 
ATOM   481  C CB  . HIS A 1 63  ? -10.883 8.633   7.576   1.00 29.04 ? 1041 HIS A CB  1 
ATOM   482  C CG  . HIS A 1 63  ? -10.969 8.363   9.044   1.00 29.77 ? 1041 HIS A CG  1 
ATOM   483  N ND1 . HIS A 1 63  ? -12.093 8.655   9.784   1.00 33.64 ? 1041 HIS A ND1 1 
ATOM   484  C CD2 . HIS A 1 63  ? -10.075 7.831   9.915   1.00 27.46 ? 1041 HIS A CD2 1 
ATOM   485  C CE1 . HIS A 1 63  ? -11.887 8.326   11.046  1.00 31.61 ? 1041 HIS A CE1 1 
ATOM   486  N NE2 . HIS A 1 63  ? -10.670 7.822   11.152  1.00 32.37 ? 1041 HIS A NE2 1 
ATOM   487  N N   . LYS A 1 64  ? -8.540  8.112   4.725   1.00 26.65 ? 1042 LYS A N   1 
ATOM   488  C CA  . LYS A 1 64  ? -8.475  8.294   3.281   1.00 28.33 ? 1042 LYS A CA  1 
ATOM   489  C C   . LYS A 1 64  ? -8.826  7.041   2.491   1.00 28.42 ? 1042 LYS A C   1 
ATOM   490  O O   . LYS A 1 64  ? -9.041  7.145   1.283   1.00 29.76 ? 1042 LYS A O   1 
ATOM   491  C CB  . LYS A 1 64  ? -7.079  8.760   2.863   1.00 27.77 ? 1042 LYS A CB  1 
ATOM   492  C CG  . LYS A 1 64  ? -6.614  10.024  3.556   1.00 33.86 ? 1042 LYS A CG  1 
ATOM   493  C CD  . LYS A 1 64  ? -7.118  11.254  2.848   1.00 41.45 ? 1042 LYS A CD  1 
ATOM   494  C CE  . LYS A 1 64  ? -6.353  12.494  3.293   1.00 43.18 ? 1042 LYS A CE  1 
ATOM   495  N NZ  . LYS A 1 64  ? -6.736  13.679  2.476   1.00 53.33 ? 1042 LYS A NZ  1 
ATOM   496  N N   . TYR A 1 65  ? -8.870  5.860   3.121   1.00 26.49 ? 1043 TYR A N   1 
ATOM   497  C CA  . TYR A 1 65  ? -9.220  4.624   2.426   1.00 26.06 ? 1043 TYR A CA  1 
ATOM   498  C C   . TYR A 1 65  ? -10.614 4.200   2.867   1.00 26.80 ? 1043 TYR A C   1 
ATOM   499  O O   . TYR A 1 65  ? -10.809 3.832   4.027   1.00 31.22 ? 1043 TYR A O   1 
ATOM   500  C CB  . TYR A 1 65  ? -8.222  3.500   2.712   1.00 23.70 ? 1043 TYR A CB  1 
ATOM   501  C CG  . TYR A 1 65  ? -6.777  3.828   2.354   1.00 23.06 ? 1043 TYR A CG  1 
ATOM   502  C CD1 . TYR A 1 65  ? -6.416  4.176   1.053   1.00 26.92 ? 1043 TYR A CD1 1 
ATOM   503  C CD2 . TYR A 1 65  ? -5.786  3.779   3.327   1.00 24.28 ? 1043 TYR A CD2 1 
ATOM   504  C CE1 . TYR A 1 65  ? -5.076  4.474   0.737   1.00 24.40 ? 1043 TYR A CE1 1 
ATOM   505  C CE2 . TYR A 1 65  ? -4.463  4.072   3.026   1.00 23.94 ? 1043 TYR A CE2 1 
ATOM   506  C CZ  . TYR A 1 65  ? -4.116  4.408   1.738   1.00 25.70 ? 1043 TYR A CZ  1 
ATOM   507  O OH  . TYR A 1 65  ? -2.795  4.695   1.469   1.00 26.03 ? 1043 TYR A OH  1 
ATOM   508  N N   . LEU A 1 66  ? -11.576 4.244   1.942   1.00 26.36 ? 1044 LEU A N   1 
ATOM   509  C CA  . LEU A 1 66  ? -12.917 3.738   2.225   1.00 27.80 ? 1044 LEU A CA  1 
ATOM   510  C C   . LEU A 1 66  ? -13.172 2.363   1.622   1.00 29.07 ? 1044 LEU A C   1 
ATOM   511  O O   . LEU A 1 66  ? -14.223 1.770   1.890   1.00 29.19 ? 1044 LEU A O   1 
ATOM   512  C CB  . LEU A 1 66  ? -13.987 4.713   1.703   1.00 28.92 ? 1044 LEU A CB  1 
ATOM   513  C CG  . LEU A 1 66  ? -14.008 6.132   2.264   1.00 37.11 ? 1044 LEU A CG  1 
ATOM   514  C CD1 . LEU A 1 66  ? -15.335 6.793   1.907   1.00 39.11 ? 1044 LEU A CD1 1 
ATOM   515  C CD2 . LEU A 1 66  ? -13.790 6.133   3.757   1.00 34.87 ? 1044 LEU A CD2 1 
ATOM   516  N N   . THR A 1 67  ? -12.251 1.850   0.806   1.00 26.83 ? 1045 THR A N   1 
ATOM   517  C CA  . THR A 1 67  ? -12.385 0.535   0.198   1.00 27.57 ? 1045 THR A CA  1 
ATOM   518  C C   . THR A 1 67  ? -11.010 -0.113  0.138   1.00 28.92 ? 1045 THR A C   1 
ATOM   519  O O   . THR A 1 67  ? -9.983  0.569   0.182   1.00 26.58 ? 1045 THR A O   1 
ATOM   520  C CB  . THR A 1 67  ? -12.948 0.587   -1.229  1.00 32.61 ? 1045 THR A CB  1 
ATOM   521  O OG1 . THR A 1 67  ? -12.021 1.281   -2.074  1.00 33.88 ? 1045 THR A OG1 1 
ATOM   522  C CG2 . THR A 1 67  ? -14.315 1.279   -1.282  1.00 33.14 ? 1045 THR A CG2 1 
ATOM   523  N N   . VAL A 1 68  ? -10.993 -1.443  0.014   1.00 25.83 ? 1046 VAL A N   1 
ATOM   524  C CA  . VAL A 1 68  ? -9.699  -2.092  -0.147  1.00 27.93 ? 1046 VAL A CA  1 
ATOM   525  C C   . VAL A 1 68  ? -9.076  -1.704  -1.487  1.00 27.98 ? 1046 VAL A C   1 
ATOM   526  O O   . VAL A 1 68  ? -7.850  -1.640  -1.608  1.00 29.19 ? 1046 VAL A O   1 
ATOM   527  C CB  . VAL A 1 68  ? -9.803  -3.621  0.015   1.00 32.69 ? 1046 VAL A CB  1 
ATOM   528  C CG1 . VAL A 1 68  ? -10.272 -4.269  -1.251  1.00 38.53 ? 1046 VAL A CG1 1 
ATOM   529  C CG2 . VAL A 1 68  ? -8.438  -4.194  0.404   1.00 34.54 ? 1046 VAL A CG2 1 
ATOM   530  N N   . LYS A 1 69  ? -9.894  -1.384  -2.500  1.00 32.19 ? 1047 LYS A N   1 
ATOM   531  C CA  . LYS A 1 69  ? -9.335  -0.950  -3.778  1.00 31.97 ? 1047 LYS A CA  1 
ATOM   532  C C   . LYS A 1 69  ? -8.559  0.355   -3.639  1.00 31.31 ? 1047 LYS A C   1 
ATOM   533  O O   . LYS A 1 69  ? -7.504  0.523   -4.269  1.00 32.34 ? 1047 LYS A O   1 
ATOM   534  C CB  . LYS A 1 69  ? -10.440 -0.798  -4.827  1.00 37.61 ? 1047 LYS A CB  1 
ATOM   535  C CG  . LYS A 1 69  ? -10.843 -2.092  -5.498  1.00 43.89 ? 1047 LYS A CG  1 
ATOM   536  C CD  . LYS A 1 69  ? -11.906 -1.838  -6.565  1.00 48.39 ? 1047 LYS A CD  1 
ATOM   537  N N   . ASP A 1 70  ? -9.070  1.303   -2.837  1.00 28.51 ? 1048 ASP A N   1 
ATOM   538  C CA  . ASP A 1 70  ? -8.319  2.529   -2.562  1.00 29.48 ? 1048 ASP A CA  1 
ATOM   539  C C   . ASP A 1 70  ? -6.955  2.208   -1.964  1.00 29.53 ? 1048 ASP A C   1 
ATOM   540  O O   . ASP A 1 70  ? -5.945  2.830   -2.309  1.00 27.62 ? 1048 ASP A O   1 
ATOM   541  C CB  . ASP A 1 70  ? -9.068  3.437   -1.576  1.00 33.41 ? 1048 ASP A CB  1 
ATOM   542  C CG  . ASP A 1 70  ? -10.400 3.958   -2.101  1.00 40.99 ? 1048 ASP A CG  1 
ATOM   543  O OD1 . ASP A 1 70  ? -10.626 3.927   -3.325  1.00 40.82 ? 1048 ASP A OD1 1 
ATOM   544  O OD2 . ASP A 1 70  ? -11.211 4.427   -1.257  1.00 40.86 ? 1048 ASP A OD2 1 
ATOM   545  N N   . TYR A 1 71  ? -6.924  1.260   -1.029  1.00 25.97 ? 1049 TYR A N   1 
ATOM   546  C CA  . TYR A 1 71  ? -5.679  0.886   -0.368  1.00 24.03 ? 1049 TYR A CA  1 
ATOM   547  C C   . TYR A 1 71  ? -4.717  0.225   -1.347  1.00 24.89 ? 1049 TYR A C   1 
ATOM   548  O O   . TYR A 1 71  ? -3.530  0.580   -1.407  1.00 27.35 ? 1049 TYR A O   1 
ATOM   549  C CB  . TYR A 1 71  ? -5.999  -0.057  0.790   1.00 23.83 ? 1049 TYR A CB  1 
ATOM   550  C CG  . TYR A 1 71  ? -4.812  -0.699  1.475   1.00 23.02 ? 1049 TYR A CG  1 
ATOM   551  C CD1 . TYR A 1 71  ? -4.130  -0.039  2.499   1.00 20.40 ? 1049 TYR A CD1 1 
ATOM   552  C CD2 . TYR A 1 71  ? -4.398  -1.982  1.123   1.00 24.84 ? 1049 TYR A CD2 1 
ATOM   553  C CE1 . TYR A 1 71  ? -3.055  -0.650  3.149   1.00 22.48 ? 1049 TYR A CE1 1 
ATOM   554  C CE2 . TYR A 1 71  ? -3.328  -2.590  1.766   1.00 22.34 ? 1049 TYR A CE2 1 
ATOM   555  C CZ  . TYR A 1 71  ? -2.662  -1.920  2.767   1.00 21.84 ? 1049 TYR A CZ  1 
ATOM   556  O OH  . TYR A 1 71  ? -1.609  -2.541  3.415   1.00 21.98 ? 1049 TYR A OH  1 
ATOM   557  N N   . LEU A 1 72  ? -5.216  -0.737  -2.123  1.00 24.29 ? 1050 LEU A N   1 
ATOM   558  C CA  . LEU A 1 72  ? -4.349  -1.457  -3.052  1.00 25.31 ? 1050 LEU A CA  1 
ATOM   559  C C   . LEU A 1 72  ? -3.811  -0.534  -4.136  1.00 28.50 ? 1050 LEU A C   1 
ATOM   560  O O   . LEU A 1 72  ? -2.721  -0.780  -4.661  1.00 28.95 ? 1050 LEU A O   1 
ATOM   561  C CB  . LEU A 1 72  ? -5.092  -2.640  -3.668  1.00 26.12 ? 1050 LEU A CB  1 
ATOM   562  C CG  . LEU A 1 72  ? -5.312  -3.823  -2.722  1.00 28.03 ? 1050 LEU A CG  1 
ATOM   563  C CD1 . LEU A 1 72  ? -6.156  -4.891  -3.383  1.00 30.33 ? 1050 LEU A CD1 1 
ATOM   564  C CD2 . LEU A 1 72  ? -3.970  -4.376  -2.270  1.00 28.42 ? 1050 LEU A CD2 1 
ATOM   565  N N   . ARG A 1 73  ? -4.531  0.542   -4.467  1.00 27.97 ? 1051 ARG A N   1 
ATOM   566  C CA  . ARG A 1 73  ? -3.984  1.498   -5.429  1.00 30.58 ? 1051 ARG A CA  1 
ATOM   567  C C   . ARG A 1 73  ? -2.693  2.117   -4.908  1.00 28.46 ? 1051 ARG A C   1 
ATOM   568  O O   . ARG A 1 73  ? -1.749  2.341   -5.678  1.00 28.30 ? 1051 ARG A O   1 
ATOM   569  C CB  . ARG A 1 73  ? -5.016  2.584   -5.753  1.00 34.53 ? 1051 ARG A CB  1 
ATOM   570  C CG  . ARG A 1 73  ? -4.492  3.686   -6.660  1.00 39.91 ? 1051 ARG A CG  1 
ATOM   571  C CD  . ARG A 1 73  ? -5.618  4.623   -7.105  1.00 46.15 ? 1051 ARG A CD  1 
ATOM   572  N NE  . ARG A 1 73  ? -6.856  3.882   -7.336  1.00 48.44 ? 1051 ARG A NE  1 
ATOM   573  C CZ  . ARG A 1 73  ? -7.946  3.998   -6.585  1.00 47.53 ? 1051 ARG A CZ  1 
ATOM   574  N NH1 . ARG A 1 73  ? -7.959  4.837   -5.556  1.00 48.17 ? 1051 ARG A NH1 1 
ATOM   575  N NH2 . ARG A 1 73  ? -9.025  3.274   -6.865  1.00 50.75 ? 1051 ARG A NH2 1 
ATOM   576  N N   . ASP A 1 74  ? -2.609  2.362   -3.596  1.00 27.08 ? 1052 ASP A N   1 
ATOM   577  C CA  . ASP A 1 74  ? -1.383  2.923   -3.039  1.00 24.83 ? 1052 ASP A CA  1 
ATOM   578  C C   . ASP A 1 74  ? -0.286  1.867   -2.886  1.00 25.59 ? 1052 ASP A C   1 
ATOM   579  O O   . ASP A 1 74  ? 0.896   2.193   -3.046  1.00 24.86 ? 1052 ASP A O   1 
ATOM   580  C CB  . ASP A 1 74  ? -1.666  3.617   -1.708  1.00 27.79 ? 1052 ASP A CB  1 
ATOM   581  C CG  . ASP A 1 74  ? -2.041  5.098   -1.888  1.00 30.80 ? 1052 ASP A CG  1 
ATOM   582  O OD1 . ASP A 1 74  ? -1.927  5.618   -3.028  1.00 31.60 ? 1052 ASP A OD1 1 
ATOM   583  O OD2 . ASP A 1 74  ? -2.440  5.741   -0.892  1.00 29.07 ? 1052 ASP A OD2 1 
ATOM   584  N N   . ILE A 1 75  ? -0.640  0.611   -2.595  1.00 25.84 ? 1053 ILE A N   1 
ATOM   585  C CA  . ILE A 1 75  ? 0.363   -0.455  -2.634  1.00 24.26 ? 1053 ILE A CA  1 
ATOM   586  C C   . ILE A 1 75  ? 0.912   -0.602  -4.047  1.00 25.01 ? 1053 ILE A C   1 
ATOM   587  O O   . ILE A 1 75  ? 2.127   -0.716  -4.254  1.00 28.25 ? 1053 ILE A O   1 
ATOM   588  C CB  . ILE A 1 75  ? -0.230  -1.785  -2.136  1.00 24.99 ? 1053 ILE A CB  1 
ATOM   589  C CG1 . ILE A 1 75  ? -0.747  -1.650  -0.698  1.00 23.88 ? 1053 ILE A CG1 1 
ATOM   590  C CG2 . ILE A 1 75  ? 0.818   -2.907  -2.260  1.00 25.97 ? 1053 ILE A CG2 1 
ATOM   591  C CD1 . ILE A 1 75  ? 0.313   -1.295  0.352   1.00 24.25 ? 1053 ILE A CD1 1 
ATOM   592  N N   . ASP A 1 76  ? 0.020   -0.597  -5.040  1.00 24.22 ? 1054 ASP A N   1 
ATOM   593  C CA  . ASP A 1 76  ? 0.449   -0.670  -6.433  1.00 27.39 ? 1054 ASP A CA  1 
ATOM   594  C C   . ASP A 1 76  ? 1.355   0.501   -6.800  1.00 29.96 ? 1054 ASP A C   1 
ATOM   595  O O   . ASP A 1 76  ? 2.272   0.344   -7.626  1.00 28.92 ? 1054 ASP A O   1 
ATOM   596  C CB  . ASP A 1 76  ? -0.773  -0.700  -7.355  1.00 31.20 ? 1054 ASP A CB  1 
ATOM   597  C CG  . ASP A 1 76  ? -1.438  -2.063  -7.401  1.00 33.47 ? 1054 ASP A CG  1 
ATOM   598  O OD1 . ASP A 1 76  ? -0.724  -3.084  -7.325  1.00 37.18 ? 1054 ASP A OD1 1 
ATOM   599  O OD2 . ASP A 1 76  ? -2.680  -2.117  -7.517  1.00 38.43 ? 1054 ASP A OD2 1 
ATOM   600  N N   . LEU A 1 77  ? 1.109   1.680   -6.211  1.00 25.60 ? 1055 LEU A N   1 
ATOM   601  C CA  . LEU A 1 77  ? 1.940   2.847   -6.493  1.00 28.14 ? 1055 LEU A CA  1 
ATOM   602  C C   . LEU A 1 77  ? 3.333   2.690   -5.895  1.00 29.28 ? 1055 LEU A C   1 
ATOM   603  O O   . LEU A 1 77  ? 4.333   3.044   -6.534  1.00 29.06 ? 1055 LEU A O   1 
ATOM   604  C CB  . LEU A 1 77  ? 1.256   4.110   -5.973  1.00 28.85 ? 1055 LEU A CB  1 
ATOM   605  C CG  . LEU A 1 77  ? 1.973   5.453   -6.050  1.00 33.04 ? 1055 LEU A CG  1 
ATOM   606  C CD1 . LEU A 1 77  ? 2.253   5.817   -7.497  1.00 31.59 ? 1055 LEU A CD1 1 
ATOM   607  C CD2 . LEU A 1 77  ? 1.102   6.514   -5.400  1.00 31.51 ? 1055 LEU A CD2 1 
ATOM   608  N N   . ILE A 1 78  ? 3.429   2.154   -4.671  1.00 26.15 ? 1056 ILE A N   1 
ATOM   609  C CA  . ILE A 1 78  ? 4.742   1.830   -4.115  1.00 26.31 ? 1056 ILE A CA  1 
ATOM   610  C C   . ILE A 1 78  ? 5.513   0.953   -5.091  1.00 26.80 ? 1056 ILE A C   1 
ATOM   611  O O   . ILE A 1 78  ? 6.682   1.213   -5.408  1.00 26.75 ? 1056 ILE A O   1 
ATOM   612  C CB  . ILE A 1 78  ? 4.599   1.142   -2.743  1.00 24.37 ? 1056 ILE A CB  1 
ATOM   613  C CG1 . ILE A 1 78  ? 3.994   2.101   -1.719  1.00 25.75 ? 1056 ILE A CG1 1 
ATOM   614  C CG2 . ILE A 1 78  ? 5.964   0.694   -2.261  1.00 26.84 ? 1056 ILE A CG2 1 
ATOM   615  C CD1 . ILE A 1 78  ? 3.749   1.468   -0.344  1.00 26.93 ? 1056 ILE A CD1 1 
ATOM   616  N N   . CYS A 1 79  ? 4.857   -0.091  -5.594  1.00 26.70 ? 1057 CYS A N   1 
ATOM   617  C CA  . CYS A 1 79  ? 5.523   -1.037  -6.480  1.00 27.39 ? 1057 CYS A CA  1 
ATOM   618  C C   . CYS A 1 79  ? 5.878   -0.385  -7.812  1.00 31.17 ? 1057 CYS A C   1 
ATOM   619  O O   . CYS A 1 79  ? 7.010   -0.510  -8.295  1.00 30.10 ? 1057 CYS A O   1 
ATOM   620  C CB  . CYS A 1 79  ? 4.635   -2.249  -6.708  1.00 26.79 ? 1057 CYS A CB  1 
ATOM   621  S SG  . CYS A 1 79  ? 5.403   -3.495  -7.760  1.00 35.75 ? 1057 CYS A SG  1 
ATOM   622  N N   . SER A 1 80  ? 4.924   0.331   -8.411  1.00 29.41 ? 1058 SER A N   1 
ATOM   623  C CA  . SER A 1 80  ? 5.159   0.913   -9.734  1.00 31.16 ? 1058 SER A CA  1 
ATOM   624  C C   . SER A 1 80  ? 6.237   1.989   -9.690  1.00 30.31 ? 1058 SER A C   1 
ATOM   625  O O   . SER A 1 80  ? 7.058   2.085   -10.617 1.00 35.46 ? 1058 SER A O   1 
ATOM   626  C CB  . SER A 1 80  ? 3.847   1.468   -10.296 1.00 33.70 ? 1058 SER A CB  1 
ATOM   627  O OG  . SER A 1 80  ? 3.432   2.602   -9.558  1.00 35.62 ? 1058 SER A OG  1 
ATOM   628  N N   . ASN A 1 81  ? 6.259   2.805   -8.632  1.00 27.27 ? 1059 ASN A N   1 
ATOM   629  C CA  . ASN A 1 81  ? 7.345   3.761   -8.437  1.00 29.16 ? 1059 ASN A CA  1 
ATOM   630  C C   . ASN A 1 81  ? 8.686   3.041   -8.412  1.00 31.68 ? 1059 ASN A C   1 
ATOM   631  O O   . ASN A 1 81  ? 9.655   3.480   -9.037  1.00 29.79 ? 1059 ASN A O   1 
ATOM   632  C CB  . ASN A 1 81  ? 7.157   4.544   -7.136  1.00 29.34 ? 1059 ASN A CB  1 
ATOM   633  C CG  . ASN A 1 81  ? 6.083   5.629   -7.240  1.00 35.13 ? 1059 ASN A CG  1 
ATOM   634  O OD1 . ASN A 1 81  ? 5.545   5.888   -8.313  1.00 34.35 ? 1059 ASN A OD1 1 
ATOM   635  N ND2 . ASN A 1 81  ? 5.770   6.256   -6.109  1.00 33.93 ? 1059 ASN A ND2 1 
ATOM   636  N N   . ALA A 1 82  ? 8.760   1.925   -7.678  1.00 27.58 ? 1060 ALA A N   1 
ATOM   637  C CA  . ALA A 1 82  ? 10.030  1.218   -7.554  1.00 29.44 ? 1060 ALA A CA  1 
ATOM   638  C C   . ALA A 1 82  ? 10.485  0.651   -8.896  1.00 29.19 ? 1060 ALA A C   1 
ATOM   639  O O   . ALA A 1 82  ? 11.673  0.726   -9.232  1.00 31.34 ? 1060 ALA A O   1 
ATOM   640  C CB  . ALA A 1 82  ? 9.908   0.107   -6.503  1.00 26.29 ? 1060 ALA A CB  1 
ATOM   641  N N   . LEU A 1 83  ? 9.564   0.068   -9.667  1.00 27.36 ? 1061 LEU A N   1 
ATOM   642  C CA  . LEU A 1 83  ? 9.932   -0.465  -10.977 1.00 29.30 ? 1061 LEU A CA  1 
ATOM   643  C C   . LEU A 1 83  ? 10.412  0.642   -11.907 1.00 34.61 ? 1061 LEU A C   1 
ATOM   644  O O   . LEU A 1 83  ? 11.349  0.437   -12.690 1.00 34.88 ? 1061 LEU A O   1 
ATOM   645  C CB  . LEU A 1 83  ? 8.757   -1.207  -11.615 1.00 31.87 ? 1061 LEU A CB  1 
ATOM   646  C CG  . LEU A 1 83  ? 8.086   -2.331  -10.824 1.00 33.37 ? 1061 LEU A CG  1 
ATOM   647  C CD1 . LEU A 1 83  ? 7.091   -3.075  -11.695 1.00 38.67 ? 1061 LEU A CD1 1 
ATOM   648  C CD2 . LEU A 1 83  ? 9.127   -3.275  -10.267 1.00 34.03 ? 1061 LEU A CD2 1 
ATOM   649  N N   . GLU A 1 84  ? 9.782   1.819   -11.843 1.00 31.42 ? 1062 GLU A N   1 
ATOM   650  C CA  . GLU A 1 84  ? 10.156  2.909   -12.744 1.00 33.60 ? 1062 GLU A CA  1 
ATOM   651  C C   . GLU A 1 84  ? 11.463  3.573   -12.325 1.00 34.18 ? 1062 GLU A C   1 
ATOM   652  O O   . GLU A 1 84  ? 12.284  3.925   -13.184 1.00 33.21 ? 1062 GLU A O   1 
ATOM   653  C CB  . GLU A 1 84  ? 9.035   3.948   -12.810 1.00 37.72 ? 1062 GLU A CB  1 
ATOM   654  C CG  . GLU A 1 84  ? 7.760   3.435   -13.467 1.00 41.08 ? 1062 GLU A CG  1 
ATOM   655  C CD  . GLU A 1 84  ? 6.528   4.252   -13.080 1.00 50.02 ? 1062 GLU A CD  1 
ATOM   656  O OE1 . GLU A 1 84  ? 6.694   5.363   -12.533 1.00 51.39 ? 1062 GLU A OE1 1 
ATOM   657  O OE2 . GLU A 1 84  ? 5.393   3.783   -13.327 1.00 50.31 ? 1062 GLU A OE2 1 
ATOM   658  N N   . TYR A 1 85  ? 11.682  3.754   -11.020 1.00 31.03 ? 1063 TYR A N   1 
ATOM   659  C CA  . TYR A 1 85  ? 12.928  4.368   -10.580 1.00 35.15 ? 1063 TYR A CA  1 
ATOM   660  C C   . TYR A 1 85  ? 14.118  3.420   -10.685 1.00 35.84 ? 1063 TYR A C   1 
ATOM   661  O O   . TYR A 1 85  ? 15.259  3.885   -10.654 1.00 39.28 ? 1063 TYR A O   1 
ATOM   662  C CB  . TYR A 1 85  ? 12.825  4.874   -9.135  1.00 39.75 ? 1063 TYR A CB  1 
ATOM   663  C CG  . TYR A 1 85  ? 13.991  5.776   -8.777  1.00 45.01 ? 1063 TYR A CG  1 
ATOM   664  C CD1 . TYR A 1 85  ? 14.075  7.063   -9.295  1.00 49.03 ? 1063 TYR A CD1 1 
ATOM   665  C CD2 . TYR A 1 85  ? 15.026  5.328   -7.959  1.00 48.88 ? 1063 TYR A CD2 1 
ATOM   666  C CE1 . TYR A 1 85  ? 15.135  7.888   -8.994  1.00 53.53 ? 1063 TYR A CE1 1 
ATOM   667  C CE2 . TYR A 1 85  ? 16.100  6.151   -7.653  1.00 51.42 ? 1063 TYR A CE2 1 
ATOM   668  C CZ  . TYR A 1 85  ? 16.145  7.431   -8.178  1.00 58.37 ? 1063 TYR A CZ  1 
ATOM   669  O OH  . TYR A 1 85  ? 17.197  8.266   -7.892  1.00 65.32 ? 1063 TYR A OH  1 
ATOM   670  N N   . ASN A 1 86  ? 13.883  2.115   -10.818 1.00 32.55 ? 1064 ASN A N   1 
ATOM   671  C CA  . ASN A 1 86  ? 14.952  1.109   -10.817 1.00 33.66 ? 1064 ASN A CA  1 
ATOM   672  C C   . ASN A 1 86  ? 14.832  0.199   -12.035 1.00 32.35 ? 1064 ASN A C   1 
ATOM   673  O O   . ASN A 1 86  ? 14.624  -1.008  -11.915 1.00 32.25 ? 1064 ASN A O   1 
ATOM   674  C CB  . ASN A 1 86  ? 14.920  0.298   -9.520  1.00 35.14 ? 1064 ASN A CB  1 
ATOM   675  C CG  . ASN A 1 86  ? 15.121  1.165   -8.289  1.00 42.92 ? 1064 ASN A CG  1 
ATOM   676  O OD1 . ASN A 1 86  ? 16.249  1.476   -7.920  1.00 46.39 ? 1064 ASN A OD1 1 
ATOM   677  N ND2 . ASN A 1 86  ? 14.022  1.559   -7.645  1.00 39.44 ? 1064 ASN A ND2 1 
ATOM   678  N N   . PRO A 1 87  ? 14.996  0.748   -13.243 1.00 28.22 ? 1065 PRO A N   1 
ATOM   679  C CA  . PRO A 1 87  ? 14.719  -0.031  -14.452 1.00 29.31 ? 1065 PRO A CA  1 
ATOM   680  C C   . PRO A 1 87  ? 15.901  -0.810  -15.017 1.00 32.44 ? 1065 PRO A C   1 
ATOM   681  O O   . PRO A 1 87  ? 15.701  -1.597  -15.951 1.00 34.42 ? 1065 PRO A O   1 
ATOM   682  C CB  . PRO A 1 87  ? 14.292  1.065   -15.443 1.00 29.21 ? 1065 PRO A CB  1 
ATOM   683  C CG  . PRO A 1 87  ? 15.148  2.235   -15.048 1.00 33.40 ? 1065 PRO A CG  1 
ATOM   684  C CD  . PRO A 1 87  ? 15.373  2.137   -13.552 1.00 33.26 ? 1065 PRO A CD  1 
ATOM   685  N N   . ASP A 1 88  ? 17.100  -0.627  -14.477 1.00 32.07 ? 1066 ASP A N   1 
ATOM   686  C CA  . ASP A 1 88  ? 18.325  -1.131  -15.086 1.00 35.39 ? 1066 ASP A CA  1 
ATOM   687  C C   . ASP A 1 88  ? 18.572  -2.595  -14.727 1.00 36.24 ? 1066 ASP A C   1 
ATOM   688  O O   . ASP A 1 88  ? 17.949  -3.160  -13.822 1.00 32.57 ? 1066 ASP A O   1 
ATOM   689  C CB  . ASP A 1 88  ? 19.510  -0.277  -14.652 1.00 34.80 ? 1066 ASP A CB  1 
ATOM   690  C CG  . ASP A 1 88  ? 19.365  1.163   -15.093 1.00 43.11 ? 1066 ASP A CG  1 
ATOM   691  O OD1 . ASP A 1 88  ? 18.747  1.380   -16.158 1.00 47.08 ? 1066 ASP A OD1 1 
ATOM   692  O OD2 . ASP A 1 88  ? 19.858  2.066   -14.382 1.00 50.76 ? 1066 ASP A OD2 1 
ATOM   693  N N   . ARG A 1 89  ? 19.510  -3.215  -15.459 1.00 33.91 ? 1067 ARG A N   1 
ATOM   694  C CA  . ARG A 1 89  ? 19.827  -4.618  -15.208 1.00 31.73 ? 1067 ARG A CA  1 
ATOM   695  C C   . ARG A 1 89  ? 20.769  -4.816  -14.032 1.00 30.74 ? 1067 ARG A C   1 
ATOM   696  O O   . ARG A 1 89  ? 21.010  -5.969  -13.657 1.00 32.86 ? 1067 ARG A O   1 
ATOM   697  C CB  . ARG A 1 89  ? 20.430  -5.294  -16.452 1.00 32.00 ? 1067 ARG A CB  1 
ATOM   698  C CG  . ARG A 1 89  ? 21.810  -4.809  -16.904 1.00 33.75 ? 1067 ARG A CG  1 
ATOM   699  C CD  . ARG A 1 89  ? 22.975  -5.621  -16.282 1.00 32.45 ? 1067 ARG A CD  1 
ATOM   700  N NE  . ARG A 1 89  ? 22.821  -7.072  -16.408 1.00 32.20 ? 1067 ARG A NE  1 
ATOM   701  C CZ  . ARG A 1 89  ? 23.316  -7.941  -15.526 1.00 34.56 ? 1067 ARG A CZ  1 
ATOM   702  N NH1 . ARG A 1 89  ? 24.001  -7.497  -14.482 1.00 32.33 ? 1067 ARG A NH1 1 
ATOM   703  N NH2 . ARG A 1 89  ? 23.124  -9.246  -15.681 1.00 33.67 ? 1067 ARG A NH2 1 
ATOM   704  N N   . ASP A 1 90  ? 21.295  -3.739  -13.451 1.00 29.67 ? 1068 ASP A N   1 
ATOM   705  C CA  . ASP A 1 90  ? 22.238  -3.847  -12.349 1.00 31.69 ? 1068 ASP A CA  1 
ATOM   706  C C   . ASP A 1 90  ? 21.608  -4.595  -11.173 1.00 32.79 ? 1068 ASP A C   1 
ATOM   707  O O   . ASP A 1 90  ? 20.390  -4.528  -10.967 1.00 32.23 ? 1068 ASP A O   1 
ATOM   708  C CB  . ASP A 1 90  ? 22.689  -2.457  -11.909 1.00 34.70 ? 1068 ASP A CB  1 
ATOM   709  C CG  . ASP A 1 90  ? 23.359  -1.680  -13.033 1.00 45.38 ? 1068 ASP A CG  1 
ATOM   710  O OD1 . ASP A 1 90  ? 22.706  -1.445  -14.079 1.00 46.92 ? 1068 ASP A OD1 1 
ATOM   711  O OD2 . ASP A 1 90  ? 24.546  -1.317  -12.877 1.00 52.29 ? 1068 ASP A OD2 1 
ATOM   712  N N   . PRO A 1 91  ? 22.416  -5.328  -10.393 1.00 31.47 ? 1069 PRO A N   1 
ATOM   713  C CA  . PRO A 1 91  ? 21.850  -6.116  -9.281  1.00 31.15 ? 1069 PRO A CA  1 
ATOM   714  C C   . PRO A 1 91  ? 21.104  -5.277  -8.257  1.00 30.58 ? 1069 PRO A C   1 
ATOM   715  O O   . PRO A 1 91  ? 20.117  -5.758  -7.683  1.00 30.95 ? 1069 PRO A O   1 
ATOM   716  C CB  . PRO A 1 91  ? 23.084  -6.778  -8.648  1.00 34.71 ? 1069 PRO A CB  1 
ATOM   717  C CG  . PRO A 1 91  ? 24.154  -6.708  -9.676  1.00 34.08 ? 1069 PRO A CG  1 
ATOM   718  C CD  . PRO A 1 91  ? 23.877  -5.495  -10.512 1.00 33.23 ? 1069 PRO A CD  1 
ATOM   719  N N   . GLY A 1 92  ? 21.554  -4.049  -7.990  1.00 29.74 ? 1070 GLY A N   1 
ATOM   720  C CA  . GLY A 1 92  ? 20.831  -3.204  -7.045  1.00 34.33 ? 1070 GLY A CA  1 
ATOM   721  C C   . GLY A 1 92  ? 19.419  -2.898  -7.511  1.00 32.84 ? 1070 GLY A C   1 
ATOM   722  O O   . GLY A 1 92  ? 18.465  -2.970  -6.730  1.00 32.02 ? 1070 GLY A O   1 
ATOM   723  N N   . ASP A 1 93  ? 19.268  -2.567  -8.797  1.00 30.07 ? 1071 ASP A N   1 
ATOM   724  C CA  . ASP A 1 93  ? 17.946  -2.349  -9.381  1.00 31.92 ? 1071 ASP A CA  1 
ATOM   725  C C   . ASP A 1 93  ? 17.108  -3.625  -9.377  1.00 31.18 ? 1071 ASP A C   1 
ATOM   726  O O   . ASP A 1 93  ? 15.916  -3.593  -9.034  1.00 28.42 ? 1071 ASP A O   1 
ATOM   727  C CB  . ASP A 1 93  ? 18.087  -1.819  -10.813 1.00 31.25 ? 1071 ASP A CB  1 
ATOM   728  C CG  . ASP A 1 93  ? 18.473  -0.350  -10.858 1.00 39.26 ? 1071 ASP A CG  1 
ATOM   729  O OD1 . ASP A 1 93  ? 19.225  0.098   -9.959  1.00 43.81 ? 1071 ASP A OD1 1 
ATOM   730  O OD2 . ASP A 1 93  ? 18.009  0.363   -11.777 1.00 36.15 ? 1071 ASP A OD2 1 
ATOM   731  N N   . ARG A 1 94  ? 17.697  -4.759  -9.769  1.00 26.34 ? 1072 ARG A N   1 
ATOM   732  C CA  . ARG A 1 94  ? 16.902  -5.981  -9.846  1.00 28.39 ? 1072 ARG A CA  1 
ATOM   733  C C   . ARG A 1 94  ? 16.442  -6.425  -8.465  1.00 27.46 ? 1072 ARG A C   1 
ATOM   734  O O   . ARG A 1 94  ? 15.335  -6.959  -8.329  1.00 26.39 ? 1072 ARG A O   1 
ATOM   735  C CB  . ARG A 1 94  ? 17.690  -7.096  -10.541 1.00 32.18 ? 1072 ARG A CB  1 
ATOM   736  C CG  . ARG A 1 94  ? 17.912  -6.838  -12.027 1.00 33.39 ? 1072 ARG A CG  1 
ATOM   737  C CD  . ARG A 1 94  ? 18.428  -8.074  -12.773 1.00 40.33 ? 1072 ARG A CD  1 
ATOM   738  N NE  . ARG A 1 94  ? 17.363  -9.002  -13.152 1.00 46.25 ? 1072 ARG A NE  1 
ATOM   739  C CZ  . ARG A 1 94  ? 17.171  -10.200 -12.605 1.00 44.88 ? 1072 ARG A CZ  1 
ATOM   740  N NH1 . ARG A 1 94  ? 17.985  -10.643 -11.650 1.00 44.49 ? 1072 ARG A NH1 1 
ATOM   741  N NH2 . ARG A 1 94  ? 16.177  -10.971 -13.031 1.00 45.05 ? 1072 ARG A NH2 1 
ATOM   742  N N   . LEU A 1 95  ? 17.261  -6.192  -7.438  1.00 26.64 ? 1073 LEU A N   1 
ATOM   743  C CA  . LEU A 1 95  ? 16.857  -6.551  -6.081  1.00 26.76 ? 1073 LEU A CA  1 
ATOM   744  C C   . LEU A 1 95  ? 15.638  -5.746  -5.643  1.00 28.56 ? 1073 LEU A C   1 
ATOM   745  O O   . LEU A 1 95  ? 14.687  -6.301  -5.077  1.00 25.47 ? 1073 LEU A O   1 
ATOM   746  C CB  . LEU A 1 95  ? 18.018  -6.340  -5.115  1.00 25.16 ? 1073 LEU A CB  1 
ATOM   747  C CG  . LEU A 1 95  ? 17.755  -6.603  -3.629  1.00 24.58 ? 1073 LEU A CG  1 
ATOM   748  C CD1 . LEU A 1 95  ? 17.341  -8.059  -3.392  1.00 27.87 ? 1073 LEU A CD1 1 
ATOM   749  C CD2 . LEU A 1 95  ? 18.979  -6.242  -2.808  1.00 31.22 ? 1073 LEU A CD2 1 
ATOM   750  N N   . ILE A 1 96  ? 15.640  -4.438  -5.903  1.00 27.53 ? 1074 ILE A N   1 
ATOM   751  C CA  . ILE A 1 96  ? 14.496  -3.622  -5.489  1.00 28.12 ? 1074 ILE A CA  1 
ATOM   752  C C   . ILE A 1 96  ? 13.252  -3.987  -6.291  1.00 28.54 ? 1074 ILE A C   1 
ATOM   753  O O   . ILE A 1 96  ? 12.141  -4.029  -5.743  1.00 28.22 ? 1074 ILE A O   1 
ATOM   754  C CB  . ILE A 1 96  ? 14.822  -2.121  -5.594  1.00 32.33 ? 1074 ILE A CB  1 
ATOM   755  C CG1 . ILE A 1 96  ? 16.015  -1.764  -4.707  1.00 34.65 ? 1074 ILE A CG1 1 
ATOM   756  C CG2 . ILE A 1 96  ? 13.606  -1.291  -5.180  1.00 34.02 ? 1074 ILE A CG2 1 
ATOM   757  C CD1 . ILE A 1 96  ? 15.928  -2.312  -3.296  1.00 39.99 ? 1074 ILE A CD1 1 
ATOM   758  N N   . ARG A 1 97  ? 13.404  -4.250  -7.596  1.00 24.49 ? 1075 ARG A N   1 
ATOM   759  C CA  . ARG A 1 97  ? 12.249  -4.671  -8.387  1.00 27.99 ? 1075 ARG A CA  1 
ATOM   760  C C   . ARG A 1 97  ? 11.667  -5.975  -7.854  1.00 29.67 ? 1075 ARG A C   1 
ATOM   761  O O   . ARG A 1 97  ? 10.440  -6.129  -7.764  1.00 25.77 ? 1075 ARG A O   1 
ATOM   762  C CB  . ARG A 1 97  ? 12.628  -4.811  -9.864  1.00 30.98 ? 1075 ARG A CB  1 
ATOM   763  C CG  . ARG A 1 97  ? 12.928  -3.480  -10.538 1.00 30.23 ? 1075 ARG A CG  1 
ATOM   764  C CD  . ARG A 1 97  ? 12.668  -3.524  -12.051 1.00 32.23 ? 1075 ARG A CD  1 
ATOM   765  N NE  . ARG A 1 97  ? 13.358  -4.615  -12.734 1.00 37.31 ? 1075 ARG A NE  1 
ATOM   766  C CZ  . ARG A 1 97  ? 14.616  -4.552  -13.158 1.00 35.57 ? 1075 ARG A CZ  1 
ATOM   767  N NH1 . ARG A 1 97  ? 15.330  -3.457  -12.949 1.00 33.99 ? 1075 ARG A NH1 1 
ATOM   768  N NH2 . ARG A 1 97  ? 15.165  -5.589  -13.775 1.00 38.18 ? 1075 ARG A NH2 1 
ATOM   769  N N   . HIS A 1 98  ? 12.529  -6.926  -7.487  1.00 25.34 ? 1076 HIS A N   1 
ATOM   770  C CA  . HIS A 1 98  ? 12.025  -8.179  -6.936  1.00 25.15 ? 1076 HIS A CA  1 
ATOM   771  C C   . HIS A 1 98  ? 11.273  -7.942  -5.629  1.00 25.49 ? 1076 HIS A C   1 
ATOM   772  O O   . HIS A 1 98  ? 10.198  -8.518  -5.407  1.00 25.96 ? 1076 HIS A O   1 
ATOM   773  C CB  . HIS A 1 98  ? 13.178  -9.157  -6.720  1.00 25.91 ? 1076 HIS A CB  1 
ATOM   774  C CG  . HIS A 1 98  ? 12.731  -10.550 -6.418  1.00 29.02 ? 1076 HIS A CG  1 
ATOM   775  N ND1 . HIS A 1 98  ? 12.559  -11.005 -5.129  1.00 31.61 ? 1076 HIS A ND1 1 
ATOM   776  C CD2 . HIS A 1 98  ? 12.413  -11.585 -7.231  1.00 31.78 ? 1076 HIS A CD2 1 
ATOM   777  C CE1 . HIS A 1 98  ? 12.160  -12.265 -5.161  1.00 35.38 ? 1076 HIS A CE1 1 
ATOM   778  N NE2 . HIS A 1 98  ? 12.067  -12.641 -6.424  1.00 34.18 ? 1076 HIS A NE2 1 
ATOM   779  N N   . ARG A 1 99  ? 11.822  -7.102  -4.756  1.00 23.71 ? 1077 ARG A N   1 
ATOM   780  C CA  . ARG A 1 99  ? 11.152  -6.805  -3.490  1.00 23.98 ? 1077 ARG A CA  1 
ATOM   781  C C   . ARG A 1 99  ? 9.839   -6.072  -3.724  1.00 26.37 ? 1077 ARG A C   1 
ATOM   782  O O   . ARG A 1 99  ? 8.848   -6.321  -3.029  1.00 24.84 ? 1077 ARG A O   1 
ATOM   783  C CB  . ARG A 1 99  ? 12.071  -5.973  -2.606  1.00 25.03 ? 1077 ARG A CB  1 
ATOM   784  C CG  . ARG A 1 99  ? 13.273  -6.758  -2.104  1.00 26.34 ? 1077 ARG A CG  1 
ATOM   785  C CD  . ARG A 1 99  ? 14.295  -5.844  -1.499  1.00 26.76 ? 1077 ARG A CD  1 
ATOM   786  N NE  . ARG A 1 99  ? 15.233  -6.588  -0.666  1.00 30.09 ? 1077 ARG A NE  1 
ATOM   787  C CZ  . ARG A 1 99  ? 16.324  -6.060  -0.127  1.00 33.02 ? 1077 ARG A CZ  1 
ATOM   788  N NH1 . ARG A 1 99  ? 16.618  -4.786  -0.348  1.00 35.31 ? 1077 ARG A NH1 1 
ATOM   789  N NH2 . ARG A 1 99  ? 17.124  -6.807  0.622   1.00 35.12 ? 1077 ARG A NH2 1 
ATOM   790  N N   . ALA A 1 100 ? 9.821   -5.169  -4.701  1.00 24.30 ? 1078 ALA A N   1 
ATOM   791  C CA  . ALA A 1 100 ? 8.608   -4.418  -5.008  1.00 26.29 ? 1078 ALA A CA  1 
ATOM   792  C C   . ALA A 1 100 ? 7.501   -5.338  -5.493  1.00 27.84 ? 1078 ALA A C   1 
ATOM   793  O O   . ALA A 1 100 ? 6.343   -5.215  -5.062  1.00 30.77 ? 1078 ALA A O   1 
ATOM   794  C CB  . ALA A 1 100 ? 8.917   -3.344  -6.059  1.00 26.46 ? 1078 ALA A CB  1 
ATOM   795  N N   . CYS A 1 101 ? 7.832   -6.269  -6.389  1.00 26.04 ? 1079 CYS A N   1 
ATOM   796  C CA  . CYS A 1 101 ? 6.850   -7.234  -6.851  1.00 28.32 ? 1079 CYS A CA  1 
ATOM   797  C C   . CYS A 1 101 ? 6.409   -8.145  -5.713  1.00 29.83 ? 1079 CYS A C   1 
ATOM   798  O O   . CYS A 1 101 ? 5.235   -8.519  -5.630  1.00 31.09 ? 1079 CYS A O   1 
ATOM   799  C CB  . CYS A 1 101 ? 7.423   -8.043  -8.009  1.00 30.55 ? 1079 CYS A CB  1 
ATOM   800  S SG  . CYS A 1 101 ? 7.580   -7.034  -9.517  1.00 40.62 ? 1079 CYS A SG  1 
ATOM   801  N N   . ALA A 1 102 ? 7.337   -8.515  -4.828  1.00 25.51 ? 1080 ALA A N   1 
ATOM   802  C CA  . ALA A 1 102 ? 6.958   -9.343  -3.684  1.00 27.99 ? 1080 ALA A CA  1 
ATOM   803  C C   . ALA A 1 102 ? 6.038   -8.584  -2.738  1.00 25.82 ? 1080 ALA A C   1 
ATOM   804  O O   . ALA A 1 102 ? 5.115   -9.172  -2.161  1.00 26.82 ? 1080 ALA A O   1 
ATOM   805  C CB  . ALA A 1 102 ? 8.198   -9.822  -2.932  1.00 27.54 ? 1080 ALA A CB  1 
ATOM   806  N N   . LEU A 1 103 ? 6.288   -7.288  -2.542  1.00 25.78 ? 1081 LEU A N   1 
ATOM   807  C CA  . LEU A 1 103 ? 5.406   -6.483  -1.698  1.00 26.23 ? 1081 LEU A CA  1 
ATOM   808  C C   . LEU A 1 103 ? 3.987   -6.477  -2.255  1.00 27.50 ? 1081 LEU A C   1 
ATOM   809  O O   . LEU A 1 103 ? 3.013   -6.708  -1.523  1.00 26.84 ? 1081 LEU A O   1 
ATOM   810  C CB  . LEU A 1 103 ? 5.939   -5.052  -1.590  1.00 24.58 ? 1081 LEU A CB  1 
ATOM   811  C CG  . LEU A 1 103 ? 4.988   -4.092  -0.871  1.00 29.42 ? 1081 LEU A CG  1 
ATOM   812  C CD1 . LEU A 1 103 ? 4.939   -4.436  0.603   1.00 29.81 ? 1081 LEU A CD1 1 
ATOM   813  C CD2 . LEU A 1 103 ? 5.398   -2.645  -1.092  1.00 30.38 ? 1081 LEU A CD2 1 
ATOM   814  N N   . ARG A 1 104 ? 3.860   -6.212  -3.557  1.00 28.13 ? 1082 ARG A N   1 
ATOM   815  C CA  . ARG A 1 104 ? 2.557   -6.209  -4.214  1.00 28.67 ? 1082 ARG A CA  1 
ATOM   816  C C   . ARG A 1 104 ? 1.887   -7.576  -4.130  1.00 31.10 ? 1082 ARG A C   1 
ATOM   817  O O   . ARG A 1 104 ? 0.715   -7.684  -3.739  1.00 28.44 ? 1082 ARG A O   1 
ATOM   818  C CB  . ARG A 1 104 ? 2.733   -5.769  -5.674  1.00 29.30 ? 1082 ARG A CB  1 
ATOM   819  C CG  . ARG A 1 104 ? 1.454   -5.683  -6.488  1.00 35.52 ? 1082 ARG A CG  1 
ATOM   820  C CD  . ARG A 1 104 ? 1.780   -5.775  -7.982  1.00 39.00 ? 1082 ARG A CD  1 
ATOM   821  N NE  . ARG A 1 104 ? 2.546   -6.989  -8.279  1.00 43.14 ? 1082 ARG A NE  1 
ATOM   822  C CZ  . ARG A 1 104 ? 3.434   -7.103  -9.263  1.00 46.26 ? 1082 ARG A CZ  1 
ATOM   823  N NH1 . ARG A 1 104 ? 3.681   -6.073  -10.066 1.00 44.54 ? 1082 ARG A NH1 1 
ATOM   824  N NH2 . ARG A 1 104 ? 4.073   -8.252  -9.446  1.00 44.84 ? 1082 ARG A NH2 1 
ATOM   825  N N   . ASP A 1 105 ? 2.624   -8.638  -4.478  1.00 27.51 ? 1083 ASP A N   1 
ATOM   826  C CA  . ASP A 1 105 ? 2.059   -9.983  -4.443  1.00 29.36 ? 1083 ASP A CA  1 
ATOM   827  C C   . ASP A 1 105 ? 1.632   -10.381 -3.034  1.00 26.76 ? 1083 ASP A C   1 
ATOM   828  O O   . ASP A 1 105 ? 0.599   -11.042 -2.858  1.00 29.68 ? 1083 ASP A O   1 
ATOM   829  C CB  . ASP A 1 105 ? 3.064   -10.993 -4.986  1.00 32.15 ? 1083 ASP A CB  1 
ATOM   830  C CG  . ASP A 1 105 ? 3.250   -10.877 -6.493  1.00 38.65 ? 1083 ASP A CG  1 
ATOM   831  O OD1 . ASP A 1 105 ? 2.487   -10.123 -7.134  1.00 37.10 ? 1083 ASP A OD1 1 
ATOM   832  O OD2 . ASP A 1 105 ? 4.161   -11.547 -7.032  1.00 42.46 ? 1083 ASP A OD2 1 
ATOM   833  N N   . THR A 1 106 ? 2.412   -9.998  -2.024  1.00 24.00 ? 1084 THR A N   1 
ATOM   834  C CA  . THR A 1 106 ? 2.079   -10.368 -0.649  1.00 24.41 ? 1084 THR A CA  1 
ATOM   835  C C   . THR A 1 106 ? 0.817   -9.655  -0.176  1.00 25.87 ? 1084 THR A C   1 
ATOM   836  O O   . THR A 1 106 ? -0.057  -10.275 0.447   1.00 25.42 ? 1084 THR A O   1 
ATOM   837  C CB  . THR A 1 106 ? 3.257   -10.056 0.275   1.00 26.73 ? 1084 THR A CB  1 
ATOM   838  O OG1 . THR A 1 106 ? 4.396   -10.829 -0.129  1.00 27.36 ? 1084 THR A OG1 1 
ATOM   839  C CG2 . THR A 1 106 ? 2.912   -10.402 1.730   1.00 24.85 ? 1084 THR A CG2 1 
ATOM   840  N N   . ALA A 1 107 ? 0.719   -8.345  -0.436  1.00 25.01 ? 1085 ALA A N   1 
ATOM   841  C CA  . ALA A 1 107 ? -0.480  -7.597  -0.056  1.00 25.97 ? 1085 ALA A CA  1 
ATOM   842  C C   . ALA A 1 107 ? -1.732  -8.180  -0.712  1.00 25.90 ? 1085 ALA A C   1 
ATOM   843  O O   . ALA A 1 107 ? -2.754  -8.399  -0.046  1.00 24.56 ? 1085 ALA A O   1 
ATOM   844  C CB  . ALA A 1 107 ? -0.316  -6.115  -0.422  1.00 22.56 ? 1085 ALA A CB  1 
ATOM   845  N N   . TYR A 1 108 ? -1.674  -8.443  -2.020  1.00 24.91 ? 1086 TYR A N   1 
ATOM   846  C CA  . TYR A 1 108 ? -2.835  -9.010  -2.695  1.00 24.57 ? 1086 TYR A CA  1 
ATOM   847  C C   . TYR A 1 108 ? -3.183  -10.383 -2.139  1.00 25.58 ? 1086 TYR A C   1 
ATOM   848  O O   . TYR A 1 108 ? -4.366  -10.721 -2.000  1.00 27.52 ? 1086 TYR A O   1 
ATOM   849  C CB  . TYR A 1 108 ? -2.585  -9.093  -4.208  1.00 26.89 ? 1086 TYR A CB  1 
ATOM   850  C CG  . TYR A 1 108 ? -2.946  -7.823  -4.956  1.00 28.24 ? 1086 TYR A CG  1 
ATOM   851  C CD1 . TYR A 1 108 ? -2.030  -6.787  -5.090  1.00 30.65 ? 1086 TYR A CD1 1 
ATOM   852  C CD2 . TYR A 1 108 ? -4.197  -7.670  -5.540  1.00 32.67 ? 1086 TYR A CD2 1 
ATOM   853  C CE1 . TYR A 1 108 ? -2.356  -5.623  -5.790  1.00 29.33 ? 1086 TYR A CE1 1 
ATOM   854  C CE2 . TYR A 1 108 ? -4.533  -6.519  -6.234  1.00 34.17 ? 1086 TYR A CE2 1 
ATOM   855  C CZ  . TYR A 1 108 ? -3.610  -5.500  -6.355  1.00 34.05 ? 1086 TYR A CZ  1 
ATOM   856  O OH  . TYR A 1 108 ? -3.948  -4.355  -7.046  1.00 33.27 ? 1086 TYR A OH  1 
ATOM   857  N N   . ALA A 1 109 ? -2.170  -11.190 -1.806  1.00 25.04 ? 1087 ALA A N   1 
ATOM   858  C CA  . ALA A 1 109 ? -2.431  -12.546 -1.328  1.00 27.03 ? 1087 ALA A CA  1 
ATOM   859  C C   . ALA A 1 109 ? -3.063  -12.526 0.056   1.00 26.79 ? 1087 ALA A C   1 
ATOM   860  O O   . ALA A 1 109 ? -3.956  -13.331 0.343   1.00 26.45 ? 1087 ALA A O   1 
ATOM   861  C CB  . ALA A 1 109 ? -1.141  -13.362 -1.301  1.00 30.69 ? 1087 ALA A CB  1 
ATOM   862  N N   . ILE A 1 110 ? -2.593  -11.632 0.930   1.00 24.34 ? 1088 ILE A N   1 
ATOM   863  C CA  . ILE A 1 110 ? -3.182  -11.525 2.264   1.00 24.25 ? 1088 ILE A CA  1 
ATOM   864  C C   . ILE A 1 110 ? -4.641  -11.126 2.157   1.00 25.39 ? 1088 ILE A C   1 
ATOM   865  O O   . ILE A 1 110 ? -5.516  -11.696 2.816   1.00 25.58 ? 1088 ILE A O   1 
ATOM   866  C CB  . ILE A 1 110 ? -2.392  -10.521 3.127   1.00 24.78 ? 1088 ILE A CB  1 
ATOM   867  C CG1 . ILE A 1 110 ? -1.020  -11.086 3.504   1.00 27.37 ? 1088 ILE A CG1 1 
ATOM   868  C CG2 . ILE A 1 110 ? -3.188  -10.164 4.379   1.00 25.70 ? 1088 ILE A CG2 1 
ATOM   869  C CD1 . ILE A 1 110 ? -0.134  -10.089 4.231   1.00 25.76 ? 1088 ILE A CD1 1 
ATOM   870  N N   . ILE A 1 111 ? -4.928  -10.139 1.312   1.00 24.15 ? 1089 ILE A N   1 
ATOM   871  C CA  . ILE A 1 111 ? -6.308  -9.688  1.165   1.00 24.40 ? 1089 ILE A CA  1 
ATOM   872  C C   . ILE A 1 111 ? -7.173  -10.793 0.562   1.00 29.60 ? 1089 ILE A C   1 
ATOM   873  O O   . ILE A 1 111 ? -8.288  -11.049 1.030   1.00 29.28 ? 1089 ILE A O   1 
ATOM   874  C CB  . ILE A 1 111 ? -6.343  -8.384  0.344   1.00 28.78 ? 1089 ILE A CB  1 
ATOM   875  C CG1 A ILE A 1 111 ? -5.742  -7.262  1.203   0.63 27.08 ? 1089 ILE A CG1 1 
ATOM   876  C CG1 B ILE A 1 111 ? -6.337  -7.170  1.275   0.37 28.51 ? 1089 ILE A CG1 1 
ATOM   877  C CG2 A ILE A 1 111 ? -7.765  -8.063  -0.093  0.63 29.28 ? 1089 ILE A CG2 1 
ATOM   878  C CG2 B ILE A 1 111 ? -7.562  -8.357  -0.577  0.37 28.80 ? 1089 ILE A CG2 1 
ATOM   879  C CD1 A ILE A 1 111 ? -5.294  -6.042  0.445   0.63 28.10 ? 1089 ILE A CD1 1 
ATOM   880  C CD1 B ILE A 1 111 ? -5.011  -6.923  1.936   0.37 26.42 ? 1089 ILE A CD1 1 
ATOM   881  N N   . LYS A 1 112 ? -6.663  -11.493 -0.454  1.00 26.30 ? 1090 LYS A N   1 
ATOM   882  C CA  . LYS A 1 112 ? -7.440  -12.578 -1.054  1.00 32.19 ? 1090 LYS A CA  1 
ATOM   883  C C   . LYS A 1 112 ? -7.784  -13.653 -0.027  1.00 32.38 ? 1090 LYS A C   1 
ATOM   884  O O   . LYS A 1 112 ? -8.887  -14.213 -0.047  1.00 35.06 ? 1090 LYS A O   1 
ATOM   885  C CB  . LYS A 1 112 ? -6.674  -13.192 -2.229  1.00 36.95 ? 1090 LYS A CB  1 
ATOM   886  C CG  . LYS A 1 112 ? -7.486  -14.197 -3.046  1.00 41.85 ? 1090 LYS A CG  1 
ATOM   887  C CD  . LYS A 1 112 ? -6.591  -14.989 -3.993  1.00 47.41 ? 1090 LYS A CD  1 
ATOM   888  C CE  . LYS A 1 112 ? -7.400  -15.943 -4.867  1.00 54.80 ? 1090 LYS A CE  1 
ATOM   889  N NZ  . LYS A 1 112 ? -8.115  -15.225 -5.959  1.00 59.98 ? 1090 LYS A NZ  1 
ATOM   890  N N   . GLU A 1 113 ? -6.854  -13.951 0.879   1.00 29.35 ? 1091 GLU A N   1 
ATOM   891  C CA  . GLU A 1 113 ? -7.058  -15.033 1.836   1.00 29.05 ? 1091 GLU A CA  1 
ATOM   892  C C   . GLU A 1 113 ? -7.881  -14.598 3.043   1.00 30.95 ? 1091 GLU A C   1 
ATOM   893  O O   . GLU A 1 113 ? -8.565  -15.435 3.654   1.00 31.89 ? 1091 GLU A O   1 
ATOM   894  C CB  . GLU A 1 113 ? -5.703  -15.566 2.308   1.00 34.56 ? 1091 GLU A CB  1 
ATOM   895  C CG  . GLU A 1 113 ? -5.693  -17.035 2.662   1.00 47.60 ? 1091 GLU A CG  1 
ATOM   896  C CD  . GLU A 1 113 ? -4.283  -17.598 2.768   1.00 51.62 ? 1091 GLU A CD  1 
ATOM   897  O OE1 . GLU A 1 113 ? -3.485  -17.072 3.576   1.00 51.59 ? 1091 GLU A OE1 1 
ATOM   898  O OE2 . GLU A 1 113 ? -3.972  -18.567 2.042   1.00 60.68 ? 1091 GLU A OE2 1 
ATOM   899  N N   . GLU A 1 114 ? -7.829  -13.316 3.414   1.00 25.69 ? 1092 GLU A N   1 
ATOM   900  C CA  . GLU A 1 114 ? -8.313  -12.903 4.727   1.00 26.98 ? 1092 GLU A CA  1 
ATOM   901  C C   . GLU A 1 114 ? -9.445  -11.884 4.713   1.00 30.62 ? 1092 GLU A C   1 
ATOM   902  O O   . GLU A 1 114 ? -10.100 -11.723 5.747   1.00 31.96 ? 1092 GLU A O   1 
ATOM   903  C CB  . GLU A 1 114 ? -7.160  -12.334 5.569   1.00 28.30 ? 1092 GLU A CB  1 
ATOM   904  C CG  . GLU A 1 114 ? -6.019  -13.336 5.761   1.00 25.70 ? 1092 GLU A CG  1 
ATOM   905  C CD  . GLU A 1 114 ? -4.850  -12.794 6.569   1.00 28.36 ? 1092 GLU A CD  1 
ATOM   906  O OE1 . GLU A 1 114 ? -5.028  -11.825 7.350   1.00 28.17 ? 1092 GLU A OE1 1 
ATOM   907  O OE2 . GLU A 1 114 ? -3.743  -13.365 6.433   1.00 29.04 ? 1092 GLU A OE2 1 
ATOM   908  N N   . LEU A 1 115 ? -9.701  -11.199 3.602   1.00 30.30 ? 1093 LEU A N   1 
ATOM   909  C CA  . LEU A 1 115 ? -10.812 -10.255 3.531   1.00 29.76 ? 1093 LEU A CA  1 
ATOM   910  C C   . LEU A 1 115 ? -12.010 -10.929 2.871   1.00 32.57 ? 1093 LEU A C   1 
ATOM   911  O O   . LEU A 1 115 ? -11.911 -11.418 1.740   1.00 33.25 ? 1093 LEU A O   1 
ATOM   912  C CB  . LEU A 1 115 ? -10.432 -8.982  2.775   1.00 35.09 ? 1093 LEU A CB  1 
ATOM   913  C CG  . LEU A 1 115 ? -11.369 -7.800  3.081   1.00 35.59 ? 1093 LEU A CG  1 
ATOM   914  C CD1 . LEU A 1 115 ? -11.464 -7.564  4.591   1.00 37.95 ? 1093 LEU A CD1 1 
ATOM   915  C CD2 . LEU A 1 115 ? -10.918 -6.540  2.372   1.00 39.18 ? 1093 LEU A CD2 1 
ATOM   916  N N   . ASP A 1 116 ? -13.139 -10.951 3.578   1.00 31.61 ? 1094 ASP A N   1 
ATOM   917  C CA  . ASP A 1 116 ? -14.370 -11.477 3.002   1.00 32.62 ? 1094 ASP A CA  1 
ATOM   918  C C   . ASP A 1 116 ? -14.833 -10.579 1.858   1.00 30.75 ? 1094 ASP A C   1 
ATOM   919  O O   . ASP A 1 116 ? -14.881 -9.353  1.997   1.00 31.27 ? 1094 ASP A O   1 
ATOM   920  C CB  . ASP A 1 116 ? -15.449 -11.569 4.081   1.00 33.08 ? 1094 ASP A CB  1 
ATOM   921  C CG  . ASP A 1 116 ? -16.627 -12.428 3.661   1.00 39.39 ? 1094 ASP A CG  1 
ATOM   922  O OD1 . ASP A 1 116 ? -17.143 -12.250 2.531   1.00 39.86 ? 1094 ASP A OD1 1 
ATOM   923  O OD2 . ASP A 1 116 ? -17.035 -13.294 4.463   1.00 41.90 ? 1094 ASP A OD2 1 
ATOM   924  N N   . GLU A 1 117 ? -15.173 -11.186 0.719   1.00 31.09 ? 1095 GLU A N   1 
ATOM   925  C CA  . GLU A 1 117 ? -15.585 -10.387 -0.432  1.00 35.21 ? 1095 GLU A CA  1 
ATOM   926  C C   . GLU A 1 117 ? -16.891 -9.645  -0.165  1.00 32.35 ? 1095 GLU A C   1 
ATOM   927  O O   . GLU A 1 117 ? -17.120 -8.572  -0.740  1.00 31.68 ? 1095 GLU A O   1 
ATOM   928  C CB  . GLU A 1 117 ? -15.710 -11.268 -1.675  1.00 40.96 ? 1095 GLU A CB  1 
ATOM   929  C CG  . GLU A 1 117 ? -16.681 -12.421 -1.536  1.00 43.79 ? 1095 GLU A CG  1 
ATOM   930  C CD  . GLU A 1 117 ? -16.940 -13.135 -2.857  1.00 56.45 ? 1095 GLU A CD  1 
ATOM   931  O OE1 . GLU A 1 117 ? -17.970 -13.838 -2.963  1.00 61.26 ? 1095 GLU A OE1 1 
ATOM   932  O OE2 . GLU A 1 117 ? -16.111 -12.996 -3.787  1.00 57.33 ? 1095 GLU A OE2 1 
ATOM   933  N N   . ASP A 1 118 ? -17.744 -10.183 0.711   1.00 32.29 ? 1096 ASP A N   1 
ATOM   934  C CA  . ASP A 1 118 ? -18.950 -9.460  1.099   1.00 32.19 ? 1096 ASP A CA  1 
ATOM   935  C C   . ASP A 1 118 ? -18.619 -8.232  1.934   1.00 31.31 ? 1096 ASP A C   1 
ATOM   936  O O   . ASP A 1 118 ? -19.356 -7.241  1.893   1.00 28.33 ? 1096 ASP A O   1 
ATOM   937  C CB  . ASP A 1 118 ? -19.892 -10.385 1.867   1.00 32.55 ? 1096 ASP A CB  1 
ATOM   938  C CG  . ASP A 1 118 ? -20.540 -11.414 0.969   1.00 38.69 ? 1096 ASP A CG  1 
ATOM   939  O OD1 . ASP A 1 118 ? -20.588 -11.174 -0.253  1.00 39.58 ? 1096 ASP A OD1 1 
ATOM   940  O OD2 . ASP A 1 118 ? -20.984 -12.460 1.485   1.00 43.00 ? 1096 ASP A OD2 1 
ATOM   941  N N   . PHE A 1 119 ? -17.523 -8.280  2.698   1.00 28.82 ? 1097 PHE A N   1 
ATOM   942  C CA  . PHE A 1 119 ? -17.105 -7.092  3.433   1.00 26.77 ? 1097 PHE A CA  1 
ATOM   943  C C   . PHE A 1 119 ? -16.588 -6.019  2.485   1.00 28.28 ? 1097 PHE A C   1 
ATOM   944  O O   . PHE A 1 119 ? -16.938 -4.840  2.622   1.00 28.52 ? 1097 PHE A O   1 
ATOM   945  C CB  . PHE A 1 119 ? -16.039 -7.442  4.478   1.00 25.45 ? 1097 PHE A CB  1 
ATOM   946  C CG  . PHE A 1 119 ? -15.639 -6.265  5.310   1.00 25.90 ? 1097 PHE A CG  1 
ATOM   947  C CD1 . PHE A 1 119 ? -16.390 -5.894  6.416   1.00 27.90 ? 1097 PHE A CD1 1 
ATOM   948  C CD2 . PHE A 1 119 ? -14.551 -5.481  4.949   1.00 29.01 ? 1097 PHE A CD2 1 
ATOM   949  C CE1 . PHE A 1 119 ? -16.047 -4.784  7.160   1.00 26.10 ? 1097 PHE A CE1 1 
ATOM   950  C CE2 . PHE A 1 119 ? -14.199 -4.372  5.699   1.00 28.48 ? 1097 PHE A CE2 1 
ATOM   951  C CZ  . PHE A 1 119 ? -14.944 -4.022  6.802   1.00 26.16 ? 1097 PHE A CZ  1 
ATOM   952  N N   . GLU A 1 120 ? -15.757 -6.396  1.511   1.00 27.31 ? 1098 GLU A N   1 
ATOM   953  C CA  . GLU A 1 120 ? -15.277 -5.384  0.576   1.00 30.94 ? 1098 GLU A CA  1 
ATOM   954  C C   . GLU A 1 120 ? -16.432 -4.815  -0.235  1.00 31.27 ? 1098 GLU A C   1 
ATOM   955  O O   . GLU A 1 120 ? -16.483 -3.609  -0.488  1.00 29.28 ? 1098 GLU A O   1 
ATOM   956  C CB  . GLU A 1 120 ? -14.190 -5.956  -0.335  1.00 37.47 ? 1098 GLU A CB  1 
ATOM   957  C CG  . GLU A 1 120 ? -13.888 -5.140  -1.612  1.00 34.53 ? 1098 GLU A CG  1 
ATOM   958  C CD  . GLU A 1 120 ? -13.466 -3.656  -1.411  1.00 41.47 ? 1098 GLU A CD  1 
ATOM   959  O OE1 . GLU A 1 120 ? -13.454 -3.121  -0.279  1.00 39.09 ? 1098 GLU A OE1 1 
ATOM   960  O OE2 . GLU A 1 120 ? -13.096 -3.013  -2.429  1.00 47.41 ? 1098 GLU A OE2 1 
ATOM   961  N N   . GLN A 1 121 ? -17.405 -5.660  -0.595  1.00 29.42 ? 1099 GLN A N   1 
ATOM   962  C CA  . GLN A 1 121 ? -18.561 -5.174  -1.344  1.00 31.00 ? 1099 GLN A CA  1 
ATOM   963  C C   . GLN A 1 121 ? -19.370 -4.168  -0.531  1.00 29.99 ? 1099 GLN A C   1 
ATOM   964  O O   . GLN A 1 121 ? -19.808 -3.142  -1.063  1.00 30.10 ? 1099 GLN A O   1 
ATOM   965  C CB  . GLN A 1 121 ? -19.441 -6.347  -1.775  1.00 33.58 ? 1099 GLN A CB  1 
ATOM   966  C CG  . GLN A 1 121 ? -20.620 -5.929  -2.644  1.00 33.37 ? 1099 GLN A CG  1 
ATOM   967  C CD  . GLN A 1 121 ? -20.171 -5.311  -3.945  1.00 40.55 ? 1099 GLN A CD  1 
ATOM   968  O OE1 . GLN A 1 121 ? -19.136 -5.692  -4.498  1.00 42.17 ? 1099 GLN A OE1 1 
ATOM   969  N NE2 . GLN A 1 121 ? -20.943 -4.353  -4.446  1.00 36.92 ? 1099 GLN A NE2 1 
ATOM   970  N N   . LEU A 1 122 ? -19.579 -4.444  0.762   1.00 28.07 ? 1100 LEU A N   1 
ATOM   971  C CA  . LEU A 1 122 ? -20.276 -3.491  1.619   1.00 25.49 ? 1100 LEU A CA  1 
ATOM   972  C C   . LEU A 1 122 ? -19.567 -2.144  1.632   1.00 30.36 ? 1100 LEU A C   1 
ATOM   973  O O   . LEU A 1 122 ? -20.209 -1.091  1.508   1.00 29.82 ? 1100 LEU A O   1 
ATOM   974  C CB  . LEU A 1 122 ? -20.401 -4.047  3.040   1.00 27.62 ? 1100 LEU A CB  1 
ATOM   975  C CG  . LEU A 1 122 ? -20.995 -3.081  4.071   1.00 27.83 ? 1100 LEU A CG  1 
ATOM   976  C CD1 . LEU A 1 122 ? -22.368 -2.599  3.624   1.00 32.09 ? 1100 LEU A CD1 1 
ATOM   977  C CD2 . LEU A 1 122 ? -21.080 -3.739  5.443   1.00 31.45 ? 1100 LEU A CD2 1 
ATOM   978  N N   . CYS A 1 123 ? -18.236 -2.155  1.786   1.00 26.93 ? 1101 CYS A N   1 
ATOM   979  C CA  . CYS A 1 123 ? -17.485 -0.900  1.783   1.00 28.29 ? 1101 CYS A CA  1 
ATOM   980  C C   . CYS A 1 123 ? -17.712 -0.121  0.494   1.00 28.55 ? 1101 CYS A C   1 
ATOM   981  O O   . CYS A 1 123 ? -17.912 1.098   0.525   1.00 31.92 ? 1101 CYS A O   1 
ATOM   982  C CB  . CYS A 1 123 ? -15.994 -1.175  1.970   1.00 27.17 ? 1101 CYS A CB  1 
ATOM   983  S SG  . CYS A 1 123 ? -15.562 -1.735  3.627   1.00 27.79 ? 1101 CYS A SG  1 
ATOM   984  N N   . GLU A 1 124 ? -17.669 -0.809  -0.645  1.00 29.44 ? 1102 GLU A N   1 
ATOM   985  C CA  . GLU A 1 124 ? -17.899 -0.143  -1.921  1.00 32.54 ? 1102 GLU A CA  1 
ATOM   986  C C   . GLU A 1 124 ? -19.296 0.457   -1.986  1.00 36.01 ? 1102 GLU A C   1 
ATOM   987  O O   . GLU A 1 124 ? -19.479 1.576   -2.480  1.00 35.40 ? 1102 GLU A O   1 
ATOM   988  C CB  . GLU A 1 124 ? -17.693 -1.134  -3.060  1.00 35.07 ? 1102 GLU A CB  1 
ATOM   989  C CG  . GLU A 1 124 ? -16.302 -1.723  -3.105  1.00 39.39 ? 1102 GLU A CG  1 
ATOM   990  C CD  . GLU A 1 124 ? -15.693 -1.646  -4.485  1.00 53.02 ? 1102 GLU A CD  1 
ATOM   991  O OE1 . GLU A 1 124 ? -14.710 -0.886  -4.664  1.00 53.34 ? 1102 GLU A OE1 1 
ATOM   992  O OE2 . GLU A 1 124 ? -16.205 -2.342  -5.390  1.00 58.86 ? 1102 GLU A OE2 1 
ATOM   993  N N   . GLU A 1 125 ? -20.300 -0.266  -1.492  1.00 34.09 ? 1103 GLU A N   1 
ATOM   994  C CA  . GLU A 1 125 ? -21.663 0.232   -1.640  1.00 36.78 ? 1103 GLU A CA  1 
ATOM   995  C C   . GLU A 1 125 ? -21.932 1.416   -0.720  1.00 36.49 ? 1103 GLU A C   1 
ATOM   996  O O   . GLU A 1 125 ? -22.720 2.299   -1.069  1.00 40.06 ? 1103 GLU A O   1 
ATOM   997  C CB  . GLU A 1 125 ? -22.669 -0.908  -1.432  1.00 34.25 ? 1103 GLU A CB  1 
ATOM   998  C CG  . GLU A 1 125 ? -22.800 -1.759  -2.698  1.00 34.99 ? 1103 GLU A CG  1 
ATOM   999  C CD  . GLU A 1 125 ? -23.684 -2.995  -2.567  1.00 34.66 ? 1103 GLU A CD  1 
ATOM   1000 O OE1 . GLU A 1 125 ? -24.530 -3.064  -1.648  1.00 34.81 ? 1103 GLU A OE1 1 
ATOM   1001 O OE2 . GLU A 1 125 ? -23.533 -3.905  -3.411  1.00 37.78 ? 1103 GLU A OE2 1 
ATOM   1002 N N   . ILE A 1 126 ? -21.276 1.478   0.438   1.00 33.89 ? 1104 ILE A N   1 
ATOM   1003 C CA  . ILE A 1 126 ? -21.393 2.667   1.270   1.00 33.33 ? 1104 ILE A CA  1 
ATOM   1004 C C   . ILE A 1 126 ? -20.717 3.845   0.588   1.00 43.23 ? 1104 ILE A C   1 
ATOM   1005 O O   . ILE A 1 126 ? -21.254 4.958   0.560   1.00 47.02 ? 1104 ILE A O   1 
ATOM   1006 C CB  . ILE A 1 126 ? -20.800 2.418   2.664   1.00 35.17 ? 1104 ILE A CB  1 
ATOM   1007 C CG1 . ILE A 1 126 ? -21.492 1.230   3.345   1.00 32.01 ? 1104 ILE A CG1 1 
ATOM   1008 C CG2 . ILE A 1 126 ? -20.918 3.673   3.514   1.00 37.79 ? 1104 ILE A CG2 1 
ATOM   1009 C CD1 . ILE A 1 126 ? -20.835 0.831   4.640   1.00 35.20 ? 1104 ILE A CD1 1 
ATOM   1010 N N   . GLN A 1 127 ? -19.539 3.609   0.008   1.00 39.79 ? 1105 GLN A N   1 
ATOM   1011 C CA  . GLN A 1 127 ? -18.769 4.693   -0.593  1.00 46.90 ? 1105 GLN A CA  1 
ATOM   1012 C C   . GLN A 1 127 ? -19.460 5.248   -1.834  1.00 48.77 ? 1105 GLN A C   1 
ATOM   1013 O O   . GLN A 1 127 ? -19.533 6.471   -2.014  1.00 52.96 ? 1105 GLN A O   1 
ATOM   1014 C CB  . GLN A 1 127 ? -17.361 4.198   -0.922  1.00 40.75 ? 1105 GLN A CB  1 
ATOM   1015 C CG  . GLN A 1 127 ? -16.400 5.285   -1.365  1.00 50.66 ? 1105 GLN A CG  1 
ATOM   1016 C CD  . GLN A 1 127 ? -15.579 4.858   -2.558  1.00 51.19 ? 1105 GLN A CD  1 
ATOM   1017 O OE1 . GLN A 1 127 ? -16.119 4.404   -3.566  1.00 58.93 ? 1105 GLN A OE1 1 
ATOM   1018 N NE2 . GLN A 1 127 ? -14.259 4.983   -2.445  1.00 49.82 ? 1105 GLN A NE2 1 
ATOM   1019 N N   . GLU A 1 128 ? -19.981 4.371   -2.697  1.00 46.56 ? 1106 GLU A N   1 
ATOM   1020 C CA  . GLU A 1 128 ? -20.682 4.824   -3.894  1.00 50.87 ? 1106 GLU A CA  1 
ATOM   1021 C C   . GLU A 1 128 ? -21.963 5.581   -3.564  1.00 54.38 ? 1106 GLU A C   1 
ATOM   1022 O O   . GLU A 1 128 ? -22.466 6.325   -4.413  1.00 56.23 ? 1106 GLU A O   1 
ATOM   1023 C CB  . GLU A 1 128 ? -21.004 3.636   -4.804  1.00 47.72 ? 1106 GLU A CB  1 
ATOM   1024 N N   . SER A 1 129 ? -22.507 5.401   -2.358  1.00 54.58 ? 1107 SER A N   1 
ATOM   1025 C CA  . SER A 1 129 ? -23.657 6.185   -1.926  1.00 59.14 ? 1107 SER A CA  1 
ATOM   1026 C C   . SER A 1 129 ? -23.262 7.572   -1.436  1.00 62.02 ? 1107 SER A C   1 
ATOM   1027 O O   . SER A 1 129 ? -24.130 8.446   -1.325  1.00 66.59 ? 1107 SER A O   1 
ATOM   1028 C CB  . SER A 1 129 ? -24.419 5.450   -0.818  1.00 53.29 ? 1107 SER A CB  1 
ATOM   1029 O OG  . SER A 1 129 ? -23.857 5.724   0.458   1.00 55.55 ? 1107 SER A OG  1 
ATOM   1030 N N   . ARG A 1 130 ? -21.983 7.792   -1.139  1.00 60.93 ? 1108 ARG A N   1 
ATOM   1031 C CA  . ARG A 1 130 ? -21.508 9.088   -0.669  1.00 63.76 ? 1108 ARG A CA  1 
ATOM   1032 C C   . ARG A 1 130 ? -20.918 9.904   -1.818  1.00 67.29 ? 1108 ARG A C   1 
ATOM   1033 O O   . ARG A 1 130 ? -20.971 9.494   -2.980  1.00 68.70 ? 1108 ARG A O   1 
ATOM   1034 C CB  . ARG A 1 130 ? -20.468 8.907   0.442   1.00 62.78 ? 1108 ARG A CB  1 
ATOM   1035 C CG  . ARG A 1 130 ? -20.911 7.970   1.554   1.00 59.37 ? 1108 ARG A CG  1 
ATOM   1036 C CD  . ARG A 1 130 ? -20.032 8.101   2.787   1.00 58.40 ? 1108 ARG A CD  1 
ATOM   1037 N NE  . ARG A 1 130 ? -20.713 7.589   3.974   1.00 58.10 ? 1108 ARG A NE  1 
ATOM   1038 C CZ  . ARG A 1 130 ? -20.131 7.403   5.155   1.00 54.67 ? 1108 ARG A CZ  1 
ATOM   1039 N NH1 . ARG A 1 130 ? -18.845 7.691   5.317   1.00 55.84 ? 1108 ARG A NH1 1 
ATOM   1040 N NH2 . ARG A 1 130 ? -20.839 6.929   6.174   1.00 54.30 ? 1108 ARG A NH2 1 
HETATM 1041 S S   . SO4 B 2 .   ? -9.801  3.813   14.457  1.00 35.17 ? 1201 SO4 A S   1 
HETATM 1042 O O1  . SO4 B 2 .   ? -9.859  2.720   15.436  1.00 41.04 ? 1201 SO4 A O1  1 
HETATM 1043 O O2  . SO4 B 2 .   ? -11.085 4.494   14.417  1.00 33.74 ? 1201 SO4 A O2  1 
HETATM 1044 O O3  . SO4 B 2 .   ? -9.530  3.251   13.143  1.00 35.42 ? 1201 SO4 A O3  1 
HETATM 1045 O O4  . SO4 B 2 .   ? -8.744  4.724   14.872  1.00 34.15 ? 1201 SO4 A O4  1 
HETATM 1046 S S   . SO4 C 2 .   ? 19.651  -4.285  1.680   1.00 69.21 ? 1202 SO4 A S   1 
HETATM 1047 O O1  . SO4 C 2 .   ? 19.296  -3.836  3.024   1.00 64.73 ? 1202 SO4 A O1  1 
HETATM 1048 O O2  . SO4 C 2 .   ? 19.420  -5.727  1.584   1.00 53.33 ? 1202 SO4 A O2  1 
HETATM 1049 O O3  . SO4 C 2 .   ? 21.061  -3.994  1.426   1.00 66.60 ? 1202 SO4 A O3  1 
HETATM 1050 O O4  . SO4 C 2 .   ? 18.837  -3.571  0.696   1.00 55.03 ? 1202 SO4 A O4  1 
HETATM 1051 N N   . G5Z D 3 .   ? 18.678  0.790   -7.599  1.00 49.64 ? 1203 G5Z A N   1 
HETATM 1052 C CA  . G5Z D 3 .   ? 19.519  1.462   -6.599  1.00 52.82 ? 1203 G5Z A CA  1 
HETATM 1053 C C   . G5Z D 3 .   ? 18.676  1.849   -5.370  1.00 56.64 ? 1203 G5Z A C   1 
HETATM 1054 O O   . G5Z D 3 .   ? 19.209  1.904   -4.260  1.00 56.74 ? 1203 G5Z A O   1 
HETATM 1055 C CB  . G5Z D 3 .   ? 20.678  0.556   -6.178  1.00 48.93 ? 1203 G5Z A CB  1 
HETATM 1056 C CAA . G5Z D 3 .   ? 12.163  3.047   -2.744  1.00 46.82 ? 1203 G5Z A CAA 1 
HETATM 1057 C CAN . G5Z D 3 .   ? 13.092  2.860   -3.955  1.00 50.80 ? 1203 G5Z A CAN 1 
HETATM 1058 C CAP . G5Z D 3 .   ? 14.894  3.687   -1.554  1.00 48.48 ? 1203 G5Z A CAP 1 
HETATM 1059 C CAQ . G5Z D 3 .   ? 16.479  2.464   -4.704  1.00 52.94 ? 1203 G5Z A CAQ 1 
HETATM 1060 C CAR . G5Z D 3 .   ? 14.430  2.867   -3.816  1.00 51.55 ? 1203 G5Z A CAR 1 
HETATM 1061 C CAS . G5Z D 3 .   ? 15.210  3.225   -2.768  1.00 49.75 ? 1203 G5Z A CAS 1 
HETATM 1062 N NAK . G5Z D 3 .   ? 15.152  2.449   -4.882  1.00 52.35 ? 1203 G5Z A NAK 1 
HETATM 1063 N NAL . G5Z D 3 .   ? 17.369  2.098   -5.645  1.00 53.66 ? 1203 G5Z A NAL 1 
HETATM 1064 O OAD . G5Z D 3 .   ? 12.602  2.652   -5.065  1.00 49.14 ? 1203 G5Z A OAD 1 
HETATM 1065 S SAM . G5Z D 3 .   ? 16.766  3.012   -3.212  1.00 53.76 ? 1203 G5Z A SAM 1 
HETATM 1066 C C   . G5Z E 3 .   ? 10.466  -2.645  11.331  1.00 53.66 ? 1204 G5Z A C   1 
HETATM 1067 O O   . G5Z E 3 .   ? 10.042  -3.173  12.359  1.00 57.73 ? 1204 G5Z A O   1 
HETATM 1068 C CAA . G5Z E 3 .   ? 6.905   1.835   8.934   1.00 46.29 ? 1204 G5Z A CAA 1 
HETATM 1069 C CAN . G5Z E 3 .   ? 6.169   1.122   10.073  1.00 55.32 ? 1204 G5Z A CAN 1 
HETATM 1070 C CAP . G5Z E 3 .   ? 5.181   -0.627  12.246  1.00 50.98 ? 1204 G5Z A CAP 1 
HETATM 1071 C CAQ . G5Z E 3 .   ? 8.620   -1.255  10.849  1.00 51.02 ? 1204 G5Z A CAQ 1 
HETATM 1072 C CAR . G5Z E 3 .   ? 6.828   0.103   10.638  1.00 53.84 ? 1204 G5Z A CAR 1 
HETATM 1073 C CAS . G5Z E 3 .   ? 6.363   -0.691  11.627  1.00 54.47 ? 1204 G5Z A CAS 1 
HETATM 1074 N NAK . G5Z E 3 .   ? 8.071   -0.214  10.209  1.00 52.54 ? 1204 G5Z A NAK 1 
HETATM 1075 N NAL . G5Z E 3 .   ? 9.843   -1.722  10.563  1.00 52.59 ? 1204 G5Z A NAL 1 
HETATM 1076 O OAD . G5Z E 3 .   ? 5.038   1.469   10.406  1.00 59.28 ? 1204 G5Z A OAD 1 
HETATM 1077 S SAM . G5Z E 3 .   ? 7.517   -1.812  11.993  1.00 60.74 ? 1204 G5Z A SAM 1 
HETATM 1078 O O   . HOH F 4 .   ? 4.692   4.990   -10.173 1.00 35.50 ? 1301 HOH A O   1 
HETATM 1079 O O   . HOH F 4 .   ? -23.910 6.896   4.292   1.00 54.98 ? 1302 HOH A O   1 
HETATM 1080 O O   . HOH F 4 .   ? 6.275   -11.817 -6.087  1.00 49.47 ? 1303 HOH A O   1 
HETATM 1081 O O   . HOH F 4 .   ? 10.641  3.959   -5.405  1.00 41.40 ? 1304 HOH A O   1 
HETATM 1082 O O   . HOH F 4 .   ? -13.209 3.883   -4.303  1.00 55.54 ? 1305 HOH A O   1 
HETATM 1083 O O   . HOH F 4 .   ? -24.430 2.406   -2.798  1.00 45.18 ? 1306 HOH A O   1 
HETATM 1084 O O   . HOH F 4 .   ? -4.585  -0.677  -8.012  1.00 38.72 ? 1307 HOH A O   1 
HETATM 1085 O O   . HOH F 4 .   ? 22.971  -1.178  -16.497 1.00 53.03 ? 1308 HOH A O   1 
HETATM 1086 O O   . HOH F 4 .   ? -2.782  -14.863 4.697   1.00 43.46 ? 1309 HOH A O   1 
HETATM 1087 O O   . HOH F 4 .   ? 5.691   -12.919 1.107   1.00 46.64 ? 1310 HOH A O   1 
HETATM 1088 O O   . HOH F 4 .   ? -24.890 4.544   2.394   1.00 45.88 ? 1311 HOH A O   1 
HETATM 1089 O O   . HOH F 4 .   ? -8.329  1.464   -8.452  1.00 53.21 ? 1312 HOH A O   1 
HETATM 1090 O O   . HOH F 4 .   ? -2.467  7.938   -3.818  1.00 43.55 ? 1313 HOH A O   1 
HETATM 1091 O O   . HOH F 4 .   ? -22.763 8.174   9.755   1.00 55.89 ? 1314 HOH A O   1 
HETATM 1092 O O   . HOH F 4 .   ? -1.042  8.106   11.730  1.00 41.31 ? 1315 HOH A O   1 
HETATM 1093 O O   . HOH F 4 .   ? 6.774   8.613   0.291   1.00 42.60 ? 1316 HOH A O   1 
HETATM 1094 O O   . HOH F 4 .   ? -16.267 -8.687  9.118   1.00 33.90 ? 1317 HOH A O   1 
HETATM 1095 O O   . HOH F 4 .   ? 11.479  -11.484 5.090   1.00 44.41 ? 1318 HOH A O   1 
HETATM 1096 O O   . HOH F 4 .   ? 16.737  -3.537  3.157   1.00 46.10 ? 1319 HOH A O   1 
HETATM 1097 O O   . HOH F 4 .   ? 20.176  -8.363  -7.508  1.00 35.03 ? 1320 HOH A O   1 
HETATM 1098 O O   . HOH F 4 .   ? -8.066  6.865   -1.148  1.00 45.03 ? 1321 HOH A O   1 
HETATM 1099 O O   . HOH F 4 .   ? -5.686  -7.770  8.901   1.00 36.92 ? 1322 HOH A O   1 
HETATM 1100 O O   . HOH F 4 .   ? 2.530   11.257  -2.837  1.00 47.26 ? 1323 HOH A O   1 
HETATM 1101 O O   . HOH F 4 .   ? 4.968   15.994  -7.420  1.00 46.10 ? 1324 HOH A O   1 
HETATM 1102 O O   . HOH F 4 .   ? 16.168  -5.326  5.067   1.00 42.35 ? 1325 HOH A O   1 
HETATM 1103 O O   . HOH F 4 .   ? 19.401  7.273   -9.042  1.00 61.30 ? 1326 HOH A O   1 
HETATM 1104 O O   . HOH F 4 .   ? -19.614 -13.812 3.347   1.00 47.96 ? 1327 HOH A O   1 
HETATM 1105 O O   . HOH F 4 .   ? 10.969  -4.016  7.124   1.00 37.35 ? 1328 HOH A O   1 
HETATM 1106 O O   . HOH F 4 .   ? 5.326   -10.080 8.432   1.00 35.74 ? 1329 HOH A O   1 
HETATM 1107 O O   . HOH F 4 .   ? -24.333 -3.557  -5.975  1.00 42.01 ? 1330 HOH A O   1 
HETATM 1108 O O   . HOH F 4 .   ? 4.765   8.377   -9.049  1.00 35.49 ? 1331 HOH A O   1 
HETATM 1109 O O   . HOH F 4 .   ? 9.491   7.949   -0.822  1.00 46.58 ? 1332 HOH A O   1 
HETATM 1110 O O   . HOH F 4 .   ? -1.537  2.874   -8.329  1.00 32.07 ? 1333 HOH A O   1 
HETATM 1111 O O   . HOH F 4 .   ? 11.322  -1.395  -14.714 1.00 43.17 ? 1334 HOH A O   1 
HETATM 1112 O O   . HOH F 4 .   ? 11.775  3.850   -15.866 1.00 39.69 ? 1335 HOH A O   1 
HETATM 1113 O O   . HOH F 4 .   ? -5.710  5.500   -2.902  1.00 40.78 ? 1336 HOH A O   1 
HETATM 1114 O O   . HOH F 4 .   ? -5.984  7.716   -1.899  1.00 54.00 ? 1337 HOH A O   1 
HETATM 1115 O O   . HOH F 4 .   ? 3.424   -3.394  -10.651 1.00 48.40 ? 1338 HOH A O   1 
HETATM 1116 O O   . HOH F 4 .   ? -15.878 -0.045  16.033  0.50 36.72 ? 1339 HOH A O   1 
HETATM 1117 O O   . HOH F 4 .   ? 7.773   6.056   -3.584  1.00 39.12 ? 1340 HOH A O   1 
HETATM 1118 O O   . HOH F 4 .   ? 9.178   -10.876 -6.420  1.00 38.28 ? 1341 HOH A O   1 
HETATM 1119 O O   . HOH F 4 .   ? 8.429   3.267   -1.347  1.00 31.70 ? 1342 HOH A O   1 
HETATM 1120 O O   . HOH F 4 .   ? -12.359 2.900   6.138   1.00 36.90 ? 1343 HOH A O   1 
HETATM 1121 O O   . HOH F 4 .   ? -7.121  8.717   13.418  1.00 38.41 ? 1344 HOH A O   1 
HETATM 1122 O O   . HOH F 4 .   ? -0.715  -12.185 -5.031  1.00 32.59 ? 1345 HOH A O   1 
HETATM 1123 O O   . HOH F 4 .   ? -5.046  -3.169  13.349  1.00 25.60 ? 1346 HOH A O   1 
HETATM 1124 O O   . HOH F 4 .   ? -15.501 5.181   11.080  1.00 37.34 ? 1347 HOH A O   1 
HETATM 1125 O O   . HOH F 4 .   ? 19.205  -2.138  -4.166  1.00 47.74 ? 1348 HOH A O   1 
HETATM 1126 O O   . HOH F 4 .   ? 10.985  -12.496 -1.783  1.00 36.14 ? 1349 HOH A O   1 
HETATM 1127 O O   . HOH F 4 .   ? 12.505  -10.164 -2.452  1.00 32.72 ? 1350 HOH A O   1 
HETATM 1128 O O   . HOH F 4 .   ? 20.245  9.508   -10.150 1.00 65.67 ? 1351 HOH A O   1 
HETATM 1129 O O   . HOH F 4 .   ? 16.822  -3.768  -17.365 1.00 45.47 ? 1352 HOH A O   1 
HETATM 1130 O O   . HOH F 4 .   ? 8.408   3.037   -4.097  1.00 32.13 ? 1353 HOH A O   1 
HETATM 1131 O O   . HOH F 4 .   ? -8.584  6.554   12.594  1.00 40.13 ? 1354 HOH A O   1 
HETATM 1132 O O   . HOH F 4 .   ? -13.117 1.580   -4.672  1.00 43.92 ? 1355 HOH A O   1 
HETATM 1133 O O   . HOH F 4 .   ? -9.818  -12.973 8.278   1.00 39.73 ? 1356 HOH A O   1 
HETATM 1134 O O   . HOH F 4 .   ? -20.459 -9.537  -2.571  1.00 47.55 ? 1357 HOH A O   1 
HETATM 1135 O O   . HOH F 4 .   ? 6.914   -13.800 -1.255  1.00 51.59 ? 1358 HOH A O   1 
HETATM 1136 O O   . HOH F 4 .   ? 23.878  -2.628  -8.834  1.00 43.59 ? 1359 HOH A O   1 
HETATM 1137 O O   . HOH F 4 .   ? 7.746   14.443  -5.881  1.00 54.75 ? 1360 HOH A O   1 
HETATM 1138 O O   . HOH F 4 .   ? -1.642  3.731   13.297  1.00 40.64 ? 1361 HOH A O   1 
HETATM 1139 O O   . HOH F 4 .   ? 21.473  1.516   -12.081 1.00 54.60 ? 1362 HOH A O   1 
HETATM 1140 O O   . HOH F 4 .   ? -16.325 -5.346  -4.056  1.00 45.88 ? 1363 HOH A O   1 
HETATM 1141 O O   . HOH F 4 .   ? 10.480  4.084   -0.001  1.00 39.24 ? 1364 HOH A O   1 
HETATM 1142 O O   . HOH F 4 .   ? 14.196  -3.759  1.818   1.00 33.86 ? 1365 HOH A O   1 
HETATM 1143 O O   . HOH F 4 .   ? -6.763  -0.788  -6.711  1.00 37.18 ? 1366 HOH A O   1 
HETATM 1144 O O   . HOH F 4 .   ? -3.980  -15.707 -1.274  1.00 40.31 ? 1367 HOH A O   1 
HETATM 1145 O O   . HOH F 4 .   ? -12.612 -7.229  8.019   1.00 41.11 ? 1368 HOH A O   1 
HETATM 1146 O O   . HOH F 4 .   ? -16.010 -8.068  -3.351  1.00 43.72 ? 1369 HOH A O   1 
HETATM 1147 O O   . HOH F 4 .   ? 21.810  -8.161  -11.957 1.00 34.13 ? 1370 HOH A O   1 
HETATM 1148 O O   . HOH F 4 .   ? -6.550  -9.787  -3.672  1.00 35.58 ? 1371 HOH A O   1 
HETATM 1149 O O   . HOH F 4 .   ? 11.326  -10.506 8.072   1.00 39.70 ? 1372 HOH A O   1 
HETATM 1150 O O   . HOH F 4 .   ? 1.273   -13.056 6.637   1.00 44.01 ? 1373 HOH A O   1 
HETATM 1151 O O   . HOH F 4 .   ? 3.030   6.803   9.802   1.00 44.28 ? 1374 HOH A O   1 
HETATM 1152 O O   . HOH F 4 .   ? -22.785 -0.971  7.278   1.00 40.43 ? 1375 HOH A O   1 
HETATM 1153 O O   . HOH F 4 .   ? -9.597  -10.830 8.493   1.00 36.19 ? 1376 HOH A O   1 
HETATM 1154 O O   . HOH F 4 .   ? -2.296  -17.246 0.014   1.00 58.66 ? 1377 HOH A O   1 
HETATM 1155 O O   . HOH F 4 .   ? -13.990 -9.099  12.124  1.00 26.53 ? 1378 HOH A O   1 
HETATM 1156 O O   . HOH F 4 .   ? 16.807  -6.063  -16.189 1.00 43.54 ? 1379 HOH A O   1 
HETATM 1157 O O   . HOH F 4 .   ? -8.743  4.906   5.934   1.00 26.39 ? 1380 HOH A O   1 
HETATM 1158 O O   . HOH F 4 .   ? 25.262  -4.818  -14.140 1.00 36.44 ? 1381 HOH A O   1 
HETATM 1159 O O   . HOH F 4 .   ? -9.067  11.106  10.980  1.00 41.76 ? 1382 HOH A O   1 
HETATM 1160 O O   . HOH F 4 .   ? -11.926 5.217   6.747   1.00 28.61 ? 1383 HOH A O   1 
HETATM 1161 O O   . HOH F 4 .   ? 20.358  -1.811  -17.967 1.00 38.14 ? 1384 HOH A O   1 
HETATM 1162 O O   . HOH F 4 .   ? -14.803 -14.162 0.699   1.00 47.25 ? 1385 HOH A O   1 
HETATM 1163 O O   . HOH F 4 .   ? 14.010  -8.802  -10.301 1.00 42.83 ? 1386 HOH A O   1 
HETATM 1164 O O   . HOH F 4 .   ? 2.318   -11.835 8.357   1.00 41.44 ? 1387 HOH A O   1 
HETATM 1165 O O   . HOH F 4 .   ? -2.144  10.324  10.038  1.00 38.06 ? 1388 HOH A O   1 
HETATM 1166 O O   . HOH F 4 .   ? 0.431   2.362   -9.757  1.00 36.45 ? 1389 HOH A O   1 
HETATM 1167 O O   . HOH F 4 .   ? -15.070 5.558   13.426  1.00 50.85 ? 1390 HOH A O   1 
HETATM 1168 O O   . HOH F 4 .   ? 4.988   -9.691  4.887   1.00 34.78 ? 1391 HOH A O   1 
HETATM 1169 O O   . HOH F 4 .   ? 20.319  -9.385  -10.133 1.00 38.63 ? 1392 HOH A O   1 
HETATM 1170 O O   . HOH F 4 .   ? -6.888  -3.472  -6.824  1.00 41.28 ? 1393 HOH A O   1 
HETATM 1171 O O   . HOH F 4 .   ? -0.601  -10.200 -7.335  1.00 53.94 ? 1394 HOH A O   1 
HETATM 1172 O O   . HOH F 4 .   ? -1.919  10.761  -1.030  1.00 40.14 ? 1395 HOH A O   1 
HETATM 1173 O O   . HOH F 4 .   ? -12.443 -13.541 6.681   1.00 45.70 ? 1396 HOH A O   1 
HETATM 1174 O O   . HOH F 4 .   ? 1.774   -2.252  -9.376  1.00 41.67 ? 1397 HOH A O   1 
HETATM 1175 O O   . HOH F 4 .   ? 26.579  -7.768  -12.632 1.00 52.54 ? 1398 HOH A O   1 
HETATM 1176 O O   . HOH F 4 .   ? 3.071   13.907  -4.313  1.00 48.14 ? 1399 HOH A O   1 
HETATM 1177 O O   . HOH F 4 .   ? -14.389 10.653  8.433   1.00 55.73 ? 1400 HOH A O   1 
HETATM 1178 O O   . HOH F 4 .   ? -15.147 9.839   10.669  1.00 60.80 ? 1401 HOH A O   1 
HETATM 1179 O O   . HOH F 4 .   ? 9.829   10.679  -0.998  1.00 55.37 ? 1402 HOH A O   1 
HETATM 1180 O O   . HOH F 4 .   ? 10.614  -6.818  -12.658 1.00 50.54 ? 1403 HOH A O   1 
HETATM 1181 O O   . HOH F 4 .   ? -11.961 -14.569 4.014   1.00 46.30 ? 1404 HOH A O   1 
HETATM 1182 O O   . HOH F 4 .   ? -2.175  -3.293  13.434  1.00 35.45 ? 1405 HOH A O   1 
HETATM 1183 O O   . HOH F 4 .   ? -1.054  -14.854 2.135   1.00 43.42 ? 1406 HOH A O   1 
HETATM 1184 O O   . HOH F 4 .   ? 2.591   -14.037 -2.576  1.00 46.86 ? 1407 HOH A O   1 
HETATM 1185 O O   . HOH F 4 .   ? -14.154 6.886   6.961   1.00 36.41 ? 1408 HOH A O   1 
HETATM 1186 O O   . HOH F 4 .   ? -6.270  2.260   -10.565 1.00 57.59 ? 1409 HOH A O   1 
HETATM 1187 O O   . HOH F 4 .   ? 1.493   7.252   11.473  1.00 49.37 ? 1410 HOH A O   1 
HETATM 1188 O O   . HOH F 4 .   ? -18.611 -9.352  -4.457  1.00 52.38 ? 1411 HOH A O   1 
HETATM 1189 O O   . HOH F 4 .   ? -3.109  -13.108 -4.841  1.00 39.81 ? 1412 HOH A O   1 
HETATM 1190 O O   . HOH F 4 .   ? 11.716  12.409  -14.484 1.00 53.71 ? 1413 HOH A O   1 
HETATM 1191 O O   . HOH F 4 .   ? 3.696   -14.056 1.653   1.00 42.35 ? 1414 HOH A O   1 
HETATM 1192 O O   . HOH F 4 .   ? -9.752  7.590   -3.215  1.00 53.34 ? 1415 HOH A O   1 
HETATM 1193 O O   . HOH F 4 .   ? 10.949  -8.731  -10.470 1.00 50.22 ? 1416 HOH A O   1 
HETATM 1194 O O   . HOH F 4 .   ? -9.266  -10.439 -3.131  1.00 44.95 ? 1417 HOH A O   1 
HETATM 1195 O O   . HOH F 4 .   ? 17.305  -7.756  4.401   1.00 46.74 ? 1418 HOH A O   1 
HETATM 1196 O O   . HOH F 4 .   ? 12.453  -4.235  9.174   1.00 48.12 ? 1419 HOH A O   1 
HETATM 1197 O O   . HOH F 4 .   ? -4.177  11.173  12.021  1.00 45.18 ? 1420 HOH A O   1 
HETATM 1198 O O   . HOH F 4 .   ? -5.438  -11.473 -5.665  1.00 43.96 ? 1421 HOH A O   1 
HETATM 1199 O O   . HOH F 4 .   ? 9.276   -13.366 -3.713  1.00 43.38 ? 1422 HOH A O   1 
HETATM 1200 O O   . HOH F 4 .   ? -23.615 1.414   -4.827  1.00 49.59 ? 1423 HOH A O   1 
HETATM 1201 O O   . HOH F 4 .   ? -7.877  -7.461  10.764  1.00 29.59 ? 1424 HOH A O   1 
HETATM 1202 O O   . HOH F 4 .   ? -3.545  1.220   -9.646  1.00 43.67 ? 1425 HOH A O   1 
HETATM 1203 O O   . HOH F 4 .   ? 14.653  6.493   -15.257 1.00 53.92 ? 1426 HOH A O   1 
HETATM 1204 O O   . HOH F 4 .   ? 9.690   9.547   -15.388 1.00 50.29 ? 1427 HOH A O   1 
HETATM 1205 O O   . HOH F 4 .   ? 6.414   15.010  -3.988  1.00 51.50 ? 1428 HOH A O   1 
HETATM 1206 O O   . HOH F 4 .   ? 0.277   -0.278  -11.175 1.00 46.74 ? 1429 HOH A O   1 
HETATM 1207 O O   . HOH F 4 .   ? -16.109 4.334   15.026  1.00 48.56 ? 1430 HOH A O   1 
HETATM 1208 O O   . HOH F 4 .   ? 2.504   6.507   -11.182 1.00 49.33 ? 1431 HOH A O   1 
HETATM 1209 O O   . HOH F 4 .   ? 14.433  -11.622 4.061   1.00 59.92 ? 1432 HOH A O   1 
HETATM 1210 O O   . HOH F 4 .   ? 2.377   -14.636 -0.037  1.00 46.39 ? 1433 HOH A O   1 
HETATM 1211 O O   . HOH F 4 .   ? -2.465  5.232   -8.812  1.00 45.58 ? 1434 HOH A O   1 
HETATM 1212 O O   . HOH F 4 .   ? -1.603  -8.495  -8.578  1.00 52.60 ? 1435 HOH A O   1 
HETATM 1213 O O   . HOH F 4 .   ? -5.309  -5.421  14.810  1.00 34.69 ? 1436 HOH A O   1 
HETATM 1214 O O   . HOH F 4 .   ? -3.241  -15.422 -3.715  1.00 44.31 ? 1437 HOH A O   1 
HETATM 1215 O O   . HOH F 4 .   ? 12.458  7.854   -15.828 0.50 55.08 ? 1438 HOH A O   1 
HETATM 1216 O O   . HOH F 4 .   ? 1.898   -13.658 3.566   1.00 43.65 ? 1439 HOH A O   1 
HETATM 1217 O O   . HOH F 4 .   ? 3.996   -1.833  -12.965 1.00 51.72 ? 1440 HOH A O   1 
HETATM 1218 O O   . HOH F 4 .   ? -0.419  -16.330 -3.624  1.00 52.36 ? 1441 HOH A O   1 
# 
